data_5XVP
#
_entry.id   5XVP
#
_cell.length_a   64.870
_cell.length_b   212.294
_cell.length_c   512.199
_cell.angle_alpha   90.00
_cell.angle_beta   90.00
_cell.angle_gamma   90.00
#
_symmetry.space_group_name_H-M   'I 2 2 2'
#
loop_
_entity.id
_entity.type
_entity.pdbx_description
1 polymer 'CRISPR-associated endonuclease Cas1'
2 polymer 'CRISPR-associated endoribonuclease Cas2'
3 polymer 'DNA (73-MER)'
4 polymer 'DNA (73-MER)'
5 polymer "DNA (5'-D(P*TP*TP*CP*TP*CP*CP*GP*AP*G)-3')"
6 non-polymer 'MAGNESIUM ION'
7 water water
#
loop_
_entity_poly.entity_id
_entity_poly.type
_entity_poly.pdbx_seq_one_letter_code
_entity_poly.pdbx_strand_id
1 'polypeptide(L)'
;MGWRTVVVNKHSKLSYKNNHLVFKAIDHQELIHLSEIDVLLLETTDISLTTMLLKRLIDEKILVLFCDDKRLPIGKILPF
YGRHDSSLQLTRQLAWTEERKGQVWTAIIAQKITNQSLHLAQRDYGQKAAALLAMRAELRLFDPANREGHAARSYFNTLF
GNDFTREQENDINAGLNYGYTLLLSIFARELVQTGCFTQLGLKHANQFNDFNLASDLMEPFRPLVDQIIYENRKEAFPIM
KRKLFALFMNTYMYKKKQMFLTNIATDYTKHVVKVLNQEEEGVPEFGI
;
A,B,C,D
2 'polypeptide(L)'
;MSYRYMRLLLMFDMPTDTASDRKAYRKFRKFLINEGFIMHQFSVYSKILLNDTANKAMLARLKQNNPQRGLITLLNVTEK
QFSRMIYLHGEQDNRVANSDERIVFLGEE
;
E,F
3 'polydeoxyribonucleotide'
;(DT)(DT)(DC)(DG)(DT)(DA)(DG)(DC)(DT)(DG)(DA)(DG)(DG)(DC)(DC)(DT)(DC)(DA)(DG)(DC)
(DT)(DA)(DC)(DG)(DT)(DT)(DC)(DC)(DG)(DT)(DT)(DT)(DT)(DG)(DG)(DT)(DA)(DC)(DC)(DA)
(DT)(DT)(DC)(DT)(DA)(DA)(DA)(DC)(DA)(DA)(DC)(DA)(DT)(DG)(DA)(DC)(DT)(DC)(DT)(DA)
(DA)(DA)(DA)(DC)(DC)(DT)(DC)(DG)(DG)(DA)(DG)(DA)(DA)
;
G
4 'polydeoxyribonucleotide'
;(DT)(DT)(DC)(DG)(DT)(DA)(DG)(DC)(DT)(DG)(DA)(DG)(DG)(DC)(DC)(DT)(DC)(DA)(DG)(DC)
(DT)(DA)(DC)(DG)(DT)(DT)(DC)(DC)(DG)(DT)(DT)(DT)(DT)(DA)(DG)(DA)(DG)(DT)(DC)(DA)
(DT)(DG)(DT)(DT)(DG)(DT)(DT)(DT)(DA)(DG)(DA)(DA)(DT)(DG)(DG)(DT)(DA)(DC)(DC)(DA)
(DA)(DA)(DA)(DC)(DC)(DT)(DC)(DG)(DG)(DA)(DG)(DA)(DA)
;
H
5 'polydeoxyribonucleotide' (DT)(DT)(DC)(DT)(DC)(DC)(DG)(DA)(DG) I,J
#
# COMPACT_ATOMS: atom_id res chain seq x y z
N MET A 1 8.96 -19.97 -10.38
CA MET A 1 9.43 -21.36 -10.21
C MET A 1 10.14 -21.41 -8.87
N GLY A 2 11.44 -21.22 -8.91
CA GLY A 2 12.19 -20.66 -7.79
C GLY A 2 13.20 -19.77 -8.47
N TRP A 3 13.56 -18.65 -7.83
CA TRP A 3 14.38 -17.58 -8.46
C TRP A 3 15.69 -17.17 -7.78
N ARG A 4 15.85 -17.49 -6.52
CA ARG A 4 17.01 -16.97 -5.77
C ARG A 4 18.20 -17.93 -5.86
N THR A 5 19.41 -17.37 -5.80
CA THR A 5 20.66 -18.18 -5.71
C THR A 5 21.31 -17.83 -4.40
N VAL A 6 21.18 -18.73 -3.43
CA VAL A 6 21.56 -18.44 -2.04
C VAL A 6 22.98 -18.92 -1.76
N VAL A 7 23.84 -18.02 -1.32
CA VAL A 7 25.27 -18.32 -1.10
C VAL A 7 25.73 -18.13 0.36
N VAL A 8 26.28 -19.20 0.95
CA VAL A 8 26.72 -19.20 2.34
C VAL A 8 28.24 -19.32 2.46
N ASN A 9 28.83 -18.38 3.21
CA ASN A 9 30.25 -18.41 3.47
C ASN A 9 30.58 -17.94 4.87
N LYS A 10 29.66 -18.13 5.81
CA LYS A 10 29.92 -17.71 7.16
C LYS A 10 29.69 -18.87 8.12
N HIS A 11 30.50 -19.01 9.17
CA HIS A 11 30.29 -20.09 10.18
C HIS A 11 28.88 -20.05 10.75
N SER A 12 28.11 -21.10 10.46
CA SER A 12 26.67 -21.04 10.62
C SER A 12 25.96 -22.42 10.72
N LYS A 13 24.71 -22.37 11.17
CA LYS A 13 23.84 -23.54 11.23
C LYS A 13 22.58 -23.34 10.38
N LEU A 14 22.38 -24.22 9.40
CA LEU A 14 21.21 -24.20 8.55
C LEU A 14 20.17 -25.21 9.03
N SER A 15 18.92 -24.79 8.97
CA SER A 15 17.82 -25.57 9.50
C SER A 15 16.62 -25.37 8.60
N TYR A 16 15.55 -26.07 8.93
CA TYR A 16 14.28 -25.91 8.25
C TYR A 16 13.23 -25.50 9.28
N LYS A 17 12.28 -24.67 8.82
CA LYS A 17 11.05 -24.36 9.57
C LYS A 17 9.93 -23.86 8.65
N ASN A 18 8.71 -24.35 8.84
CA ASN A 18 7.56 -23.75 8.18
C ASN A 18 7.84 -23.31 6.77
N ASN A 19 8.35 -24.22 5.97
CA ASN A 19 8.64 -23.98 4.54
C ASN A 19 9.77 -22.95 4.26
N HIS A 20 10.48 -22.55 5.30
CA HIS A 20 11.59 -21.63 5.20
C HIS A 20 12.92 -22.35 5.48
N LEU A 21 13.92 -22.11 4.63
CA LEU A 21 15.31 -22.34 5.01
C LEU A 21 15.69 -21.37 6.11
N VAL A 22 16.32 -21.86 7.17
CA VAL A 22 16.71 -21.05 8.34
C VAL A 22 18.25 -20.92 8.44
N PHE A 23 18.75 -19.68 8.42
CA PHE A 23 20.20 -19.37 8.43
C PHE A 23 20.52 -18.66 9.73
N LYS A 24 21.27 -19.32 10.61
CA LYS A 24 21.80 -18.70 11.84
C LYS A 24 23.31 -18.52 11.70
N ALA A 25 23.77 -17.27 11.70
CA ALA A 25 25.18 -16.93 11.94
C ALA A 25 25.35 -16.49 13.40
N ILE A 26 26.57 -16.22 13.83
CA ILE A 26 26.82 -15.96 15.25
C ILE A 26 25.91 -14.86 15.80
N ASP A 27 25.77 -13.78 15.04
CA ASP A 27 24.89 -12.65 15.40
C ASP A 27 23.77 -12.37 14.34
N HIS A 28 24.10 -12.48 13.05
CA HIS A 28 23.11 -12.20 11.98
C HIS A 28 22.17 -13.41 11.85
N GLN A 29 20.93 -13.20 11.38
CA GLN A 29 19.95 -14.31 11.18
C GLN A 29 19.01 -14.01 10.03
N GLU A 30 18.61 -15.05 9.30
CA GLU A 30 17.78 -14.91 8.09
C GLU A 30 16.89 -16.13 7.93
N LEU A 31 15.63 -15.92 7.59
CA LEU A 31 14.75 -16.97 7.05
C LEU A 31 14.47 -16.67 5.56
N ILE A 32 14.37 -17.72 4.76
CA ILE A 32 14.04 -17.58 3.35
C ILE A 32 13.09 -18.67 2.96
N HIS A 33 11.98 -18.27 2.33
CA HIS A 33 10.99 -19.26 1.83
C HIS A 33 11.61 -20.09 0.74
N LEU A 34 11.45 -21.41 0.82
CA LEU A 34 12.09 -22.31 -0.11
C LEU A 34 11.61 -22.14 -1.52
N SER A 35 10.30 -21.96 -1.71
CA SER A 35 9.71 -21.77 -3.06
C SER A 35 10.41 -20.69 -3.90
N GLU A 36 10.92 -19.67 -3.20
CA GLU A 36 11.69 -18.59 -3.80
C GLU A 36 13.04 -19.13 -4.28
N ILE A 37 13.62 -20.07 -3.54
CA ILE A 37 14.96 -20.55 -3.83
C ILE A 37 15.12 -21.45 -5.09
N ASP A 38 16.10 -21.10 -5.93
CA ASP A 38 16.54 -21.90 -7.10
C ASP A 38 17.90 -22.67 -6.89
N VAL A 39 18.81 -22.09 -6.11
CA VAL A 39 20.10 -22.72 -5.87
C VAL A 39 20.62 -22.43 -4.49
N LEU A 40 21.25 -23.45 -3.90
CA LEU A 40 22.06 -23.29 -2.69
C LEU A 40 23.55 -23.60 -2.96
N LEU A 41 24.42 -22.59 -2.84
CA LEU A 41 25.86 -22.81 -2.76
C LEU A 41 26.41 -22.71 -1.33
N LEU A 42 27.05 -23.80 -0.88
CA LEU A 42 27.77 -23.83 0.38
C LEU A 42 29.25 -23.67 0.08
N GLU A 43 29.75 -22.45 0.27
CA GLU A 43 31.13 -22.11 -0.06
C GLU A 43 32.14 -22.70 0.89
N THR A 44 31.86 -22.58 2.16
CA THR A 44 32.86 -22.87 3.18
C THR A 44 32.63 -24.21 3.84
N THR A 45 33.63 -24.56 4.64
CA THR A 45 33.66 -25.79 5.37
C THR A 45 33.28 -25.60 6.82
N ASP A 46 32.68 -24.46 7.18
CA ASP A 46 32.27 -24.16 8.59
C ASP A 46 30.74 -24.15 8.79
N ILE A 47 30.05 -24.90 7.93
CA ILE A 47 28.59 -24.86 7.83
C ILE A 47 27.93 -26.14 8.32
N SER A 48 26.97 -26.00 9.25
CA SER A 48 26.17 -27.12 9.74
C SER A 48 24.83 -27.09 9.05
N LEU A 49 24.24 -28.26 8.82
CA LEU A 49 22.88 -28.30 8.27
C LEU A 49 22.15 -29.57 8.67
N THR A 50 20.81 -29.56 8.66
CA THR A 50 20.01 -30.73 9.10
C THR A 50 19.60 -31.60 7.92
N THR A 51 19.34 -32.89 8.20
CA THR A 51 18.84 -33.85 7.19
C THR A 51 17.42 -33.49 6.69
N MET A 52 16.62 -32.96 7.61
CA MET A 52 15.28 -32.52 7.27
C MET A 52 15.38 -31.41 6.21
N LEU A 53 16.24 -30.42 6.46
CA LEU A 53 16.46 -29.35 5.49
C LEU A 53 16.70 -29.96 4.11
N LEU A 54 17.69 -30.88 4.04
CA LEU A 54 18.04 -31.61 2.82
C LEU A 54 16.87 -32.31 2.17
N LYS A 55 16.09 -33.04 2.95
CA LYS A 55 14.87 -33.63 2.42
C LYS A 55 14.07 -32.55 1.66
N ARG A 56 13.78 -31.45 2.34
CA ARG A 56 12.89 -30.42 1.83
C ARG A 56 13.55 -29.64 0.71
N LEU A 57 14.86 -29.48 0.80
CA LEU A 57 15.62 -28.92 -0.29
C LEU A 57 15.45 -29.78 -1.56
N ILE A 58 15.41 -31.12 -1.36
CA ILE A 58 15.22 -32.06 -2.44
C ILE A 58 13.80 -32.00 -2.91
N ASP A 59 12.86 -31.90 -1.99
CA ASP A 59 11.42 -31.81 -2.35
C ASP A 59 11.14 -30.69 -3.37
N GLU A 60 11.73 -29.51 -3.14
CA GLU A 60 11.74 -28.42 -4.11
C GLU A 60 12.89 -28.73 -5.02
N LYS A 61 12.85 -28.25 -6.25
CA LYS A 61 13.82 -28.71 -7.24
C LYS A 61 15.19 -28.03 -7.01
N ILE A 62 15.49 -27.73 -5.76
CA ILE A 62 16.61 -26.87 -5.47
C ILE A 62 17.95 -27.57 -5.71
N LEU A 63 18.82 -26.92 -6.50
CA LEU A 63 20.19 -27.36 -6.74
C LEU A 63 21.12 -26.98 -5.56
N VAL A 64 21.63 -28.00 -4.87
CA VAL A 64 22.62 -27.78 -3.80
C VAL A 64 24.04 -28.11 -4.22
N LEU A 65 24.98 -27.22 -3.94
CA LEU A 65 26.39 -27.42 -4.31
C LEU A 65 27.36 -27.31 -3.13
N PHE A 66 28.37 -28.18 -3.13
CA PHE A 66 29.28 -28.33 -1.98
C PHE A 66 30.68 -27.96 -2.32
N CYS A 67 31.40 -27.45 -1.33
CA CYS A 67 32.69 -26.85 -1.63
C CYS A 67 33.83 -27.17 -0.68
N ASP A 68 35.00 -27.17 -1.36
CA ASP A 68 36.36 -27.40 -0.86
C ASP A 68 36.78 -26.44 0.27
N ASP A 69 37.85 -26.81 0.98
CA ASP A 69 38.55 -25.89 1.90
C ASP A 69 38.93 -24.58 1.22
N LYS A 70 39.23 -24.68 -0.08
CA LYS A 70 39.59 -23.56 -1.00
C LYS A 70 38.39 -22.98 -1.80
N ARG A 71 37.18 -23.23 -1.34
CA ARG A 71 35.94 -22.67 -1.93
C ARG A 71 35.67 -23.01 -3.42
N LEU A 72 36.00 -24.23 -3.80
CA LEU A 72 35.71 -24.72 -5.13
C LEU A 72 34.61 -25.78 -5.03
N PRO A 73 33.79 -25.92 -6.08
CA PRO A 73 32.74 -26.91 -6.09
C PRO A 73 33.31 -28.30 -6.28
N ILE A 74 33.17 -29.13 -5.26
CA ILE A 74 33.65 -30.54 -5.32
C ILE A 74 32.53 -31.48 -5.65
N GLY A 75 31.29 -31.07 -5.34
CA GLY A 75 30.12 -31.90 -5.57
C GLY A 75 28.76 -31.24 -5.43
N LYS A 76 27.75 -32.02 -5.80
CA LYS A 76 26.35 -31.67 -5.62
C LYS A 76 25.46 -32.85 -5.13
N ILE A 77 24.24 -32.52 -4.75
CA ILE A 77 23.22 -33.50 -4.44
C ILE A 77 22.58 -34.03 -5.73
N LEU A 78 22.33 -35.34 -5.71
CA LEU A 78 21.66 -36.05 -6.79
C LEU A 78 20.42 -36.78 -6.24
N PRO A 79 19.22 -36.31 -6.59
CA PRO A 79 18.01 -37.02 -6.21
C PRO A 79 17.72 -38.21 -7.14
N PHE A 80 17.14 -39.29 -6.62
CA PHE A 80 16.77 -40.48 -7.43
C PHE A 80 15.46 -40.31 -8.18
N TYR A 81 14.46 -39.85 -7.41
CA TYR A 81 13.05 -39.82 -7.81
C TYR A 81 12.56 -38.39 -8.11
N GLY A 82 12.76 -37.96 -9.36
CA GLY A 82 12.48 -36.59 -9.80
C GLY A 82 11.08 -36.36 -10.26
N ARG A 83 10.23 -37.38 -10.17
CA ARG A 83 8.82 -37.29 -10.56
C ARG A 83 7.96 -38.19 -9.72
N HIS A 84 6.66 -38.09 -9.94
CA HIS A 84 5.76 -39.10 -9.46
C HIS A 84 6.08 -40.43 -10.14
N ASP A 85 6.32 -40.36 -11.47
CA ASP A 85 6.47 -41.55 -12.34
C ASP A 85 7.84 -41.75 -12.98
N SER A 86 8.89 -41.63 -12.17
CA SER A 86 10.29 -41.88 -12.59
C SER A 86 10.42 -43.00 -13.61
N SER A 87 9.83 -44.13 -13.25
CA SER A 87 9.92 -45.37 -14.00
C SER A 87 9.53 -45.24 -15.46
N LEU A 88 8.43 -44.53 -15.73
CA LEU A 88 7.90 -44.40 -17.10
C LEU A 88 8.94 -43.83 -18.03
N GLN A 89 9.54 -42.71 -17.63
CA GLN A 89 10.53 -42.03 -18.45
C GLN A 89 11.86 -42.81 -18.57
N LEU A 90 12.20 -43.60 -17.57
CA LEU A 90 13.43 -44.39 -17.62
C LEU A 90 13.40 -45.50 -18.70
N THR A 91 12.29 -46.22 -18.77
CA THR A 91 12.14 -47.29 -19.75
C THR A 91 12.24 -46.78 -21.18
N ARG A 92 11.80 -45.54 -21.43
CA ARG A 92 11.91 -44.85 -22.74
C ARG A 92 13.36 -44.52 -23.08
N GLN A 93 14.07 -44.05 -22.04
CA GLN A 93 15.49 -43.71 -22.15
C GLN A 93 16.24 -44.95 -22.65
N LEU A 94 15.84 -46.10 -22.14
CA LEU A 94 16.48 -47.36 -22.50
C LEU A 94 16.12 -47.78 -23.92
N ALA A 95 14.92 -47.44 -24.37
CA ALA A 95 14.50 -47.72 -25.76
C ALA A 95 15.07 -46.73 -26.81
N TRP A 96 16.00 -45.89 -26.39
CA TRP A 96 16.59 -44.92 -27.24
C TRP A 96 17.44 -45.60 -28.23
N THR A 97 17.14 -45.38 -29.51
CA THR A 97 17.91 -45.99 -30.58
C THR A 97 19.31 -45.34 -30.62
N GLU A 98 20.28 -46.15 -31.04
CA GLU A 98 21.65 -45.67 -31.30
C GLU A 98 21.59 -44.53 -32.31
N GLU A 99 20.75 -44.70 -33.32
CA GLU A 99 20.63 -43.76 -34.43
C GLU A 99 20.22 -42.37 -33.95
N ARG A 100 19.06 -42.32 -33.30
CA ARG A 100 18.53 -41.05 -32.80
C ARG A 100 19.56 -40.36 -31.95
N LYS A 101 20.05 -41.09 -30.96
CA LYS A 101 21.11 -40.61 -30.06
C LYS A 101 22.20 -39.80 -30.81
N GLY A 102 22.69 -40.34 -31.92
CA GLY A 102 23.65 -39.65 -32.82
C GLY A 102 23.18 -38.31 -33.39
N GLN A 103 22.08 -38.36 -34.15
CA GLN A 103 21.43 -37.15 -34.74
C GLN A 103 21.35 -36.02 -33.70
N VAL A 104 20.74 -36.38 -32.57
CA VAL A 104 20.47 -35.45 -31.50
C VAL A 104 21.76 -34.93 -30.84
N TRP A 105 22.70 -35.84 -30.54
CA TRP A 105 24.00 -35.43 -29.95
C TRP A 105 24.77 -34.49 -30.89
N THR A 106 24.78 -34.85 -32.16
CA THR A 106 25.51 -34.08 -33.16
C THR A 106 24.84 -32.71 -33.47
N ALA A 107 23.50 -32.65 -33.42
CA ALA A 107 22.72 -31.38 -33.47
C ALA A 107 23.17 -30.46 -32.36
N ILE A 108 23.37 -31.01 -31.15
CA ILE A 108 23.84 -30.26 -29.95
C ILE A 108 25.27 -29.74 -30.13
N ILE A 109 26.20 -30.63 -30.48
CA ILE A 109 27.61 -30.25 -30.71
C ILE A 109 27.67 -29.18 -31.79
N ALA A 110 26.75 -29.27 -32.77
CA ALA A 110 26.62 -28.29 -33.80
C ALA A 110 26.42 -26.97 -33.04
N GLN A 111 25.36 -26.87 -32.22
CA GLN A 111 25.08 -25.62 -31.44
C GLN A 111 26.31 -25.12 -30.66
N LYS A 112 27.13 -26.05 -30.16
CA LYS A 112 28.37 -25.71 -29.43
C LYS A 112 29.33 -24.85 -30.25
N ILE A 113 29.60 -25.34 -31.45
CA ILE A 113 30.53 -24.70 -32.36
C ILE A 113 29.95 -23.39 -32.97
N THR A 114 28.61 -23.31 -33.25
CA THR A 114 27.95 -22.01 -33.68
C THR A 114 28.24 -20.95 -32.65
N ASN A 115 27.98 -21.31 -31.39
CA ASN A 115 28.12 -20.37 -30.28
C ASN A 115 29.61 -19.99 -30.12
N GLN A 116 30.50 -20.96 -30.32
CA GLN A 116 31.94 -20.71 -30.29
C GLN A 116 32.29 -19.65 -31.31
N SER A 117 31.84 -19.81 -32.56
CA SER A 117 32.12 -18.80 -33.64
C SER A 117 31.52 -17.41 -33.34
N LEU A 118 30.25 -17.42 -32.94
CA LEU A 118 29.50 -16.20 -32.57
C LEU A 118 30.17 -15.43 -31.41
N HIS A 119 30.87 -16.17 -30.52
CA HIS A 119 31.68 -15.55 -29.45
C HIS A 119 32.95 -14.94 -30.03
N LEU A 120 33.59 -15.67 -30.95
CA LEU A 120 34.78 -15.16 -31.66
C LEU A 120 34.42 -13.91 -32.52
N ALA A 121 33.30 -14.00 -33.26
CA ALA A 121 32.76 -12.86 -34.05
C ALA A 121 32.58 -11.63 -33.16
N GLN A 122 32.03 -11.88 -31.97
CA GLN A 122 31.86 -10.87 -30.91
C GLN A 122 33.17 -10.19 -30.44
N ARG A 123 34.26 -10.95 -30.38
CA ARG A 123 35.60 -10.40 -30.08
C ARG A 123 36.35 -9.99 -31.37
N ASP A 124 35.61 -9.68 -32.44
CA ASP A 124 36.17 -9.11 -33.66
C ASP A 124 37.16 -10.06 -34.39
N TYR A 125 37.03 -11.37 -34.20
CA TYR A 125 37.78 -12.35 -35.01
C TYR A 125 36.81 -12.84 -36.10
N GLY A 126 36.34 -11.90 -36.93
CA GLY A 126 35.36 -12.18 -38.00
C GLY A 126 35.65 -13.44 -38.83
N GLN A 127 36.95 -13.83 -38.86
CA GLN A 127 37.56 -14.86 -39.74
C GLN A 127 37.80 -16.25 -39.12
N LYS A 128 38.17 -16.25 -37.82
CA LYS A 128 38.26 -17.49 -37.03
C LYS A 128 36.87 -18.04 -36.73
N ALA A 129 35.93 -17.12 -36.50
CA ALA A 129 34.50 -17.44 -36.45
C ALA A 129 33.99 -18.14 -37.73
N ALA A 130 34.27 -17.59 -38.90
CA ALA A 130 33.92 -18.21 -40.19
C ALA A 130 34.61 -19.56 -40.35
N ALA A 131 35.90 -19.61 -39.94
CA ALA A 131 36.73 -20.86 -39.92
C ALA A 131 36.18 -21.98 -39.02
N LEU A 132 35.50 -21.62 -37.95
CA LEU A 132 34.80 -22.61 -37.09
C LEU A 132 33.48 -23.13 -37.70
N LEU A 133 32.71 -22.25 -38.32
CA LEU A 133 31.50 -22.66 -39.10
C LEU A 133 31.81 -23.62 -40.25
N ALA A 134 33.03 -23.57 -40.78
CA ALA A 134 33.53 -24.59 -41.72
C ALA A 134 33.64 -25.98 -41.05
N MET A 135 34.26 -26.05 -39.87
CA MET A 135 34.35 -27.33 -39.12
C MET A 135 32.98 -27.87 -38.77
N ARG A 136 32.04 -26.97 -38.49
CA ARG A 136 30.65 -27.36 -38.21
C ARG A 136 30.08 -28.05 -39.47
N ALA A 137 30.11 -27.37 -40.60
CA ALA A 137 29.55 -27.92 -41.85
C ALA A 137 29.95 -29.38 -42.09
N GLU A 138 31.18 -29.74 -41.71
CA GLU A 138 31.76 -31.08 -41.98
C GLU A 138 32.16 -31.96 -40.79
N LEU A 139 31.44 -33.04 -40.60
CA LEU A 139 31.59 -33.97 -39.46
C LEU A 139 30.49 -35.02 -39.61
N ARG A 140 30.54 -36.08 -38.80
CA ARG A 140 29.41 -37.01 -38.75
C ARG A 140 29.09 -37.50 -37.37
N LEU A 141 28.04 -38.30 -37.25
CA LEU A 141 27.37 -38.58 -35.99
C LEU A 141 28.40 -39.04 -34.96
N PHE A 142 28.38 -38.45 -33.76
CA PHE A 142 29.35 -38.69 -32.66
C PHE A 142 30.79 -38.31 -33.00
N ASP A 143 30.93 -37.31 -33.88
CA ASP A 143 32.21 -36.70 -34.24
C ASP A 143 33.32 -37.72 -34.40
N PRO A 144 33.25 -38.56 -35.47
CA PRO A 144 34.47 -39.35 -35.74
C PRO A 144 35.65 -38.39 -35.82
N ALA A 145 35.43 -37.34 -36.62
CA ALA A 145 36.45 -36.39 -36.98
C ALA A 145 37.23 -35.74 -35.83
N ASN A 146 36.64 -35.70 -34.64
CA ASN A 146 37.15 -34.96 -33.48
C ASN A 146 37.20 -33.49 -33.82
N ARG A 147 36.22 -33.06 -34.61
CA ARG A 147 36.11 -31.66 -34.99
C ARG A 147 35.78 -30.79 -33.84
N GLU A 148 35.03 -31.33 -32.86
CA GLU A 148 34.76 -30.67 -31.57
C GLU A 148 36.06 -30.19 -30.94
N GLY A 149 37.07 -31.05 -30.97
CA GLY A 149 38.41 -30.72 -30.51
C GLY A 149 39.13 -29.67 -31.32
N HIS A 150 39.06 -29.76 -32.65
CA HIS A 150 39.78 -28.85 -33.57
C HIS A 150 39.26 -27.39 -33.53
N ALA A 151 37.94 -27.26 -33.45
CA ALA A 151 37.27 -25.98 -33.26
C ALA A 151 37.63 -25.42 -31.90
N ALA A 152 37.52 -26.28 -30.87
CA ALA A 152 37.87 -25.93 -29.46
C ALA A 152 39.31 -25.45 -29.27
N ARG A 153 40.26 -26.11 -29.93
CA ARG A 153 41.68 -25.69 -29.92
C ARG A 153 41.85 -24.25 -30.44
N SER A 154 41.43 -24.00 -31.68
CA SER A 154 41.49 -22.67 -32.32
C SER A 154 40.64 -21.62 -31.62
N TYR A 155 39.60 -22.09 -30.95
CA TYR A 155 38.78 -21.27 -30.10
C TYR A 155 39.57 -20.70 -28.91
N PHE A 156 40.22 -21.57 -28.13
CA PHE A 156 41.01 -21.16 -26.94
C PHE A 156 42.34 -20.47 -27.30
N ASN A 157 43.02 -20.97 -28.34
CA ASN A 157 44.27 -20.34 -28.87
C ASN A 157 44.05 -18.94 -29.51
N THR A 158 42.87 -18.71 -30.07
CA THR A 158 42.51 -17.41 -30.64
C THR A 158 42.12 -16.41 -29.53
N LEU A 159 41.36 -16.88 -28.55
CA LEU A 159 40.92 -16.04 -27.43
C LEU A 159 42.10 -15.57 -26.52
N PHE A 160 42.82 -16.57 -25.97
CA PHE A 160 43.82 -16.37 -24.88
C PHE A 160 45.28 -16.60 -25.35
N GLY A 161 45.52 -16.63 -26.67
CA GLY A 161 46.88 -16.75 -27.25
C GLY A 161 47.35 -18.16 -27.61
N ASN A 162 48.19 -18.25 -28.66
CA ASN A 162 48.66 -19.52 -29.26
C ASN A 162 49.46 -20.43 -28.33
N ASP A 163 49.89 -19.87 -27.21
CA ASP A 163 50.67 -20.59 -26.22
C ASP A 163 49.92 -21.15 -24.94
N PHE A 164 48.60 -21.16 -25.02
CA PHE A 164 47.69 -21.75 -24.01
C PHE A 164 46.67 -22.73 -24.62
N THR A 165 46.62 -24.01 -24.19
CA THR A 165 45.42 -24.88 -24.56
C THR A 165 44.55 -25.31 -23.38
N ARG A 166 44.64 -24.63 -22.24
CA ARG A 166 43.68 -24.76 -21.10
C ARG A 166 44.01 -25.91 -20.15
N GLU A 167 45.17 -26.56 -20.30
CA GLU A 167 45.53 -27.70 -19.42
C GLU A 167 46.21 -27.18 -18.15
N GLN A 168 46.84 -26.01 -18.28
CA GLN A 168 47.60 -25.39 -17.21
C GLN A 168 46.74 -24.84 -16.08
N GLU A 169 47.32 -24.80 -14.87
CA GLU A 169 46.58 -24.36 -13.64
C GLU A 169 46.78 -22.89 -13.33
N ASN A 170 45.90 -22.06 -13.91
CA ASN A 170 45.96 -20.60 -13.79
C ASN A 170 44.60 -20.04 -13.39
N ASP A 171 44.53 -18.72 -13.28
CA ASP A 171 43.29 -18.08 -12.93
C ASP A 171 42.25 -18.23 -13.98
N ILE A 172 42.66 -18.32 -15.24
CA ILE A 172 41.71 -18.45 -16.33
C ILE A 172 40.98 -19.79 -16.36
N ASN A 173 41.75 -20.88 -16.31
CA ASN A 173 41.16 -22.23 -16.34
C ASN A 173 40.29 -22.52 -15.15
N ALA A 174 40.79 -22.17 -13.96
CA ALA A 174 39.99 -22.19 -12.73
C ALA A 174 38.63 -21.52 -12.96
N GLY A 175 38.66 -20.30 -13.51
CA GLY A 175 37.47 -19.55 -13.89
C GLY A 175 36.51 -20.34 -14.79
N LEU A 176 37.00 -20.86 -15.90
CA LEU A 176 36.15 -21.63 -16.80
C LEU A 176 35.60 -22.89 -16.14
N ASN A 177 36.48 -23.60 -15.43
CA ASN A 177 36.13 -24.86 -14.77
C ASN A 177 34.96 -24.74 -13.74
N TYR A 178 35.09 -23.73 -12.90
CA TYR A 178 34.04 -23.30 -11.97
C TYR A 178 32.78 -23.04 -12.79
N GLY A 179 32.93 -22.23 -13.84
CA GLY A 179 31.84 -21.89 -14.72
C GLY A 179 31.22 -23.17 -15.25
N TYR A 180 32.05 -24.06 -15.75
CA TYR A 180 31.57 -25.29 -16.40
C TYR A 180 30.82 -26.26 -15.50
N THR A 181 31.41 -26.47 -14.33
CA THR A 181 30.76 -27.16 -13.21
C THR A 181 29.32 -26.68 -13.06
N LEU A 182 29.14 -25.35 -12.92
CA LEU A 182 27.82 -24.73 -12.69
C LEU A 182 26.79 -25.23 -13.72
N LEU A 183 27.06 -25.02 -14.99
CA LEU A 183 26.11 -25.36 -16.03
C LEU A 183 25.71 -26.83 -16.00
N LEU A 184 26.71 -27.70 -15.79
CA LEU A 184 26.50 -29.14 -15.72
C LEU A 184 25.42 -29.43 -14.69
N SER A 185 25.66 -28.91 -13.49
CA SER A 185 24.75 -29.11 -12.37
C SER A 185 23.30 -28.73 -12.75
N ILE A 186 23.10 -27.65 -13.51
CA ILE A 186 21.74 -27.24 -13.94
C ILE A 186 21.05 -28.36 -14.68
N PHE A 187 21.77 -28.87 -15.65
CA PHE A 187 21.22 -29.89 -16.52
C PHE A 187 21.02 -31.18 -15.75
N ALA A 188 22.02 -31.55 -14.96
CA ALA A 188 21.89 -32.68 -14.06
C ALA A 188 20.55 -32.69 -13.29
N ARG A 189 20.24 -31.57 -12.64
CA ARG A 189 18.97 -31.43 -11.92
C ARG A 189 17.75 -31.63 -12.82
N GLU A 190 17.74 -30.90 -13.95
CA GLU A 190 16.59 -30.87 -14.88
C GLU A 190 16.37 -32.23 -15.49
N LEU A 191 17.47 -32.93 -15.73
CA LEU A 191 17.36 -34.28 -16.31
C LEU A 191 16.56 -35.18 -15.39
N VAL A 192 17.06 -35.31 -14.18
CA VAL A 192 16.39 -36.12 -13.16
C VAL A 192 14.91 -35.79 -13.06
N GLN A 193 14.56 -34.51 -12.93
CA GLN A 193 13.15 -34.12 -12.86
C GLN A 193 12.36 -34.56 -14.11
N THR A 194 12.99 -34.56 -15.27
CA THR A 194 12.32 -35.08 -16.49
C THR A 194 12.19 -36.62 -16.43
N GLY A 195 13.12 -37.26 -15.68
CA GLY A 195 13.06 -38.70 -15.33
C GLY A 195 14.11 -39.55 -16.02
N CYS A 196 15.30 -38.97 -16.22
CA CYS A 196 16.41 -39.63 -16.94
C CYS A 196 17.62 -39.96 -16.05
N PHE A 197 18.46 -40.88 -16.55
CA PHE A 197 19.75 -41.14 -15.93
C PHE A 197 20.68 -40.11 -16.56
N THR A 198 21.53 -39.57 -15.71
CA THR A 198 22.56 -38.65 -16.14
C THR A 198 23.85 -39.37 -16.49
N GLN A 199 23.93 -40.64 -16.08
CA GLN A 199 25.13 -41.48 -16.24
C GLN A 199 25.23 -41.99 -17.69
N LEU A 200 24.06 -42.08 -18.36
CA LEU A 200 23.93 -42.71 -19.69
C LEU A 200 23.93 -41.72 -20.84
N GLY A 201 25.13 -41.21 -21.09
CA GLY A 201 25.41 -40.20 -22.10
C GLY A 201 25.13 -40.70 -23.49
N LEU A 202 24.91 -39.75 -24.37
CA LEU A 202 24.56 -40.07 -25.74
C LEU A 202 25.73 -40.75 -26.45
N LYS A 203 26.95 -40.53 -25.97
CA LYS A 203 28.18 -41.10 -26.58
C LYS A 203 28.76 -42.18 -25.71
N HIS A 204 28.98 -41.81 -24.46
CA HIS A 204 29.59 -42.63 -23.50
C HIS A 204 28.56 -42.89 -22.39
N ALA A 205 28.17 -44.17 -22.26
CA ALA A 205 27.55 -44.63 -21.02
C ALA A 205 28.60 -44.45 -19.92
N ASN A 206 28.15 -44.58 -18.68
CA ASN A 206 28.97 -44.21 -17.49
C ASN A 206 30.29 -45.01 -17.42
N GLN A 207 31.19 -44.72 -18.35
CA GLN A 207 32.48 -45.41 -18.40
C GLN A 207 33.29 -44.97 -17.17
N PHE A 208 33.33 -43.64 -16.96
CA PHE A 208 34.06 -42.94 -15.86
C PHE A 208 33.20 -41.98 -15.06
N ASN A 209 32.50 -41.12 -15.77
CA ASN A 209 31.79 -40.00 -15.18
C ASN A 209 30.28 -40.27 -15.13
N ASP A 210 29.72 -40.11 -13.95
CA ASP A 210 28.28 -40.34 -13.73
C ASP A 210 27.37 -39.24 -14.24
N PHE A 211 27.96 -38.21 -14.84
CA PHE A 211 27.18 -37.08 -15.34
C PHE A 211 27.35 -36.90 -16.84
N ASN A 212 27.38 -38.00 -17.57
CA ASN A 212 27.63 -37.95 -19.00
C ASN A 212 26.54 -37.23 -19.78
N LEU A 213 25.29 -37.66 -19.61
CA LEU A 213 24.15 -37.14 -20.39
C LEU A 213 23.93 -35.63 -20.21
N ALA A 214 24.22 -35.15 -19.00
CA ALA A 214 24.15 -33.74 -18.69
C ALA A 214 25.28 -32.97 -19.32
N SER A 215 26.48 -33.57 -19.29
CA SER A 215 27.65 -33.00 -19.94
C SER A 215 27.41 -32.86 -21.44
N ASP A 216 26.74 -33.86 -22.03
CA ASP A 216 26.32 -33.82 -23.43
C ASP A 216 25.31 -32.67 -23.70
N LEU A 217 24.37 -32.50 -22.78
CA LEU A 217 23.28 -31.51 -22.95
C LEU A 217 23.71 -30.03 -22.79
N MET A 218 24.71 -29.80 -21.92
CA MET A 218 25.18 -28.48 -21.58
C MET A 218 26.04 -27.87 -22.63
N GLU A 219 26.65 -28.70 -23.47
CA GLU A 219 27.69 -28.26 -24.40
C GLU A 219 27.44 -26.91 -25.10
N PRO A 220 26.17 -26.65 -25.59
CA PRO A 220 25.91 -25.36 -26.29
C PRO A 220 25.98 -24.09 -25.43
N PHE A 221 26.11 -24.25 -24.11
CA PHE A 221 25.95 -23.18 -23.15
C PHE A 221 27.30 -22.65 -22.63
N ARG A 222 28.34 -23.49 -22.72
CA ARG A 222 29.72 -23.15 -22.23
C ARG A 222 30.18 -21.75 -22.63
N PRO A 223 30.01 -21.37 -23.92
CA PRO A 223 30.42 -20.03 -24.38
C PRO A 223 29.91 -18.89 -23.54
N LEU A 224 28.70 -19.05 -22.98
CA LEU A 224 28.18 -18.09 -22.01
C LEU A 224 29.19 -17.85 -20.90
N VAL A 225 29.68 -18.95 -20.32
CA VAL A 225 30.82 -18.93 -19.36
C VAL A 225 32.05 -18.22 -19.96
N ASP A 226 32.41 -18.62 -21.17
CA ASP A 226 33.62 -18.13 -21.80
C ASP A 226 33.60 -16.62 -22.01
N GLN A 227 32.40 -16.10 -22.28
CA GLN A 227 32.19 -14.66 -22.40
C GLN A 227 32.59 -13.93 -21.14
N ILE A 228 31.86 -14.21 -20.05
CA ILE A 228 32.18 -13.65 -18.71
C ILE A 228 33.70 -13.73 -18.44
N ILE A 229 34.26 -14.94 -18.50
CA ILE A 229 35.63 -15.17 -18.05
C ILE A 229 36.65 -14.49 -18.89
N TYR A 230 36.35 -14.40 -20.20
CA TYR A 230 37.17 -13.65 -21.14
C TYR A 230 37.14 -12.19 -20.80
N GLU A 231 35.93 -11.68 -20.59
CA GLU A 231 35.74 -10.30 -20.19
C GLU A 231 36.44 -9.97 -18.85
N ASN A 232 36.60 -10.98 -17.98
CA ASN A 232 37.41 -10.83 -16.76
C ASN A 232 38.71 -11.60 -16.80
N ARG A 233 39.16 -11.95 -18.00
CA ARG A 233 40.35 -12.80 -18.17
C ARG A 233 41.50 -12.28 -17.33
N LYS A 234 41.66 -10.95 -17.28
CA LYS A 234 42.74 -10.32 -16.53
C LYS A 234 42.45 -10.08 -15.03
N GLU A 235 41.25 -10.45 -14.54
CA GLU A 235 40.93 -10.39 -13.09
C GLU A 235 41.33 -11.63 -12.25
N ALA A 236 41.60 -11.36 -10.96
CA ALA A 236 41.97 -12.41 -10.01
C ALA A 236 40.78 -13.33 -9.80
N PHE A 237 41.07 -14.60 -9.57
CA PHE A 237 40.04 -15.65 -9.60
C PHE A 237 38.75 -15.27 -8.84
N PRO A 238 38.85 -14.93 -7.53
CA PRO A 238 37.64 -14.57 -6.77
C PRO A 238 36.73 -13.53 -7.45
N ILE A 239 37.30 -12.60 -8.19
CA ILE A 239 36.52 -11.67 -8.99
C ILE A 239 35.75 -12.43 -10.09
N MET A 240 36.45 -13.31 -10.79
CA MET A 240 35.84 -14.14 -11.82
C MET A 240 34.62 -14.89 -11.30
N LYS A 241 34.76 -15.43 -10.08
CA LYS A 241 33.69 -16.18 -9.36
C LYS A 241 32.36 -15.41 -9.26
N ARG A 242 32.38 -14.23 -8.64
CA ARG A 242 31.14 -13.43 -8.48
C ARG A 242 30.52 -13.04 -9.85
N LYS A 243 31.37 -12.83 -10.86
CA LYS A 243 31.00 -12.39 -12.22
C LYS A 243 30.20 -13.45 -13.00
N LEU A 244 30.56 -14.70 -12.77
CA LEU A 244 29.85 -15.85 -13.32
C LEU A 244 28.38 -15.99 -12.89
N PHE A 245 28.07 -15.58 -11.66
CA PHE A 245 26.69 -15.65 -11.14
C PHE A 245 25.67 -14.92 -12.06
N ALA A 246 26.18 -13.97 -12.84
CA ALA A 246 25.46 -13.33 -13.95
C ALA A 246 24.53 -14.27 -14.72
N LEU A 247 25.00 -15.49 -14.96
CA LEU A 247 24.24 -16.51 -15.68
C LEU A 247 22.78 -16.69 -15.16
N PHE A 248 22.64 -16.69 -13.84
CA PHE A 248 21.32 -16.82 -13.20
C PHE A 248 20.58 -15.50 -13.24
N MET A 249 21.25 -14.42 -12.86
CA MET A 249 20.67 -13.07 -12.89
C MET A 249 20.01 -12.72 -14.23
N ASN A 250 20.68 -13.12 -15.31
CA ASN A 250 20.40 -12.62 -16.65
C ASN A 250 19.30 -13.37 -17.42
N THR A 251 18.94 -12.84 -18.59
CA THR A 251 17.95 -13.45 -19.48
C THR A 251 18.53 -13.55 -20.86
N TYR A 252 17.96 -14.47 -21.65
CA TYR A 252 18.47 -14.80 -22.99
C TYR A 252 17.31 -15.14 -23.92
N MET A 253 17.40 -14.69 -25.16
CA MET A 253 16.34 -14.93 -26.12
C MET A 253 16.42 -16.42 -26.36
N TYR A 254 15.35 -17.12 -26.01
CA TYR A 254 15.28 -18.56 -26.30
C TYR A 254 14.27 -18.81 -27.42
N LYS A 255 12.99 -18.83 -27.16
CA LYS A 255 12.02 -19.27 -28.18
C LYS A 255 11.08 -18.14 -28.51
N LYS A 256 11.65 -17.01 -28.95
CA LYS A 256 10.91 -15.74 -29.11
C LYS A 256 10.62 -15.10 -27.75
N LYS A 257 10.82 -15.86 -26.68
CA LYS A 257 10.64 -15.39 -25.34
C LYS A 257 12.02 -14.92 -24.88
N GLN A 258 12.05 -13.84 -24.14
CA GLN A 258 13.18 -13.58 -23.27
C GLN A 258 12.96 -14.40 -22.02
N MET A 259 13.88 -15.28 -21.69
CA MET A 259 13.70 -16.16 -20.54
C MET A 259 14.90 -16.24 -19.66
N PHE A 260 14.65 -16.49 -18.38
CA PHE A 260 15.71 -16.78 -17.42
C PHE A 260 16.38 -18.10 -17.78
N LEU A 261 17.59 -18.27 -17.27
CA LEU A 261 18.40 -19.38 -17.67
C LEU A 261 17.87 -20.75 -17.21
N THR A 262 17.59 -20.95 -15.91
CA THR A 262 17.11 -22.28 -15.43
C THR A 262 15.81 -22.63 -16.06
N ASN A 263 14.95 -21.65 -16.25
CA ASN A 263 13.70 -21.90 -16.99
C ASN A 263 13.93 -22.26 -18.45
N ILE A 264 14.98 -21.72 -19.08
CA ILE A 264 15.40 -22.15 -20.42
C ILE A 264 15.81 -23.62 -20.43
N ALA A 265 16.74 -23.96 -19.56
CA ALA A 265 17.21 -25.35 -19.45
C ALA A 265 16.04 -26.31 -19.20
N THR A 266 15.04 -25.92 -18.41
CA THR A 266 13.88 -26.78 -18.15
C THR A 266 13.29 -27.14 -19.51
N ASP A 267 12.78 -26.15 -20.24
CA ASP A 267 12.15 -26.39 -21.57
C ASP A 267 13.10 -27.02 -22.56
N TYR A 268 14.36 -26.55 -22.55
CA TYR A 268 15.42 -27.05 -23.45
C TYR A 268 15.56 -28.55 -23.28
N THR A 269 15.92 -28.96 -22.06
CA THR A 269 16.07 -30.37 -21.70
C THR A 269 14.79 -31.19 -22.03
N LYS A 270 13.64 -30.78 -21.55
CA LYS A 270 12.41 -31.55 -21.84
C LYS A 270 12.20 -31.80 -23.33
N HIS A 271 12.29 -30.76 -24.15
CA HIS A 271 12.08 -30.89 -25.60
C HIS A 271 13.18 -31.66 -26.33
N VAL A 272 14.38 -31.72 -25.73
CA VAL A 272 15.44 -32.61 -26.20
C VAL A 272 14.97 -34.03 -25.96
N VAL A 273 14.63 -34.36 -24.71
CA VAL A 273 14.20 -35.71 -24.32
C VAL A 273 12.98 -36.22 -25.12
N LYS A 274 12.06 -35.31 -25.37
CA LYS A 274 10.90 -35.62 -26.20
C LYS A 274 11.31 -36.17 -27.60
N VAL A 275 12.39 -35.62 -28.18
CA VAL A 275 12.92 -36.08 -29.48
C VAL A 275 13.53 -37.48 -29.38
N LEU A 276 14.30 -37.70 -28.30
CA LEU A 276 15.00 -38.98 -28.11
C LEU A 276 14.01 -40.10 -27.86
N ASN A 277 12.85 -39.79 -27.28
CA ASN A 277 11.72 -40.72 -27.22
C ASN A 277 10.87 -40.69 -28.46
N GLN A 278 11.27 -39.83 -29.39
CA GLN A 278 10.61 -39.74 -30.68
C GLN A 278 9.13 -39.44 -30.48
N GLU A 279 8.90 -38.50 -29.55
CA GLU A 279 7.61 -37.82 -29.42
C GLU A 279 7.54 -36.58 -30.35
N GLU A 280 8.71 -36.10 -30.79
CA GLU A 280 8.78 -35.05 -31.81
C GLU A 280 10.15 -35.06 -32.48
N GLU A 281 10.19 -34.55 -33.71
CA GLU A 281 11.46 -34.15 -34.34
C GLU A 281 11.58 -32.61 -34.33
N GLY A 282 12.75 -32.15 -34.76
CA GLY A 282 13.20 -30.80 -34.46
C GLY A 282 13.97 -31.02 -33.21
N VAL A 283 14.74 -30.05 -32.82
CA VAL A 283 15.48 -30.14 -31.59
C VAL A 283 15.41 -28.69 -31.13
N PRO A 284 15.51 -28.46 -29.83
CA PRO A 284 15.70 -27.09 -29.42
C PRO A 284 17.04 -26.55 -29.89
N GLU A 285 17.07 -25.24 -30.16
CA GLU A 285 18.28 -24.52 -30.48
C GLU A 285 18.54 -23.36 -29.52
N PHE A 286 19.75 -22.83 -29.65
CA PHE A 286 20.21 -21.69 -28.88
C PHE A 286 21.02 -20.82 -29.82
N MET B 1 40.00 -48.45 -0.74
CA MET B 1 38.83 -47.60 -0.35
C MET B 1 38.56 -47.74 1.15
N GLY B 2 37.48 -48.43 1.49
CA GLY B 2 37.04 -48.66 2.85
C GLY B 2 36.01 -49.79 2.85
N TRP B 3 35.78 -50.32 4.05
CA TRP B 3 34.95 -51.49 4.26
C TRP B 3 33.66 -51.32 5.10
N ARG B 4 33.52 -50.25 5.86
CA ARG B 4 32.36 -50.12 6.78
C ARG B 4 31.14 -49.50 6.13
N THR B 5 29.96 -49.91 6.56
CA THR B 5 28.73 -49.27 6.07
C THR B 5 28.19 -48.67 7.32
N VAL B 6 28.21 -47.35 7.42
CA VAL B 6 27.82 -46.68 8.65
C VAL B 6 26.42 -46.16 8.52
N VAL B 7 25.56 -46.57 9.46
CA VAL B 7 24.15 -46.26 9.40
C VAL B 7 23.72 -45.54 10.66
N VAL B 8 23.07 -44.39 10.43
CA VAL B 8 22.66 -43.46 11.47
C VAL B 8 21.12 -43.28 11.47
N ASN B 9 20.54 -43.54 12.64
CA ASN B 9 19.10 -43.36 12.86
C ASN B 9 18.78 -42.87 14.27
N LYS B 10 19.69 -42.09 14.83
CA LYS B 10 19.48 -41.46 16.12
C LYS B 10 19.68 -39.97 15.97
N HIS B 11 18.85 -39.19 16.70
CA HIS B 11 19.02 -37.73 16.80
C HIS B 11 20.46 -37.44 17.21
N SER B 12 21.22 -36.83 16.30
CA SER B 12 22.68 -36.75 16.44
C SER B 12 23.35 -35.64 15.62
N LYS B 13 24.55 -35.22 16.07
CA LYS B 13 25.42 -34.31 15.29
C LYS B 13 26.67 -35.03 14.77
N LEU B 14 26.92 -34.92 13.45
CA LEU B 14 28.10 -35.52 12.80
C LEU B 14 29.09 -34.43 12.54
N SER B 15 30.34 -34.73 12.81
CA SER B 15 31.42 -33.77 12.66
C SER B 15 32.66 -34.46 12.09
N TYR B 16 33.68 -33.67 11.77
CA TYR B 16 34.97 -34.21 11.31
C TYR B 16 36.07 -33.73 12.25
N LYS B 17 36.96 -34.66 12.65
CA LYS B 17 38.19 -34.39 13.45
C LYS B 17 39.26 -35.39 13.14
N ASN B 18 40.47 -34.90 12.84
CA ASN B 18 41.63 -35.77 12.76
C ASN B 18 41.42 -37.03 11.91
N ASN B 19 40.88 -36.85 10.71
CA ASN B 19 40.58 -37.96 9.79
C ASN B 19 39.51 -38.94 10.30
N HIS B 20 38.83 -38.57 11.38
CA HIS B 20 37.73 -39.36 11.93
C HIS B 20 36.37 -38.67 11.73
N LEU B 21 35.40 -39.44 11.24
CA LEU B 21 34.00 -39.07 11.34
C LEU B 21 33.65 -39.06 12.82
N VAL B 22 33.04 -37.98 13.27
CA VAL B 22 32.65 -37.82 14.67
C VAL B 22 31.15 -37.91 14.84
N PHE B 23 30.72 -38.85 15.68
CA PHE B 23 29.31 -39.08 15.92
C PHE B 23 29.01 -38.72 17.37
N LYS B 24 28.15 -37.71 17.56
CA LYS B 24 27.59 -37.42 18.87
C LYS B 24 26.09 -37.72 18.89
N ALA B 25 25.68 -38.64 19.77
CA ALA B 25 24.29 -38.72 20.25
C ALA B 25 24.28 -38.14 21.65
N ILE B 26 23.12 -38.03 22.25
CA ILE B 26 23.04 -37.45 23.59
C ILE B 26 23.99 -38.16 24.57
N ASP B 27 23.86 -39.47 24.63
CA ASP B 27 24.54 -40.27 25.64
C ASP B 27 25.76 -40.90 25.03
N HIS B 28 25.53 -41.61 23.94
CA HIS B 28 26.56 -42.37 23.30
C HIS B 28 27.39 -41.46 22.41
N GLN B 29 28.64 -41.84 22.18
CA GLN B 29 29.54 -41.09 21.27
C GLN B 29 30.55 -42.05 20.61
N GLU B 30 30.92 -41.76 19.36
CA GLU B 30 31.73 -42.68 18.55
C GLU B 30 32.60 -41.92 17.61
N LEU B 31 33.87 -42.26 17.52
CA LEU B 31 34.70 -41.73 16.43
C LEU B 31 34.98 -42.90 15.51
N ILE B 32 35.10 -42.63 14.21
CA ILE B 32 35.38 -43.67 13.21
C ILE B 32 36.29 -43.15 12.12
N HIS B 33 37.43 -43.81 11.91
CA HIS B 33 38.39 -43.38 10.89
C HIS B 33 37.71 -43.51 9.53
N LEU B 34 37.87 -42.49 8.69
CA LEU B 34 37.20 -42.40 7.36
C LEU B 34 37.69 -43.41 6.34
N SER B 35 39.00 -43.66 6.33
CA SER B 35 39.58 -44.65 5.43
C SER B 35 38.89 -46.03 5.59
N GLU B 36 38.39 -46.33 6.79
CA GLU B 36 37.65 -47.58 7.03
C GLU B 36 36.31 -47.57 6.32
N ILE B 37 35.68 -46.40 6.22
CA ILE B 37 34.30 -46.27 5.76
C ILE B 37 34.17 -46.45 4.24
N ASP B 38 33.14 -47.19 3.83
CA ASP B 38 32.73 -47.41 2.41
C ASP B 38 31.41 -46.72 2.07
N VAL B 39 30.47 -46.69 3.03
CA VAL B 39 29.16 -46.08 2.85
C VAL B 39 28.67 -45.36 4.12
N LEU B 40 28.03 -44.21 3.91
CA LEU B 40 27.24 -43.57 4.95
C LEU B 40 25.76 -43.49 4.58
N LEU B 41 24.94 -44.22 5.35
CA LEU B 41 23.48 -44.08 5.27
C LEU B 41 22.94 -43.22 6.44
N LEU B 42 22.21 -42.16 6.05
CA LEU B 42 21.49 -41.29 6.96
C LEU B 42 20.02 -41.62 6.86
N GLU B 43 19.56 -42.50 7.75
CA GLU B 43 18.20 -42.97 7.70
C GLU B 43 17.18 -41.89 8.02
N THR B 44 17.49 -41.11 9.05
CA THR B 44 16.50 -40.24 9.70
C THR B 44 16.63 -38.78 9.31
N THR B 45 15.65 -38.00 9.72
CA THR B 45 15.61 -36.59 9.45
C THR B 45 16.08 -35.79 10.63
N ASP B 46 16.61 -36.48 11.65
CA ASP B 46 17.04 -35.79 12.90
C ASP B 46 18.54 -35.72 13.04
N ILE B 47 19.19 -35.63 11.89
CA ILE B 47 20.62 -35.68 11.87
C ILE B 47 21.22 -34.37 11.41
N SER B 48 22.20 -33.88 12.17
CA SER B 48 22.96 -32.66 11.86
C SER B 48 24.37 -33.02 11.40
N LEU B 49 24.94 -32.27 10.46
CA LEU B 49 26.30 -32.55 9.96
C LEU B 49 26.94 -31.30 9.36
N THR B 50 28.28 -31.28 9.34
CA THR B 50 29.08 -30.13 8.88
C THR B 50 29.51 -30.25 7.42
N THR B 51 29.71 -29.12 6.73
CA THR B 51 30.15 -29.13 5.31
C THR B 51 31.60 -29.58 5.19
N MET B 52 32.36 -29.40 6.28
CA MET B 52 33.70 -29.94 6.36
C MET B 52 33.63 -31.43 6.21
N LEU B 53 32.78 -32.05 7.03
CA LEU B 53 32.63 -33.50 7.00
C LEU B 53 32.37 -33.96 5.56
N LEU B 54 31.34 -33.38 4.95
CA LEU B 54 30.98 -33.68 3.55
C LEU B 54 32.13 -33.57 2.57
N LYS B 55 32.93 -32.51 2.69
CA LYS B 55 34.13 -32.33 1.85
C LYS B 55 34.99 -33.58 1.91
N ARG B 56 35.29 -33.97 3.15
CA ARG B 56 36.15 -35.09 3.46
C ARG B 56 35.47 -36.41 3.07
N LEU B 57 34.17 -36.52 3.31
CA LEU B 57 33.40 -37.69 2.84
C LEU B 57 33.51 -37.83 1.33
N ILE B 58 33.50 -36.70 0.64
CA ILE B 58 33.73 -36.73 -0.79
C ILE B 58 35.17 -37.05 -1.17
N ASP B 59 36.11 -36.47 -0.41
CA ASP B 59 37.53 -36.67 -0.66
C ASP B 59 37.80 -38.16 -0.76
N GLU B 60 37.26 -38.93 0.18
CA GLU B 60 37.39 -40.39 0.17
C GLU B 60 36.48 -41.10 -0.87
N LYS B 61 35.61 -40.37 -1.58
CA LYS B 61 34.60 -40.95 -2.47
C LYS B 61 33.72 -42.05 -1.82
N ILE B 62 33.51 -41.90 -0.51
CA ILE B 62 32.51 -42.63 0.27
C ILE B 62 31.15 -42.35 -0.32
N LEU B 63 30.28 -43.35 -0.35
CA LEU B 63 28.93 -43.13 -0.83
C LEU B 63 28.06 -42.61 0.32
N VAL B 64 27.51 -41.42 0.14
CA VAL B 64 26.56 -40.88 1.11
C VAL B 64 25.11 -40.94 0.60
N LEU B 65 24.21 -41.45 1.45
CA LEU B 65 22.78 -41.58 1.12
C LEU B 65 21.86 -40.90 2.09
N PHE B 66 20.80 -40.30 1.54
CA PHE B 66 19.88 -39.43 2.27
C PHE B 66 18.43 -39.92 2.29
N CYS B 67 17.79 -39.82 3.45
CA CYS B 67 16.47 -40.42 3.56
C CYS B 67 15.36 -39.46 4.03
N ASP B 68 14.14 -39.74 3.53
CA ASP B 68 12.96 -38.98 3.88
C ASP B 68 12.45 -39.34 5.30
N ASP B 69 11.38 -38.64 5.70
CA ASP B 69 10.75 -38.81 7.03
C ASP B 69 10.41 -40.31 7.36
N LYS B 70 10.08 -41.05 6.30
CA LYS B 70 9.69 -42.45 6.35
C LYS B 70 10.86 -43.39 6.05
N ARG B 71 12.08 -42.90 6.21
CA ARG B 71 13.30 -43.74 6.07
C ARG B 71 13.44 -44.42 4.70
N LEU B 72 13.06 -43.72 3.65
CA LEU B 72 13.27 -44.20 2.30
C LEU B 72 14.32 -43.38 1.65
N PRO B 73 15.08 -44.00 0.76
CA PRO B 73 16.07 -43.21 0.09
C PRO B 73 15.35 -42.20 -0.82
N ILE B 74 15.75 -40.93 -0.76
CA ILE B 74 15.27 -39.86 -1.69
C ILE B 74 16.38 -39.29 -2.62
N GLY B 75 17.64 -39.44 -2.15
CA GLY B 75 18.85 -39.08 -2.90
C GLY B 75 20.22 -39.52 -2.35
N LYS B 76 21.25 -39.13 -3.12
CA LYS B 76 22.66 -39.30 -2.77
C LYS B 76 23.52 -38.15 -3.27
N ILE B 77 24.73 -38.07 -2.73
CA ILE B 77 25.71 -37.05 -3.13
C ILE B 77 26.45 -37.52 -4.38
N LEU B 78 26.61 -36.62 -5.35
CA LEU B 78 27.23 -36.93 -6.64
C LEU B 78 28.45 -36.07 -6.83
N PRO B 79 29.63 -36.60 -6.58
CA PRO B 79 30.81 -35.76 -6.75
C PRO B 79 31.05 -35.50 -8.24
N PHE B 80 31.77 -34.40 -8.51
CA PHE B 80 32.22 -34.11 -9.86
C PHE B 80 33.52 -34.84 -10.15
N TYR B 81 34.47 -34.72 -9.21
CA TYR B 81 35.76 -35.42 -9.24
C TYR B 81 35.66 -36.72 -8.46
N GLY B 82 35.31 -37.81 -9.14
CA GLY B 82 35.35 -39.13 -8.52
C GLY B 82 34.05 -39.91 -8.45
N ARG B 83 34.16 -41.18 -8.05
CA ARG B 83 33.03 -42.07 -7.93
C ARG B 83 33.19 -43.04 -6.76
N HIS B 84 32.12 -43.79 -6.53
CA HIS B 84 32.07 -44.90 -5.61
C HIS B 84 31.58 -46.12 -6.35
N ASP B 85 32.11 -47.28 -5.97
CA ASP B 85 31.93 -48.57 -6.71
C ASP B 85 30.54 -48.81 -7.25
N SER B 86 29.58 -48.59 -6.36
CA SER B 86 28.18 -48.60 -6.68
C SER B 86 27.81 -48.02 -8.08
N SER B 87 28.52 -47.00 -8.52
CA SER B 87 28.29 -46.33 -9.81
C SER B 87 28.32 -47.27 -11.01
N LEU B 88 29.24 -48.25 -10.92
CA LEU B 88 29.44 -49.33 -11.93
C LEU B 88 28.24 -50.29 -11.96
N GLN B 89 27.73 -50.58 -10.75
CA GLN B 89 26.64 -51.51 -10.50
C GLN B 89 25.40 -51.20 -11.35
N LEU B 90 25.22 -49.96 -11.79
CA LEU B 90 24.08 -49.63 -12.68
C LEU B 90 24.16 -50.35 -14.02
N THR B 91 25.32 -50.25 -14.69
CA THR B 91 25.52 -50.87 -16.03
C THR B 91 25.29 -52.38 -16.04
N ARG B 92 25.65 -53.04 -14.93
CA ARG B 92 25.35 -54.46 -14.72
C ARG B 92 23.85 -54.71 -14.68
N GLN B 93 23.14 -53.89 -13.89
CA GLN B 93 21.67 -53.96 -13.76
C GLN B 93 20.96 -53.83 -15.11
N LEU B 94 21.50 -52.98 -15.97
CA LEU B 94 20.95 -52.81 -17.30
C LEU B 94 21.25 -54.01 -18.17
N ALA B 95 22.43 -54.61 -17.96
CA ALA B 95 22.87 -55.83 -18.67
C ALA B 95 22.21 -57.10 -18.12
N TRP B 96 21.19 -56.93 -17.28
CA TRP B 96 20.41 -58.06 -16.81
C TRP B 96 19.58 -58.68 -17.94
N THR B 97 19.76 -59.98 -18.13
CA THR B 97 19.07 -60.71 -19.19
C THR B 97 17.63 -60.93 -18.78
N GLU B 98 16.73 -60.94 -19.76
CA GLU B 98 15.31 -61.19 -19.55
C GLU B 98 15.09 -62.53 -18.88
N GLU B 99 15.87 -63.52 -19.30
CA GLU B 99 15.71 -64.86 -18.78
C GLU B 99 16.05 -64.95 -17.32
N ARG B 100 17.24 -64.51 -16.92
CA ARG B 100 17.68 -64.54 -15.50
C ARG B 100 16.68 -63.82 -14.59
N LYS B 101 16.29 -62.61 -14.99
CA LYS B 101 15.27 -61.86 -14.28
C LYS B 101 14.14 -62.82 -13.88
N GLY B 102 13.64 -63.54 -14.87
CA GLY B 102 12.56 -64.55 -14.66
C GLY B 102 12.87 -65.56 -13.55
N GLN B 103 13.91 -66.35 -13.78
CA GLN B 103 14.35 -67.40 -12.88
C GLN B 103 14.33 -66.85 -11.48
N VAL B 104 15.04 -65.72 -11.29
CA VAL B 104 15.28 -65.10 -9.97
C VAL B 104 13.96 -64.59 -9.35
N TRP B 105 13.16 -63.89 -10.14
CA TRP B 105 11.88 -63.38 -9.65
C TRP B 105 11.01 -64.56 -9.23
N THR B 106 10.96 -65.55 -10.09
CA THR B 106 10.10 -66.71 -9.86
C THR B 106 10.57 -67.55 -8.66
N ALA B 107 11.87 -67.55 -8.43
CA ALA B 107 12.43 -68.20 -7.23
C ALA B 107 11.91 -67.55 -5.97
N ILE B 108 11.88 -66.20 -6.02
CA ILE B 108 11.47 -65.38 -4.90
C ILE B 108 9.97 -65.64 -4.64
N ILE B 109 9.19 -65.54 -5.70
CA ILE B 109 7.78 -65.68 -5.55
C ILE B 109 7.44 -67.06 -5.03
N ALA B 110 8.25 -68.05 -5.38
CA ALA B 110 8.11 -69.39 -4.81
C ALA B 110 8.20 -69.31 -3.29
N GLN B 111 9.27 -68.65 -2.82
CA GLN B 111 9.46 -68.44 -1.37
C GLN B 111 8.25 -67.77 -0.76
N LYS B 112 7.72 -66.74 -1.43
CA LYS B 112 6.53 -66.02 -0.91
C LYS B 112 5.43 -67.00 -0.57
N ILE B 113 5.16 -67.88 -1.53
CA ILE B 113 4.06 -68.84 -1.42
C ILE B 113 4.35 -69.97 -0.44
N THR B 114 5.59 -70.42 -0.43
CA THR B 114 5.97 -71.37 0.58
C THR B 114 5.64 -70.80 1.93
N ASN B 115 6.11 -69.58 2.18
CA ASN B 115 5.99 -68.93 3.47
C ASN B 115 4.52 -68.68 3.76
N GLN B 116 3.77 -68.32 2.71
CA GLN B 116 2.33 -68.17 2.85
C GLN B 116 1.70 -69.48 3.42
N SER B 117 2.03 -70.62 2.83
CA SER B 117 1.47 -71.91 3.30
C SER B 117 1.89 -72.21 4.71
N LEU B 118 3.19 -72.11 4.94
CA LEU B 118 3.75 -72.32 6.29
C LEU B 118 3.04 -71.54 7.38
N HIS B 119 2.63 -70.30 7.05
CA HIS B 119 1.79 -69.48 7.93
C HIS B 119 0.39 -70.10 8.10
N LEU B 120 -0.24 -70.50 7.00
CA LEU B 120 -1.54 -71.14 7.11
C LEU B 120 -1.46 -72.41 7.96
N ALA B 121 -0.47 -73.25 7.65
CA ALA B 121 -0.25 -74.44 8.46
C ALA B 121 -0.17 -74.08 9.93
N GLN B 122 0.60 -73.02 10.24
CA GLN B 122 0.78 -72.56 11.64
C GLN B 122 -0.53 -72.28 12.36
N ARG B 123 -1.51 -71.76 11.60
CA ARG B 123 -2.84 -71.45 12.12
C ARG B 123 -3.85 -72.62 11.95
N ASP B 124 -3.36 -73.84 11.81
CA ASP B 124 -4.21 -75.02 11.78
C ASP B 124 -5.08 -75.10 10.53
N TYR B 125 -4.65 -74.48 9.42
CA TYR B 125 -5.30 -74.75 8.11
C TYR B 125 -4.48 -75.74 7.29
N GLY B 126 -4.38 -76.96 7.81
CA GLY B 126 -3.60 -78.03 7.22
C GLY B 126 -3.84 -78.09 5.72
N GLN B 127 -5.07 -77.84 5.29
CA GLN B 127 -5.43 -78.13 3.90
C GLN B 127 -5.21 -77.00 2.88
N LYS B 128 -5.44 -75.78 3.34
CA LYS B 128 -5.24 -74.61 2.50
C LYS B 128 -3.74 -74.39 2.27
N ALA B 129 -2.96 -74.64 3.30
CA ALA B 129 -1.50 -74.63 3.18
C ALA B 129 -1.12 -75.50 2.00
N ALA B 130 -1.53 -76.77 2.08
CA ALA B 130 -1.28 -77.76 1.02
C ALA B 130 -1.82 -77.32 -0.33
N ALA B 131 -3.03 -76.81 -0.34
CA ALA B 131 -3.60 -76.24 -1.54
C ALA B 131 -2.70 -75.14 -2.17
N LEU B 132 -2.00 -74.39 -1.33
CA LEU B 132 -1.09 -73.33 -1.82
C LEU B 132 0.18 -73.90 -2.46
N LEU B 133 0.74 -74.94 -1.83
CA LEU B 133 1.91 -75.62 -2.35
C LEU B 133 1.62 -76.21 -3.72
N ALA B 134 0.37 -76.54 -3.97
CA ALA B 134 -0.03 -76.99 -5.28
C ALA B 134 0.17 -75.86 -6.25
N MET B 135 -0.40 -74.71 -5.92
CA MET B 135 -0.27 -73.53 -6.78
C MET B 135 1.20 -73.31 -7.11
N ARG B 136 2.04 -73.39 -6.07
CA ARG B 136 3.45 -73.19 -6.20
C ARG B 136 4.07 -74.12 -7.23
N ALA B 137 3.78 -75.41 -7.07
CA ALA B 137 4.29 -76.43 -8.00
C ALA B 137 4.00 -76.11 -9.49
N GLU B 138 2.88 -75.46 -9.80
CA GLU B 138 2.56 -75.13 -11.22
C GLU B 138 3.02 -73.73 -11.66
N LEU B 139 4.18 -73.29 -11.18
CA LEU B 139 4.67 -71.99 -11.50
C LEU B 139 5.46 -72.10 -12.74
N ARG B 140 5.18 -71.26 -13.70
CA ARG B 140 6.10 -71.01 -14.79
C ARG B 140 6.68 -69.59 -14.66
N LEU B 141 7.86 -69.36 -15.22
CA LEU B 141 8.54 -68.07 -15.22
C LEU B 141 7.61 -66.89 -15.45
N PHE B 142 7.70 -65.90 -14.58
CA PHE B 142 6.80 -64.74 -14.60
C PHE B 142 5.31 -65.09 -14.38
N ASP B 143 5.07 -66.18 -13.66
CA ASP B 143 3.75 -66.58 -13.21
C ASP B 143 2.60 -66.26 -14.13
N PRO B 144 2.68 -66.66 -15.37
CA PRO B 144 1.75 -66.17 -16.40
C PRO B 144 0.27 -66.44 -16.18
N ALA B 145 -0.06 -67.64 -15.68
CA ALA B 145 -1.46 -67.94 -15.23
C ALA B 145 -1.86 -67.36 -13.86
N ASN B 146 -1.06 -66.43 -13.33
CA ASN B 146 -1.30 -65.75 -12.04
C ASN B 146 -1.51 -66.70 -10.85
N ARG B 147 -0.60 -67.61 -10.61
CA ARG B 147 -0.66 -68.37 -9.39
C ARG B 147 -0.49 -67.48 -8.14
N GLU B 148 0.47 -66.56 -8.17
CA GLU B 148 0.73 -65.64 -7.01
C GLU B 148 -0.53 -65.00 -6.49
N GLY B 149 -1.31 -64.45 -7.43
CA GLY B 149 -2.56 -63.77 -7.16
C GLY B 149 -3.59 -64.69 -6.54
N HIS B 150 -3.68 -65.91 -7.07
CA HIS B 150 -4.67 -66.85 -6.57
C HIS B 150 -4.28 -67.45 -5.23
N ALA B 151 -3.01 -67.64 -4.99
CA ALA B 151 -2.55 -68.08 -3.67
C ALA B 151 -2.87 -67.03 -2.62
N ALA B 152 -2.45 -65.80 -2.94
CA ALA B 152 -2.73 -64.64 -2.12
C ALA B 152 -4.20 -64.53 -1.71
N ARG B 153 -5.12 -64.69 -2.66
CA ARG B 153 -6.55 -64.50 -2.37
C ARG B 153 -7.03 -65.47 -1.33
N SER B 154 -6.77 -66.74 -1.58
CA SER B 154 -7.12 -67.80 -0.65
C SER B 154 -6.39 -67.67 0.69
N TYR B 155 -5.21 -67.08 0.63
CA TYR B 155 -4.44 -66.78 1.84
C TYR B 155 -5.21 -65.82 2.79
N PHE B 156 -5.59 -64.65 2.25
CA PHE B 156 -6.28 -63.60 3.01
C PHE B 156 -7.71 -64.00 3.36
N ASN B 157 -8.41 -64.60 2.42
CA ASN B 157 -9.75 -65.12 2.70
C ASN B 157 -9.80 -66.23 3.78
N THR B 158 -8.75 -67.02 3.87
CA THR B 158 -8.74 -68.08 4.87
C THR B 158 -8.39 -67.50 6.25
N LEU B 159 -7.38 -66.62 6.25
CA LEU B 159 -6.92 -65.95 7.47
C LEU B 159 -8.01 -65.12 8.09
N PHE B 160 -8.51 -64.16 7.31
CA PHE B 160 -9.43 -63.12 7.80
C PHE B 160 -10.88 -63.25 7.31
N GLY B 161 -11.19 -64.36 6.64
CA GLY B 161 -12.60 -64.67 6.29
C GLY B 161 -12.91 -64.36 4.85
N ASN B 162 -13.81 -65.12 4.26
CA ASN B 162 -14.10 -64.94 2.82
C ASN B 162 -14.78 -63.58 2.55
N ASP B 163 -15.21 -62.88 3.60
CA ASP B 163 -15.76 -61.52 3.50
C ASP B 163 -14.73 -60.42 3.29
N PHE B 164 -13.53 -60.68 3.79
CA PHE B 164 -12.46 -59.70 3.81
C PHE B 164 -11.99 -59.32 2.42
N THR B 165 -11.69 -58.02 2.21
CA THR B 165 -10.87 -57.56 1.04
C THR B 165 -9.75 -56.72 1.54
N ARG B 166 -8.86 -56.46 0.59
CA ARG B 166 -7.63 -55.77 0.90
C ARG B 166 -7.78 -54.29 0.71
N GLU B 167 -8.82 -53.90 0.02
CA GLU B 167 -8.97 -52.52 -0.33
C GLU B 167 -9.85 -51.83 0.75
N GLN B 168 -10.68 -52.61 1.48
CA GLN B 168 -11.57 -52.08 2.56
C GLN B 168 -10.81 -51.52 3.74
N GLU B 169 -11.39 -50.45 4.34
CA GLU B 169 -10.71 -49.63 5.34
C GLU B 169 -10.88 -50.23 6.73
N ASN B 170 -9.92 -51.03 7.17
CA ASN B 170 -9.93 -51.74 8.48
C ASN B 170 -8.73 -51.39 9.29
N ASP B 171 -8.77 -51.74 10.56
CA ASP B 171 -7.54 -51.83 11.34
C ASP B 171 -6.57 -52.90 10.85
N ILE B 172 -7.10 -53.94 10.26
CA ILE B 172 -6.25 -54.98 9.73
C ILE B 172 -5.40 -54.49 8.55
N ASN B 173 -6.06 -53.99 7.51
CA ASN B 173 -5.34 -53.51 6.33
C ASN B 173 -4.35 -52.41 6.67
N ALA B 174 -4.76 -51.45 7.49
CA ALA B 174 -3.85 -50.44 8.00
C ALA B 174 -2.64 -51.10 8.63
N GLY B 175 -2.91 -52.06 9.50
CA GLY B 175 -1.87 -52.85 10.12
C GLY B 175 -0.88 -53.47 9.14
N LEU B 176 -1.37 -54.17 8.12
CA LEU B 176 -0.50 -54.82 7.16
C LEU B 176 0.24 -53.78 6.31
N ASN B 177 -0.50 -52.79 5.83
CA ASN B 177 0.02 -51.69 5.02
C ASN B 177 1.22 -51.02 5.70
N TYR B 178 1.04 -50.68 6.97
CA TYR B 178 2.14 -50.13 7.78
C TYR B 178 3.29 -51.12 7.78
N GLY B 179 2.96 -52.37 8.07
CA GLY B 179 3.95 -53.42 8.07
C GLY B 179 4.68 -53.50 6.75
N TYR B 180 3.92 -53.55 5.67
CA TYR B 180 4.50 -53.73 4.34
C TYR B 180 5.43 -52.58 4.02
N THR B 181 4.95 -51.36 4.15
CA THR B 181 5.80 -50.21 3.90
C THR B 181 7.12 -50.37 4.70
N LEU B 182 7.09 -50.82 5.94
CA LEU B 182 8.35 -50.98 6.70
C LEU B 182 9.32 -51.81 5.92
N LEU B 183 8.89 -53.01 5.59
CA LEU B 183 9.73 -53.97 4.89
C LEU B 183 10.33 -53.36 3.63
N LEU B 184 9.46 -52.77 2.81
CA LEU B 184 9.87 -52.15 1.54
C LEU B 184 11.07 -51.19 1.77
N SER B 185 10.89 -50.28 2.71
CA SER B 185 11.92 -49.30 3.08
C SER B 185 13.25 -49.99 3.27
N ILE B 186 13.25 -51.12 4.00
CA ILE B 186 14.49 -51.83 4.27
C ILE B 186 15.16 -52.15 2.96
N PHE B 187 14.43 -52.83 2.09
CA PHE B 187 15.03 -53.27 0.84
C PHE B 187 15.43 -52.12 -0.09
N ALA B 188 14.55 -51.13 -0.20
CA ALA B 188 14.87 -49.88 -0.89
C ALA B 188 16.24 -49.35 -0.46
N ARG B 189 16.46 -49.23 0.83
CA ARG B 189 17.74 -48.80 1.38
C ARG B 189 18.86 -49.73 0.94
N GLU B 190 18.74 -51.02 1.26
CA GLU B 190 19.78 -52.01 0.94
C GLU B 190 20.10 -52.09 -0.56
N LEU B 191 19.10 -51.84 -1.40
CA LEU B 191 19.30 -51.87 -2.85
C LEU B 191 20.20 -50.75 -3.30
N VAL B 192 19.85 -49.52 -2.94
CA VAL B 192 20.61 -48.36 -3.41
C VAL B 192 22.07 -48.40 -2.94
N GLN B 193 22.30 -48.99 -1.75
CA GLN B 193 23.68 -49.22 -1.26
C GLN B 193 24.51 -50.12 -2.20
N THR B 194 23.85 -51.14 -2.77
CA THR B 194 24.52 -52.00 -3.77
C THR B 194 24.76 -51.23 -5.04
N GLY B 195 23.87 -50.29 -5.32
CA GLY B 195 23.98 -49.40 -6.47
C GLY B 195 22.93 -49.66 -7.51
N CYS B 196 21.74 -50.04 -7.07
CA CYS B 196 20.67 -50.41 -7.97
C CYS B 196 19.59 -49.37 -8.00
N PHE B 197 18.89 -49.31 -9.11
CA PHE B 197 17.73 -48.47 -9.25
C PHE B 197 16.47 -49.26 -9.05
N THR B 198 15.74 -48.83 -8.01
CA THR B 198 14.57 -49.51 -7.43
C THR B 198 13.36 -49.47 -8.37
N GLN B 199 13.42 -48.54 -9.31
CA GLN B 199 12.35 -48.23 -10.28
C GLN B 199 12.23 -49.39 -11.25
N LEU B 200 13.37 -50.05 -11.51
CA LEU B 200 13.50 -51.12 -12.53
C LEU B 200 13.33 -52.54 -12.02
N GLY B 201 12.06 -52.88 -11.81
CA GLY B 201 11.64 -54.19 -11.29
C GLY B 201 11.85 -55.36 -12.23
N LEU B 202 11.88 -56.55 -11.65
CA LEU B 202 12.05 -57.80 -12.42
C LEU B 202 10.76 -58.10 -13.20
N LYS B 203 9.64 -58.13 -12.47
CA LYS B 203 8.29 -58.18 -13.06
C LYS B 203 7.43 -56.95 -12.75
N HIS B 204 7.71 -56.27 -11.64
CA HIS B 204 6.80 -55.21 -11.16
C HIS B 204 6.43 -54.11 -12.16
N ALA B 205 7.38 -53.43 -12.78
CA ALA B 205 7.03 -52.54 -13.89
C ALA B 205 5.70 -51.70 -13.79
N ASN B 206 5.61 -50.85 -12.75
CA ASN B 206 4.56 -49.79 -12.56
C ASN B 206 5.11 -48.34 -12.74
N GLN B 207 4.43 -47.58 -13.61
CA GLN B 207 4.80 -46.16 -13.85
C GLN B 207 5.03 -45.44 -12.48
N PHE B 208 3.94 -45.42 -11.70
CA PHE B 208 3.85 -44.68 -10.47
C PHE B 208 4.51 -45.30 -9.28
N ASN B 209 5.05 -46.49 -9.41
CA ASN B 209 5.73 -47.08 -8.28
C ASN B 209 7.20 -46.89 -8.53
N ASP B 210 7.79 -45.97 -7.79
CA ASP B 210 9.25 -45.74 -7.76
C ASP B 210 10.06 -46.91 -7.14
N PHE B 211 9.39 -47.82 -6.42
CA PHE B 211 10.09 -48.98 -5.79
C PHE B 211 9.72 -50.42 -6.29
N ASN B 212 9.64 -50.59 -7.59
CA ASN B 212 9.29 -51.89 -8.15
C ASN B 212 10.27 -52.97 -7.69
N LEU B 213 11.56 -52.75 -7.93
CA LEU B 213 12.57 -53.77 -7.64
C LEU B 213 12.57 -54.18 -6.17
N ALA B 214 12.33 -53.21 -5.30
CA ALA B 214 12.27 -53.51 -3.88
C ALA B 214 10.99 -54.26 -3.56
N SER B 215 9.89 -53.83 -4.15
CA SER B 215 8.62 -54.54 -4.01
C SER B 215 8.69 -56.00 -4.44
N ASP B 216 9.49 -56.25 -5.49
CA ASP B 216 9.81 -57.64 -5.95
C ASP B 216 10.65 -58.39 -4.91
N LEU B 217 11.65 -57.74 -4.36
CA LEU B 217 12.57 -58.40 -3.48
C LEU B 217 12.01 -58.76 -2.12
N MET B 218 11.12 -57.91 -1.61
CA MET B 218 10.58 -58.03 -0.26
C MET B 218 9.57 -59.18 -0.16
N GLU B 219 9.01 -59.58 -1.29
CA GLU B 219 7.86 -60.49 -1.30
C GLU B 219 7.89 -61.65 -0.27
N PRO B 220 9.05 -62.33 -0.10
CA PRO B 220 9.08 -63.49 0.79
C PRO B 220 8.95 -63.17 2.24
N PHE B 221 8.99 -61.89 2.60
CA PHE B 221 9.08 -61.48 3.99
C PHE B 221 7.77 -61.05 4.55
N ARG B 222 6.85 -60.68 3.65
CA ARG B 222 5.54 -60.18 4.02
C ARG B 222 4.87 -61.03 5.11
N PRO B 223 4.92 -62.35 4.98
CA PRO B 223 4.24 -63.20 5.97
C PRO B 223 4.72 -62.96 7.38
N LEU B 224 5.96 -62.53 7.54
CA LEU B 224 6.38 -62.08 8.86
C LEU B 224 5.42 -61.02 9.42
N VAL B 225 5.18 -59.99 8.63
CA VAL B 225 4.18 -58.97 8.97
C VAL B 225 2.83 -59.62 9.28
N ASP B 226 2.43 -60.52 8.40
CA ASP B 226 1.11 -61.15 8.49
C ASP B 226 0.90 -61.94 9.78
N GLN B 227 1.98 -62.57 10.25
CA GLN B 227 1.90 -63.27 11.48
C GLN B 227 1.50 -62.27 12.58
N ILE B 228 2.35 -61.27 12.80
CA ILE B 228 2.15 -60.32 13.89
C ILE B 228 0.74 -59.79 13.78
N ILE B 229 0.40 -59.26 12.62
CA ILE B 229 -0.88 -58.61 12.40
C ILE B 229 -2.04 -59.54 12.67
N TYR B 230 -1.88 -60.82 12.30
CA TYR B 230 -2.91 -61.85 12.53
C TYR B 230 -3.05 -62.14 14.02
N GLU B 231 -1.92 -62.39 14.67
CA GLU B 231 -1.90 -62.58 16.10
C GLU B 231 -2.54 -61.39 16.86
N ASN B 232 -2.48 -60.18 16.29
CA ASN B 232 -3.18 -59.02 16.87
C ASN B 232 -4.37 -58.60 16.03
N ARG B 233 -4.93 -59.49 15.21
CA ARG B 233 -5.98 -59.11 14.25
C ARG B 233 -7.14 -58.44 14.89
N LYS B 234 -7.48 -58.91 16.11
CA LYS B 234 -8.48 -58.26 16.99
C LYS B 234 -8.09 -56.78 17.34
N GLU B 235 -6.85 -56.56 17.78
CA GLU B 235 -6.40 -55.31 18.45
C GLU B 235 -6.56 -53.99 17.61
N ALA B 236 -6.76 -52.89 18.34
CA ALA B 236 -6.84 -51.53 17.76
C ALA B 236 -5.52 -51.19 17.12
N PHE B 237 -5.59 -50.45 16.02
CA PHE B 237 -4.44 -50.23 15.13
C PHE B 237 -3.16 -49.85 15.85
N PRO B 238 -3.16 -48.82 16.72
CA PRO B 238 -1.97 -48.45 17.54
C PRO B 238 -1.25 -49.58 18.27
N ILE B 239 -2.00 -50.56 18.76
CA ILE B 239 -1.43 -51.80 19.33
C ILE B 239 -0.67 -52.59 18.24
N MET B 240 -1.31 -52.74 17.08
CA MET B 240 -0.68 -53.45 15.94
C MET B 240 0.70 -52.81 15.62
N LYS B 241 0.71 -51.48 15.52
CA LYS B 241 1.94 -50.66 15.28
C LYS B 241 3.12 -51.07 16.16
N ARG B 242 2.90 -51.11 17.47
CA ARG B 242 3.98 -51.36 18.42
C ARG B 242 4.50 -52.79 18.28
N LYS B 243 3.57 -53.70 18.03
CA LYS B 243 3.88 -55.12 17.91
C LYS B 243 4.69 -55.47 16.66
N LEU B 244 4.46 -54.70 15.58
CA LEU B 244 5.24 -54.83 14.35
C LEU B 244 6.69 -54.51 14.61
N PHE B 245 7.02 -53.54 15.47
CA PHE B 245 8.45 -53.17 15.68
C PHE B 245 9.31 -54.39 16.12
N ALA B 246 8.63 -55.40 16.66
CA ALA B 246 9.18 -56.77 16.88
C ALA B 246 10.18 -57.22 15.78
N LEU B 247 9.82 -56.93 14.53
CA LEU B 247 10.62 -57.28 13.37
C LEU B 247 12.11 -56.92 13.54
N PHE B 248 12.39 -55.75 14.09
CA PHE B 248 13.77 -55.29 14.29
C PHE B 248 14.38 -55.83 15.56
N MET B 249 13.57 -55.93 16.61
CA MET B 249 13.96 -56.54 17.91
C MET B 249 14.40 -58.02 17.77
N ASN B 250 13.68 -58.75 16.92
CA ASN B 250 13.73 -60.22 16.87
C ASN B 250 14.81 -60.75 15.96
N THR B 251 14.95 -62.09 16.00
CA THR B 251 15.86 -62.87 15.16
C THR B 251 15.12 -63.96 14.42
N TYR B 252 15.66 -64.32 13.26
CA TYR B 252 15.02 -65.32 12.38
C TYR B 252 16.04 -66.26 11.76
N MET B 253 15.62 -67.51 11.54
CA MET B 253 16.51 -68.54 10.96
C MET B 253 16.66 -68.28 9.46
N TYR B 254 17.80 -67.76 9.07
CA TYR B 254 17.99 -67.37 7.66
C TYR B 254 18.90 -68.38 6.93
N LYS B 255 20.13 -68.51 7.44
CA LYS B 255 21.10 -69.40 6.83
C LYS B 255 21.75 -70.31 7.88
N LYS B 256 20.92 -71.08 8.58
CA LYS B 256 21.40 -71.86 9.73
C LYS B 256 21.91 -70.97 10.88
N LYS B 257 21.97 -69.66 10.65
CA LYS B 257 22.32 -68.67 11.66
C LYS B 257 20.99 -68.08 12.08
N GLN B 258 20.85 -67.85 13.40
CA GLN B 258 19.81 -66.96 13.95
C GLN B 258 20.29 -65.52 13.77
N MET B 259 19.69 -64.78 12.83
CA MET B 259 20.16 -63.42 12.54
C MET B 259 19.08 -62.34 12.73
N PHE B 260 19.53 -61.13 13.07
CA PHE B 260 18.65 -59.96 13.10
C PHE B 260 18.12 -59.66 11.71
N LEU B 261 17.01 -58.95 11.63
CA LEU B 261 16.39 -58.74 10.34
C LEU B 261 17.12 -57.82 9.30
N THR B 262 17.60 -56.64 9.68
CA THR B 262 18.24 -55.77 8.68
C THR B 262 19.47 -56.46 8.13
N ASN B 263 20.18 -57.13 9.04
CA ASN B 263 21.39 -57.86 8.70
C ASN B 263 21.06 -58.98 7.72
N ILE B 264 19.90 -59.63 7.88
CA ILE B 264 19.41 -60.61 6.92
C ILE B 264 19.24 -59.94 5.57
N ALA B 265 18.38 -58.94 5.52
CA ALA B 265 18.08 -58.27 4.27
C ALA B 265 19.33 -57.74 3.53
N THR B 266 20.33 -57.30 4.30
CA THR B 266 21.61 -56.88 3.75
C THR B 266 22.11 -58.01 2.87
N ASP B 267 22.44 -59.14 3.52
CA ASP B 267 23.03 -60.33 2.86
C ASP B 267 22.10 -60.88 1.78
N TYR B 268 20.83 -60.92 2.10
CA TYR B 268 19.82 -61.40 1.18
C TYR B 268 19.85 -60.59 -0.09
N THR B 269 19.66 -59.29 0.00
CA THR B 269 19.67 -58.41 -1.15
C THR B 269 20.95 -58.54 -1.96
N LYS B 270 22.11 -58.48 -1.29
CA LYS B 270 23.43 -58.54 -1.96
C LYS B 270 23.54 -59.78 -2.82
N HIS B 271 23.31 -60.94 -2.19
CA HIS B 271 23.42 -62.23 -2.87
C HIS B 271 22.35 -62.43 -3.98
N VAL B 272 21.26 -61.69 -3.95
CA VAL B 272 20.29 -61.71 -5.06
C VAL B 272 20.83 -60.97 -6.26
N VAL B 273 21.31 -59.76 -5.99
CA VAL B 273 21.91 -58.90 -7.01
C VAL B 273 23.04 -59.64 -7.66
N LYS B 274 23.91 -60.19 -6.81
CA LYS B 274 25.04 -60.96 -7.29
C LYS B 274 24.61 -61.98 -8.36
N VAL B 275 23.52 -62.70 -8.11
CA VAL B 275 23.00 -63.69 -9.06
C VAL B 275 22.55 -63.04 -10.36
N LEU B 276 21.90 -61.91 -10.26
CA LEU B 276 21.35 -61.26 -11.45
C LEU B 276 22.45 -60.73 -12.41
N ASN B 277 23.56 -60.32 -11.82
CA ASN B 277 24.75 -59.97 -12.55
C ASN B 277 25.44 -61.23 -13.01
N GLN B 278 25.05 -62.36 -12.43
CA GLN B 278 25.58 -63.70 -12.76
C GLN B 278 26.94 -63.94 -12.12
N GLU B 279 27.26 -63.18 -11.08
CA GLU B 279 28.48 -63.38 -10.29
C GLU B 279 28.40 -64.65 -9.41
N GLU B 280 27.16 -65.14 -9.16
CA GLU B 280 26.98 -66.46 -8.55
C GLU B 280 25.60 -67.07 -8.92
N GLU B 281 25.51 -68.39 -8.75
CA GLU B 281 24.20 -69.01 -8.65
C GLU B 281 23.96 -69.46 -7.18
N GLY B 282 22.73 -69.88 -6.90
CA GLY B 282 22.30 -70.09 -5.53
C GLY B 282 21.61 -68.82 -5.13
N VAL B 283 20.31 -68.77 -5.33
CA VAL B 283 19.57 -67.62 -4.86
C VAL B 283 19.44 -67.80 -3.35
N PRO B 284 19.44 -66.70 -2.59
CA PRO B 284 19.20 -66.86 -1.17
C PRO B 284 17.78 -67.31 -0.97
N GLU B 285 17.58 -68.03 0.12
CA GLU B 285 16.27 -68.49 0.51
C GLU B 285 15.97 -68.05 1.93
N PHE B 286 14.68 -67.77 2.16
CA PHE B 286 14.23 -67.32 3.45
C PHE B 286 12.96 -68.01 3.82
N GLY B 287 12.97 -68.62 4.99
CA GLY B 287 11.91 -69.47 5.39
C GLY B 287 11.47 -69.04 6.74
N ILE B 288 10.19 -68.80 6.85
CA ILE B 288 9.59 -68.47 8.15
C ILE B 288 9.41 -69.73 8.93
N MET C 1 -7.64 22.35 -3.18
CA MET C 1 -8.30 23.60 -2.76
C MET C 1 -9.32 23.11 -1.78
N GLY C 2 -10.56 22.93 -2.22
CA GLY C 2 -11.55 22.12 -1.52
C GLY C 2 -12.44 21.70 -2.64
N TRP C 3 -12.94 20.49 -2.60
CA TRP C 3 -13.67 19.88 -3.74
C TRP C 3 -15.14 19.37 -3.51
N ARG C 4 -15.57 19.22 -2.27
CA ARG C 4 -16.82 18.53 -1.97
C ARG C 4 -17.96 19.51 -1.88
N THR C 5 -19.14 19.05 -2.24
CA THR C 5 -20.33 19.84 -2.10
C THR C 5 -21.26 19.09 -1.17
N VAL C 6 -21.30 19.49 0.09
CA VAL C 6 -21.98 18.70 1.11
C VAL C 6 -23.38 19.22 1.32
N VAL C 7 -24.36 18.33 1.14
CA VAL C 7 -25.79 18.69 1.15
C VAL C 7 -26.53 17.98 2.26
N VAL C 8 -27.24 18.75 3.07
CA VAL C 8 -27.89 18.23 4.26
C VAL C 8 -29.35 18.40 4.10
N ASN C 9 -30.10 17.32 4.32
CA ASN C 9 -31.57 17.38 4.34
C ASN C 9 -32.17 16.42 5.37
N LYS C 10 -31.49 16.19 6.46
CA LYS C 10 -32.00 15.28 7.44
C LYS C 10 -31.93 15.96 8.79
N HIS C 11 -32.93 15.70 9.64
CA HIS C 11 -32.98 16.30 10.98
C HIS C 11 -31.72 15.94 11.74
N SER C 12 -30.89 16.93 12.06
CA SER C 12 -29.49 16.68 12.46
C SER C 12 -28.82 17.85 13.13
N LYS C 13 -27.72 17.56 13.82
CA LYS C 13 -26.85 18.54 14.50
C LYS C 13 -25.45 18.59 13.88
N LEU C 14 -25.05 19.75 13.39
CA LEU C 14 -23.69 19.94 12.86
C LEU C 14 -22.76 20.57 13.92
N SER C 15 -21.52 20.12 13.97
CA SER C 15 -20.56 20.53 14.98
C SER C 15 -19.22 20.53 14.38
N TYR C 16 -18.24 20.96 15.15
CA TYR C 16 -16.84 20.98 14.72
C TYR C 16 -16.01 20.16 15.66
N LYS C 17 -15.02 19.48 15.08
CA LYS C 17 -13.99 18.74 15.84
C LYS C 17 -12.75 18.48 15.00
N ASN C 18 -11.59 18.74 15.59
CA ASN C 18 -10.33 18.41 14.98
C ASN C 18 -10.31 18.64 13.48
N ASN C 19 -10.71 19.82 13.06
CA ASN C 19 -10.67 20.21 11.66
C ASN C 19 -11.71 19.53 10.80
N HIS C 20 -12.61 18.79 11.47
CA HIS C 20 -13.65 18.05 10.78
C HIS C 20 -15.00 18.69 11.04
N LEU C 21 -15.81 18.83 10.00
CA LEU C 21 -17.23 19.03 10.16
C LEU C 21 -17.81 17.74 10.75
N VAL C 22 -18.68 17.88 11.72
CA VAL C 22 -19.31 16.74 12.37
C VAL C 22 -20.79 16.70 12.12
N PHE C 23 -21.24 15.63 11.48
CA PHE C 23 -22.65 15.43 11.19
C PHE C 23 -23.23 14.34 12.08
N LYS C 24 -24.21 14.71 12.90
CA LYS C 24 -24.99 13.74 13.66
C LYS C 24 -26.43 13.73 13.18
N ALA C 25 -26.87 12.58 12.66
CA ALA C 25 -28.30 12.25 12.61
C ALA C 25 -28.57 11.28 13.73
N ILE C 26 -29.82 10.86 13.90
CA ILE C 26 -30.13 9.93 15.00
C ILE C 26 -29.32 8.61 14.95
N ASP C 27 -29.32 7.96 13.80
CA ASP C 27 -28.74 6.63 13.67
C ASP C 27 -27.35 6.78 13.10
N HIS C 28 -27.31 7.51 11.99
CA HIS C 28 -26.17 7.66 11.16
C HIS C 28 -25.27 8.75 11.75
N GLN C 29 -24.01 8.74 11.37
CA GLN C 29 -23.05 9.76 11.77
C GLN C 29 -21.85 9.80 10.81
N GLU C 30 -21.32 11.01 10.60
CA GLU C 30 -20.26 11.25 9.62
C GLU C 30 -19.35 12.35 10.10
N LEU C 31 -18.07 12.19 9.88
CA LEU C 31 -17.15 13.27 9.96
C LEU C 31 -16.52 13.51 8.61
N ILE C 32 -16.24 14.75 8.34
CA ILE C 32 -15.66 15.18 7.06
C ILE C 32 -14.68 16.34 7.27
N HIS C 33 -13.45 16.15 6.76
CA HIS C 33 -12.40 17.14 6.95
C HIS C 33 -12.84 18.34 6.15
N LEU C 34 -12.66 19.53 6.74
CA LEU C 34 -13.08 20.78 6.12
C LEU C 34 -12.25 21.14 4.88
N SER C 35 -10.94 20.92 4.95
CA SER C 35 -10.07 21.12 3.78
C SER C 35 -10.67 20.57 2.48
N GLU C 36 -11.34 19.42 2.58
CA GLU C 36 -11.97 18.77 1.43
C GLU C 36 -13.20 19.52 0.90
N ILE C 37 -13.91 20.20 1.78
CA ILE C 37 -15.21 20.79 1.44
C ILE C 37 -15.07 22.10 0.66
N ASP C 38 -15.94 22.22 -0.35
CA ASP C 38 -16.08 23.42 -1.21
C ASP C 38 -17.41 24.16 -0.94
N VAL C 39 -18.46 23.41 -0.71
CA VAL C 39 -19.75 24.04 -0.46
C VAL C 39 -20.56 23.31 0.61
N LEU C 40 -21.22 24.07 1.47
CA LEU C 40 -22.24 23.51 2.39
C LEU C 40 -23.66 24.01 2.02
N LEU C 41 -24.53 23.12 1.50
CA LEU C 41 -25.98 23.41 1.35
C LEU C 41 -26.74 22.84 2.54
N LEU C 42 -27.46 23.71 3.24
CA LEU C 42 -28.47 23.31 4.24
C LEU C 42 -29.87 23.42 3.61
N GLU C 43 -30.39 22.28 3.15
CA GLU C 43 -31.67 22.24 2.46
C GLU C 43 -32.83 22.49 3.38
N THR C 44 -32.82 21.83 4.51
CA THR C 44 -33.99 21.77 5.36
C THR C 44 -33.95 22.75 6.51
N THR C 45 -35.09 22.82 7.20
CA THR C 45 -35.29 23.69 8.35
C THR C 45 -35.25 22.92 9.69
N ASP C 46 -34.75 21.68 9.64
CA ASP C 46 -34.63 20.81 10.86
C ASP C 46 -33.15 20.59 11.31
N ILE C 47 -32.30 21.54 10.95
CA ILE C 47 -30.86 21.43 11.13
C ILE C 47 -30.32 22.37 12.23
N SER C 48 -29.50 21.83 13.12
CA SER C 48 -28.84 22.58 14.17
C SER C 48 -27.35 22.67 13.84
N LEU C 49 -26.71 23.79 14.18
CA LEU C 49 -25.27 23.92 13.98
C LEU C 49 -24.64 24.90 14.95
N THR C 50 -23.32 24.77 15.17
CA THR C 50 -22.58 25.59 16.16
C THR C 50 -21.88 26.82 15.59
N THR C 51 -21.67 27.82 16.46
CA THR C 51 -21.05 29.07 16.03
C THR C 51 -19.57 28.84 15.65
N MET C 52 -18.98 27.93 16.41
CA MET C 52 -17.61 27.56 16.16
C MET C 52 -17.55 26.99 14.76
N LEU C 53 -18.48 26.08 14.44
CA LEU C 53 -18.48 25.47 13.12
C LEU C 53 -18.40 26.56 12.07
N LEU C 54 -19.37 27.47 12.18
CA LEU C 54 -19.46 28.61 11.26
C LEU C 54 -18.15 29.39 11.16
N LYS C 55 -17.53 29.67 12.32
CA LYS C 55 -16.26 30.36 12.28
C LYS C 55 -15.33 29.62 11.30
N ARG C 56 -15.19 28.32 11.54
CA ARG C 56 -14.21 27.49 10.86
C ARG C 56 -14.64 27.30 9.43
N LEU C 57 -15.95 27.21 9.21
CA LEU C 57 -16.49 27.19 7.87
C LEU C 57 -16.15 28.45 7.08
N ILE C 58 -16.14 29.60 7.77
CA ILE C 58 -15.67 30.84 7.20
C ILE C 58 -14.16 30.83 7.01
N ASP C 59 -13.42 30.31 7.99
CA ASP C 59 -11.96 30.33 7.95
C ASP C 59 -11.45 29.70 6.68
N GLU C 60 -12.10 28.58 6.31
CA GLU C 60 -11.90 27.97 4.99
C GLU C 60 -12.82 28.71 4.03
N LYS C 61 -12.56 28.61 2.74
CA LYS C 61 -13.30 29.45 1.76
C LYS C 61 -14.75 29.02 1.53
N ILE C 62 -15.28 28.25 2.47
CA ILE C 62 -16.46 27.44 2.21
C ILE C 62 -17.72 28.27 2.05
N LEU C 63 -18.36 28.06 0.92
CA LEU C 63 -19.62 28.69 0.63
C LEU C 63 -20.76 27.97 1.36
N VAL C 64 -21.37 28.68 2.31
CA VAL C 64 -22.55 28.17 2.99
C VAL C 64 -23.85 28.81 2.45
N LEU C 65 -24.86 27.96 2.24
CA LEU C 65 -26.17 28.37 1.72
C LEU C 65 -27.30 27.91 2.58
N PHE C 66 -28.30 28.78 2.70
CA PHE C 66 -29.42 28.58 3.62
C PHE C 66 -30.74 28.52 2.89
N CYS C 67 -31.67 27.75 3.45
CA CYS C 67 -32.86 27.42 2.67
C CYS C 67 -34.17 27.53 3.42
N ASP C 68 -35.16 27.95 2.64
CA ASP C 68 -36.58 28.03 2.89
C ASP C 68 -37.19 26.73 3.37
N ASP C 69 -38.39 26.82 3.97
CA ASP C 69 -39.28 25.66 4.21
C ASP C 69 -39.48 24.76 2.96
N LYS C 70 -39.52 25.40 1.78
CA LYS C 70 -39.69 24.71 0.50
C LYS C 70 -38.38 24.36 -0.17
N ARG C 71 -37.30 24.32 0.61
CA ARG C 71 -35.97 23.94 0.08
C ARG C 71 -35.41 24.83 -1.08
N LEU C 72 -35.68 26.13 -0.98
CA LEU C 72 -35.12 27.10 -1.91
C LEU C 72 -34.08 27.96 -1.21
N PRO C 73 -33.00 28.32 -1.93
CA PRO C 73 -31.99 29.15 -1.32
C PRO C 73 -32.62 30.50 -1.03
N ILE C 74 -32.53 30.95 0.20
CA ILE C 74 -32.99 32.27 0.61
C ILE C 74 -31.80 33.18 0.94
N GLY C 75 -30.70 32.54 1.31
CA GLY C 75 -29.50 33.30 1.67
C GLY C 75 -28.17 32.55 1.70
N LYS C 76 -27.12 33.35 1.84
CA LYS C 76 -25.72 32.93 1.97
C LYS C 76 -25.02 33.65 3.11
N ILE C 77 -23.93 33.06 3.58
CA ILE C 77 -23.00 33.69 4.53
C ILE C 77 -22.04 34.61 3.77
N LEU C 78 -21.81 35.80 4.33
CA LEU C 78 -20.97 36.81 3.70
C LEU C 78 -19.90 37.20 4.69
N PRO C 79 -18.68 36.72 4.49
CA PRO C 79 -17.59 37.13 5.36
C PRO C 79 -17.12 38.57 5.03
N PHE C 80 -16.61 39.26 6.05
CA PHE C 80 -16.13 40.63 5.87
C PHE C 80 -14.71 40.65 5.31
N TYR C 81 -13.88 39.80 5.95
CA TYR C 81 -12.42 39.82 5.81
C TYR C 81 -11.94 38.59 5.05
N GLY C 82 -11.92 38.77 3.72
CA GLY C 82 -11.51 37.74 2.77
C GLY C 82 -10.03 37.60 2.53
N ARG C 83 -9.22 38.44 3.18
CA ARG C 83 -7.77 38.47 3.00
C ARG C 83 -7.04 38.94 4.25
N HIS C 84 -5.72 38.91 4.20
CA HIS C 84 -4.94 39.58 5.20
C HIS C 84 -5.17 41.09 5.06
N ASP C 85 -5.23 41.56 3.80
CA ASP C 85 -5.26 42.99 3.47
C ASP C 85 -6.52 43.45 2.75
N SER C 86 -7.69 43.08 3.26
CA SER C 86 -8.99 43.57 2.76
C SER C 86 -8.97 45.03 2.34
N SER C 87 -8.47 45.87 3.22
CA SER C 87 -8.42 47.33 3.03
C SER C 87 -7.70 47.76 1.74
N LEU C 88 -6.57 47.18 1.46
CA LEU C 88 -5.84 47.56 0.26
C LEU C 88 -6.71 47.52 -1.00
N GLN C 89 -7.36 46.38 -1.23
CA GLN C 89 -8.14 46.15 -2.44
C GLN C 89 -9.46 46.95 -2.50
N LEU C 90 -9.94 47.37 -1.35
CA LEU C 90 -11.16 48.19 -1.30
C LEU C 90 -10.89 49.59 -1.85
N THR C 91 -9.80 50.22 -1.41
CA THR C 91 -9.44 51.56 -1.87
C THR C 91 -9.28 51.66 -3.42
N ARG C 92 -8.76 50.60 -4.02
CA ARG C 92 -8.64 50.47 -5.49
C ARG C 92 -9.98 50.33 -6.18
N GLN C 93 -10.86 49.57 -5.55
CA GLN C 93 -12.21 49.42 -6.05
C GLN C 93 -12.88 50.79 -6.14
N LEU C 94 -12.62 51.64 -5.15
CA LEU C 94 -13.23 52.94 -5.09
C LEU C 94 -12.62 53.86 -6.12
N ALA C 95 -11.32 53.68 -6.39
CA ALA C 95 -10.62 54.42 -7.43
C ALA C 95 -10.95 54.00 -8.85
N TRP C 96 -11.92 53.10 -9.00
CA TRP C 96 -12.34 52.61 -10.30
C TRP C 96 -13.06 53.63 -11.12
N THR C 97 -12.51 53.91 -12.30
CA THR C 97 -13.06 54.97 -13.16
C THR C 97 -14.41 54.55 -13.72
N GLU C 98 -15.26 55.54 -13.96
CA GLU C 98 -16.51 55.30 -14.65
C GLU C 98 -16.27 54.68 -16.01
N GLU C 99 -15.32 55.22 -16.78
CA GLU C 99 -15.09 54.74 -18.13
C GLU C 99 -14.67 53.26 -18.15
N ARG C 100 -13.63 52.91 -17.39
CA ARG C 100 -13.17 51.51 -17.33
C ARG C 100 -14.33 50.56 -16.99
N LYS C 101 -15.02 50.84 -15.89
CA LYS C 101 -16.22 50.10 -15.49
C LYS C 101 -17.07 49.71 -16.68
N GLY C 102 -17.36 50.68 -17.53
CA GLY C 102 -18.10 50.46 -18.77
C GLY C 102 -17.45 49.44 -19.70
N GLN C 103 -16.23 49.72 -20.16
CA GLN C 103 -15.46 48.83 -21.09
C GLN C 103 -15.55 47.37 -20.61
N VAL C 104 -15.26 47.19 -19.32
CA VAL C 104 -15.18 45.88 -18.69
C VAL C 104 -16.53 45.25 -18.61
N TRP C 105 -17.50 46.02 -18.13
CA TRP C 105 -18.88 45.53 -18.00
C TRP C 105 -19.38 45.12 -19.37
N THR C 106 -19.12 45.96 -20.36
CA THR C 106 -19.60 45.68 -21.70
C THR C 106 -18.88 44.46 -22.33
N ALA C 107 -17.60 44.30 -22.03
CA ALA C 107 -16.86 43.11 -22.46
C ALA C 107 -17.49 41.82 -21.99
N ILE C 108 -17.92 41.83 -20.72
CA ILE C 108 -18.58 40.69 -20.07
C ILE C 108 -19.91 40.42 -20.75
N ILE C 109 -20.75 41.43 -20.88
CA ILE C 109 -22.05 41.27 -21.50
C ILE C 109 -21.87 40.73 -22.89
N ALA C 110 -20.80 41.12 -23.58
CA ALA C 110 -20.49 40.54 -24.90
C ALA C 110 -20.38 39.01 -24.80
N GLN C 111 -19.55 38.56 -23.87
CA GLN C 111 -19.43 37.14 -23.57
C GLN C 111 -20.80 36.48 -23.29
N LYS C 112 -21.65 37.15 -22.49
CA LYS C 112 -23.00 36.64 -22.18
C LYS C 112 -23.77 36.28 -23.47
N ILE C 113 -23.78 37.21 -24.41
CA ILE C 113 -24.53 37.04 -25.65
C ILE C 113 -23.84 36.02 -26.58
N THR C 114 -22.49 36.02 -26.65
CA THR C 114 -21.72 35.00 -27.43
C THR C 114 -22.12 33.60 -26.98
N ASN C 115 -22.12 33.40 -25.66
CA ASN C 115 -22.51 32.13 -25.06
C ASN C 115 -23.97 31.83 -25.30
N GLN C 116 -24.80 32.85 -25.34
CA GLN C 116 -26.24 32.65 -25.59
C GLN C 116 -26.47 32.10 -27.01
N SER C 117 -25.82 32.70 -27.99
CA SER C 117 -25.90 32.20 -29.39
C SER C 117 -25.38 30.78 -29.55
N LEU C 118 -24.17 30.53 -29.00
CA LEU C 118 -23.55 29.19 -29.00
C LEU C 118 -24.51 28.11 -28.44
N HIS C 119 -25.28 28.47 -27.40
CA HIS C 119 -26.28 27.56 -26.84
C HIS C 119 -27.39 27.32 -27.84
N LEU C 120 -27.86 28.40 -28.45
CA LEU C 120 -28.86 28.31 -29.53
C LEU C 120 -28.36 27.45 -30.68
N ALA C 121 -27.12 27.69 -31.12
CA ALA C 121 -26.50 26.87 -32.20
C ALA C 121 -26.47 25.40 -31.84
N GLN C 122 -26.20 25.13 -30.56
CA GLN C 122 -26.20 23.76 -30.02
C GLN C 122 -27.52 23.03 -30.06
N ARG C 123 -28.62 23.78 -29.92
CA ARG C 123 -29.96 23.20 -30.05
C ARG C 123 -30.52 23.29 -31.49
N ASP C 124 -29.66 23.48 -32.49
CA ASP C 124 -30.06 23.46 -33.91
C ASP C 124 -30.76 24.77 -34.42
N TYR C 125 -30.70 25.89 -33.68
CA TYR C 125 -31.23 27.19 -34.15
C TYR C 125 -30.09 27.98 -34.80
N GLY C 126 -29.57 27.42 -35.90
CA GLY C 126 -28.47 28.03 -36.67
C GLY C 126 -28.66 29.54 -36.87
N GLN C 127 -29.91 29.96 -37.10
CA GLN C 127 -30.24 31.36 -37.51
C GLN C 127 -30.45 32.37 -36.38
N LYS C 128 -31.04 31.91 -35.28
CA LYS C 128 -31.26 32.78 -34.14
C LYS C 128 -29.93 33.04 -33.44
N ALA C 129 -29.06 32.01 -33.41
CA ALA C 129 -27.70 32.15 -32.91
C ALA C 129 -27.05 33.33 -33.61
N ALA C 130 -26.99 33.25 -34.94
CA ALA C 130 -26.46 34.31 -35.81
C ALA C 130 -27.13 35.67 -35.55
N ALA C 131 -28.46 35.65 -35.43
CA ALA C 131 -29.24 36.86 -35.14
C ALA C 131 -28.85 37.52 -33.83
N LEU C 132 -28.42 36.72 -32.88
CA LEU C 132 -27.92 37.24 -31.63
C LEU C 132 -26.55 37.89 -31.80
N LEU C 133 -25.68 37.25 -32.58
CA LEU C 133 -24.32 37.81 -32.85
C LEU C 133 -24.40 39.20 -33.50
N ALA C 134 -25.47 39.42 -34.25
CA ALA C 134 -25.76 40.74 -34.77
C ALA C 134 -26.02 41.74 -33.66
N MET C 135 -26.95 41.42 -32.77
CA MET C 135 -27.25 42.28 -31.62
C MET C 135 -25.98 42.64 -30.86
N ARG C 136 -25.12 41.63 -30.66
CA ARG C 136 -23.83 41.81 -30.03
C ARG C 136 -23.00 42.87 -30.75
N ALA C 137 -22.76 42.64 -32.04
CA ALA C 137 -21.97 43.54 -32.86
C ALA C 137 -22.41 45.02 -32.70
N GLU C 138 -23.72 45.25 -32.63
CA GLU C 138 -24.29 46.61 -32.66
C GLU C 138 -24.57 47.19 -31.28
N LEU C 139 -23.61 47.12 -30.35
CA LEU C 139 -23.76 47.80 -29.04
C LEU C 139 -22.61 48.73 -28.57
N ARG C 140 -22.96 49.63 -27.64
CA ARG C 140 -22.00 50.58 -27.00
C ARG C 140 -22.09 50.62 -25.47
N LEU C 141 -21.08 51.23 -24.87
CA LEU C 141 -20.85 51.19 -23.43
C LEU C 141 -22.15 51.29 -22.60
N PHE C 142 -22.30 50.40 -21.62
CA PHE C 142 -23.50 50.30 -20.75
C PHE C 142 -24.80 50.06 -21.53
N ASP C 143 -24.65 49.35 -22.65
CA ASP C 143 -25.77 48.89 -23.48
C ASP C 143 -27.00 49.81 -23.44
N PRO C 144 -26.81 51.09 -23.82
CA PRO C 144 -27.87 52.08 -23.64
C PRO C 144 -29.23 51.73 -24.31
N ALA C 145 -29.19 51.13 -25.52
CA ALA C 145 -30.40 50.64 -26.24
C ALA C 145 -30.79 49.18 -25.90
N ASN C 146 -30.41 48.75 -24.69
CA ASN C 146 -30.77 47.45 -24.08
C ASN C 146 -30.76 46.27 -25.05
N ARG C 147 -29.67 46.11 -25.78
CA ARG C 147 -29.52 44.98 -26.68
C ARG C 147 -29.32 43.65 -25.93
N GLU C 148 -28.68 43.69 -24.76
CA GLU C 148 -28.65 42.55 -23.81
C GLU C 148 -30.06 41.98 -23.59
N GLY C 149 -31.01 42.90 -23.36
CA GLY C 149 -32.42 42.57 -23.19
C GLY C 149 -33.08 41.98 -24.43
N HIS C 150 -32.75 42.50 -25.62
CA HIS C 150 -33.38 42.04 -26.89
C HIS C 150 -32.88 40.65 -27.33
N ALA C 151 -31.60 40.40 -27.06
CA ALA C 151 -31.00 39.08 -27.25
C ALA C 151 -31.66 38.08 -26.31
N ALA C 152 -31.68 38.44 -25.03
CA ALA C 152 -32.28 37.62 -23.99
C ALA C 152 -33.73 37.23 -24.29
N ARG C 153 -34.54 38.13 -24.83
CA ARG C 153 -35.93 37.81 -25.12
C ARG C 153 -36.06 36.74 -26.20
N SER C 154 -35.40 36.95 -27.34
CA SER C 154 -35.40 35.95 -28.45
C SER C 154 -34.73 34.66 -28.05
N TYR C 155 -33.79 34.74 -27.10
CA TYR C 155 -33.13 33.58 -26.52
C TYR C 155 -34.17 32.70 -25.84
N PHE C 156 -34.92 33.26 -24.89
CA PHE C 156 -35.89 32.48 -24.13
C PHE C 156 -37.17 32.12 -24.94
N ASN C 157 -37.61 32.98 -25.83
CA ASN C 157 -38.72 32.65 -26.75
C ASN C 157 -38.39 31.56 -27.80
N THR C 158 -37.11 31.46 -28.19
CA THR C 158 -36.69 30.40 -29.14
C THR C 158 -36.55 29.05 -28.42
N LEU C 159 -35.90 29.09 -27.27
CA LEU C 159 -35.70 27.89 -26.43
C LEU C 159 -37.00 27.28 -25.95
N PHE C 160 -37.81 28.09 -25.28
CA PHE C 160 -38.98 27.61 -24.59
C PHE C 160 -40.31 28.09 -25.20
N GLY C 161 -40.24 28.66 -26.40
CA GLY C 161 -41.46 29.01 -27.16
C GLY C 161 -41.86 30.47 -27.01
N ASN C 162 -42.52 30.97 -28.04
CA ASN C 162 -42.92 32.39 -28.13
C ASN C 162 -43.90 32.87 -27.03
N ASP C 163 -44.54 31.96 -26.28
CA ASP C 163 -45.48 32.33 -25.20
C ASP C 163 -44.87 32.19 -23.80
N PHE C 164 -43.61 31.78 -23.72
CA PHE C 164 -42.89 31.78 -22.45
C PHE C 164 -42.44 33.20 -22.10
N THR C 165 -42.46 33.57 -20.82
CA THR C 165 -42.03 34.95 -20.39
C THR C 165 -40.64 35.09 -19.76
N ARG C 166 -40.35 34.24 -18.78
CA ARG C 166 -39.29 34.47 -17.79
C ARG C 166 -39.75 35.24 -16.53
N GLU C 167 -41.00 35.72 -16.49
CA GLU C 167 -41.60 36.37 -15.32
C GLU C 167 -42.61 35.44 -14.63
N GLN C 168 -43.15 34.51 -15.42
CA GLN C 168 -44.17 33.54 -14.99
C GLN C 168 -43.61 32.52 -14.03
N GLU C 169 -44.44 32.11 -13.08
CA GLU C 169 -44.00 31.18 -12.02
C GLU C 169 -44.28 29.71 -12.37
N ASN C 170 -43.25 29.07 -12.98
CA ASN C 170 -43.32 27.67 -13.43
C ASN C 170 -42.07 26.87 -13.03
N ASP C 171 -42.03 25.58 -13.37
CA ASP C 171 -40.88 24.77 -13.00
C ASP C 171 -39.61 25.17 -13.74
N ILE C 172 -39.76 25.73 -14.92
CA ILE C 172 -38.59 26.22 -15.64
C ILE C 172 -37.96 27.42 -14.92
N ASN C 173 -38.73 28.47 -14.67
CA ASN C 173 -38.16 29.69 -14.08
C ASN C 173 -37.58 29.41 -12.71
N ALA C 174 -38.27 28.63 -11.90
CA ALA C 174 -37.74 28.15 -10.62
C ALA C 174 -36.35 27.53 -10.83
N GLY C 175 -36.27 26.66 -11.82
CA GLY C 175 -35.01 26.00 -12.16
C GLY C 175 -33.86 26.97 -12.50
N LEU C 176 -34.14 27.95 -13.35
CA LEU C 176 -33.08 28.86 -13.75
C LEU C 176 -32.74 29.70 -12.53
N ASN C 177 -33.77 30.14 -11.83
CA ASN C 177 -33.60 30.97 -10.64
C ASN C 177 -32.68 30.35 -9.59
N TYR C 178 -32.99 29.12 -9.23
CA TYR C 178 -32.11 28.29 -8.41
C TYR C 178 -30.68 28.24 -8.97
N GLY C 179 -30.60 27.93 -10.27
CA GLY C 179 -29.33 27.84 -10.96
C GLY C 179 -28.55 29.12 -10.84
N TYR C 180 -29.25 30.22 -11.16
CA TYR C 180 -28.66 31.56 -11.19
C TYR C 180 -28.10 31.98 -9.82
N THR C 181 -28.95 31.86 -8.78
CA THR C 181 -28.54 32.00 -7.38
C THR C 181 -27.20 31.31 -7.08
N LEU C 182 -27.11 30.05 -7.48
CA LEU C 182 -25.89 29.29 -7.27
C LEU C 182 -24.73 30.06 -7.81
N LEU C 183 -24.76 30.36 -9.11
CA LEU C 183 -23.62 31.00 -9.75
C LEU C 183 -23.25 32.29 -9.03
N LEU C 184 -24.28 33.09 -8.69
CA LEU C 184 -24.03 34.39 -8.02
C LEU C 184 -23.23 34.14 -6.75
N SER C 185 -23.68 33.21 -5.92
CA SER C 185 -22.94 32.83 -4.69
C SER C 185 -21.43 32.55 -4.86
N ILE C 186 -21.08 31.87 -5.93
CA ILE C 186 -19.68 31.56 -6.22
C ILE C 186 -18.89 32.84 -6.34
N PHE C 187 -19.41 33.73 -7.18
CA PHE C 187 -18.70 34.96 -7.49
C PHE C 187 -18.68 35.92 -6.31
N ALA C 188 -19.79 35.96 -5.57
CA ALA C 188 -19.84 36.62 -4.26
C ALA C 188 -18.70 36.20 -3.36
N ARG C 189 -18.49 34.91 -3.26
CA ARG C 189 -17.38 34.39 -2.46
C ARG C 189 -15.99 34.83 -2.97
N GLU C 190 -15.73 34.56 -4.24
CA GLU C 190 -14.44 34.85 -4.90
C GLU C 190 -14.11 36.33 -4.89
N LEU C 191 -15.17 37.15 -4.98
CA LEU C 191 -15.01 38.61 -4.89
C LEU C 191 -14.45 39.01 -3.52
N VAL C 192 -15.18 38.66 -2.47
CA VAL C 192 -14.73 38.96 -1.12
C VAL C 192 -13.27 38.56 -0.90
N GLN C 193 -12.97 37.31 -1.28
CA GLN C 193 -11.60 36.78 -1.10
C GLN C 193 -10.59 37.64 -1.88
N THR C 194 -11.02 38.16 -3.03
CA THR C 194 -10.21 39.08 -3.76
C THR C 194 -10.10 40.46 -3.07
N GLY C 195 -11.13 40.82 -2.29
CA GLY C 195 -11.14 42.02 -1.38
C GLY C 195 -12.12 43.13 -1.78
N CYS C 196 -13.22 42.72 -2.42
CA CYS C 196 -14.11 43.65 -3.06
C CYS C 196 -15.45 43.69 -2.36
N PHE C 197 -16.15 44.78 -2.64
CA PHE C 197 -17.55 44.89 -2.28
C PHE C 197 -18.34 44.29 -3.39
N THR C 198 -19.36 43.53 -3.03
CA THR C 198 -20.29 42.95 -3.99
C THR C 198 -21.49 43.86 -4.32
N GLN C 199 -21.67 44.86 -3.45
CA GLN C 199 -22.80 45.77 -3.49
C GLN C 199 -22.62 46.75 -4.62
N LEU C 200 -21.35 47.06 -4.93
CA LEU C 200 -20.98 48.12 -5.89
C LEU C 200 -20.74 47.63 -7.29
N GLY C 201 -21.86 47.45 -7.98
CA GLY C 201 -21.85 46.94 -9.33
C GLY C 201 -21.34 47.93 -10.33
N LEU C 202 -20.96 47.41 -11.49
CA LEU C 202 -20.25 48.20 -12.50
C LEU C 202 -21.14 49.22 -13.17
N LYS C 203 -22.41 48.87 -13.25
CA LYS C 203 -23.43 49.72 -13.86
C LYS C 203 -24.30 50.33 -12.75
N HIS C 204 -24.71 49.49 -11.80
CA HIS C 204 -25.55 49.89 -10.70
C HIS C 204 -24.77 49.66 -9.43
N ALA C 205 -24.53 50.74 -8.69
CA ALA C 205 -24.18 50.65 -7.28
C ALA C 205 -25.37 50.00 -6.59
N ASN C 206 -25.26 49.80 -5.27
CA ASN C 206 -26.22 48.97 -4.53
C ASN C 206 -27.59 49.66 -4.45
N GLN C 207 -28.19 49.85 -5.63
CA GLN C 207 -29.41 50.64 -5.70
C GLN C 207 -30.53 49.73 -5.18
N PHE C 208 -30.61 48.52 -5.74
CA PHE C 208 -31.71 47.58 -5.48
C PHE C 208 -31.26 46.41 -4.61
N ASN C 209 -30.04 45.95 -4.84
CA ASN C 209 -29.51 44.85 -4.07
C ASN C 209 -27.98 44.83 -3.85
N ASP C 210 -27.62 44.14 -2.77
CA ASP C 210 -26.25 44.04 -2.24
C ASP C 210 -25.29 43.09 -2.99
N PHE C 211 -25.72 42.43 -4.06
CA PHE C 211 -24.83 41.53 -4.82
C PHE C 211 -24.80 41.95 -6.26
N ASN C 212 -24.72 43.27 -6.47
CA ASN C 212 -24.71 43.81 -7.82
C ASN C 212 -23.42 43.42 -8.58
N LEU C 213 -22.25 43.62 -7.96
CA LEU C 213 -20.97 43.36 -8.63
C LEU C 213 -20.78 41.88 -9.04
N ALA C 214 -21.35 40.99 -8.24
CA ALA C 214 -21.32 39.58 -8.54
C ALA C 214 -22.30 39.23 -9.62
N SER C 215 -23.49 39.79 -9.54
CA SER C 215 -24.46 39.68 -10.62
C SER C 215 -23.92 40.12 -11.99
N ASP C 216 -23.13 41.20 -12.00
CA ASP C 216 -22.43 41.69 -13.22
C ASP C 216 -21.37 40.67 -13.71
N LEU C 217 -20.66 40.07 -12.77
CA LEU C 217 -19.54 39.17 -13.10
C LEU C 217 -19.98 37.79 -13.63
N MET C 218 -21.10 37.30 -13.12
CA MET C 218 -21.58 35.97 -13.42
C MET C 218 -22.27 35.89 -14.76
N GLU C 219 -22.70 37.03 -15.31
CA GLU C 219 -23.48 37.06 -16.57
C GLU C 219 -23.06 36.08 -17.69
N PRO C 220 -21.74 35.92 -17.96
CA PRO C 220 -21.31 34.98 -19.01
C PRO C 220 -21.53 33.46 -18.74
N PHE C 221 -21.88 33.13 -17.49
CA PHE C 221 -21.94 31.73 -17.03
C PHE C 221 -23.35 31.20 -16.99
N ARG C 222 -24.33 32.10 -17.02
CA ARG C 222 -25.78 31.73 -17.01
C ARG C 222 -26.14 30.59 -18.01
N PRO C 223 -25.69 30.70 -19.28
CA PRO C 223 -26.01 29.65 -20.27
C PRO C 223 -25.64 28.22 -19.83
N LEU C 224 -24.58 28.08 -19.04
CA LEU C 224 -24.32 26.81 -18.40
C LEU C 224 -25.55 26.33 -17.71
N VAL C 225 -26.13 27.15 -16.84
CA VAL C 225 -27.39 26.80 -16.16
C VAL C 225 -28.47 26.46 -17.20
N ASP C 226 -28.59 27.32 -18.20
CA ASP C 226 -29.63 27.21 -19.21
C ASP C 226 -29.56 25.90 -19.97
N GLN C 227 -28.35 25.43 -20.21
CA GLN C 227 -28.16 24.14 -20.85
C GLN C 227 -28.81 23.06 -20.05
N ILE C 228 -28.34 22.88 -18.81
CA ILE C 228 -28.86 21.85 -17.90
C ILE C 228 -30.38 21.93 -17.87
N ILE C 229 -30.86 23.10 -17.51
CA ILE C 229 -32.27 23.22 -17.25
C ILE C 229 -33.10 22.94 -18.51
N TYR C 230 -32.57 23.31 -19.68
CA TYR C 230 -33.23 23.05 -20.97
C TYR C 230 -33.30 21.58 -21.23
N GLU C 231 -32.15 20.95 -21.07
CA GLU C 231 -32.06 19.52 -21.18
C GLU C 231 -33.05 18.83 -20.24
N ASN C 232 -33.38 19.44 -19.09
CA ASN C 232 -34.42 18.90 -18.23
C ASN C 232 -35.65 19.74 -18.16
N ARG C 233 -35.84 20.60 -19.14
CA ARG C 233 -36.97 21.51 -19.16
C ARG C 233 -38.29 20.87 -18.77
N LYS C 234 -38.55 19.64 -19.20
CA LYS C 234 -39.82 19.03 -18.86
C LYS C 234 -39.82 18.14 -17.60
N GLU C 235 -38.66 18.01 -16.96
CA GLU C 235 -38.60 17.39 -15.64
C GLU C 235 -39.15 18.27 -14.48
N ALA C 236 -39.66 17.61 -13.44
CA ALA C 236 -40.20 18.31 -12.26
C ALA C 236 -39.06 18.98 -11.53
N PHE C 237 -39.37 20.10 -10.88
CA PHE C 237 -38.38 21.01 -10.31
C PHE C 237 -37.27 20.30 -9.46
N PRO C 238 -37.65 19.48 -8.45
CA PRO C 238 -36.62 18.78 -7.67
C PRO C 238 -35.61 18.00 -8.52
N ILE C 239 -36.02 17.44 -9.65
CA ILE C 239 -35.07 16.78 -10.56
C ILE C 239 -34.07 17.82 -11.12
N MET C 240 -34.60 18.99 -11.52
CA MET C 240 -33.79 20.07 -12.07
C MET C 240 -32.71 20.46 -11.10
N LYS C 241 -33.09 20.64 -9.84
CA LYS C 241 -32.16 20.93 -8.75
C LYS C 241 -30.92 20.03 -8.73
N ARG C 242 -31.12 18.71 -8.66
CA ARG C 242 -30.00 17.75 -8.59
C ARG C 242 -29.12 17.82 -9.82
N LYS C 243 -29.76 18.07 -10.97
CA LYS C 243 -29.06 18.13 -12.24
C LYS C 243 -28.13 19.35 -12.35
N LEU C 244 -28.55 20.44 -11.73
CA LEU C 244 -27.73 21.63 -11.68
C LEU C 244 -26.41 21.39 -10.98
N PHE C 245 -26.40 20.64 -9.88
CA PHE C 245 -25.16 20.38 -9.13
C PHE C 245 -24.00 19.91 -10.01
N ALA C 246 -24.35 19.34 -11.17
CA ALA C 246 -23.40 19.12 -12.26
C ALA C 246 -22.29 20.16 -12.33
N LEU C 247 -22.69 21.41 -12.23
CA LEU C 247 -21.78 22.57 -12.38
C LEU C 247 -20.48 22.43 -11.59
N PHE C 248 -20.62 21.88 -10.39
CA PHE C 248 -19.47 21.62 -9.51
C PHE C 248 -18.74 20.36 -9.88
N MET C 249 -19.49 19.30 -10.16
CA MET C 249 -18.91 18.02 -10.65
C MET C 249 -18.00 18.17 -11.89
N ASN C 250 -18.42 18.99 -12.83
CA ASN C 250 -17.85 19.01 -14.17
C ASN C 250 -16.65 19.87 -14.35
N THR C 251 -16.13 19.84 -15.58
CA THR C 251 -15.04 20.72 -16.03
C THR C 251 -15.43 21.39 -17.32
N TYR C 252 -14.76 22.50 -17.60
CA TYR C 252 -15.10 23.34 -18.76
C TYR C 252 -13.84 23.94 -19.34
N MET C 253 -13.85 24.12 -20.65
CA MET C 253 -12.67 24.64 -21.29
C MET C 253 -12.62 26.11 -20.98
N TYR C 254 -11.71 26.55 -20.11
CA TYR C 254 -11.61 27.96 -19.75
C TYR C 254 -10.43 28.63 -20.51
N LYS C 255 -9.22 28.18 -20.24
CA LYS C 255 -8.04 28.87 -20.78
C LYS C 255 -7.03 27.89 -21.26
N LYS C 256 -7.40 27.17 -22.34
CA LYS C 256 -6.61 26.06 -22.88
C LYS C 256 -6.51 24.93 -21.83
N LYS C 257 -7.03 25.17 -20.64
CA LYS C 257 -7.06 24.19 -19.61
C LYS C 257 -8.52 23.77 -19.42
N GLN C 258 -8.75 22.47 -19.24
CA GLN C 258 -10.05 21.96 -18.77
C GLN C 258 -10.02 22.07 -17.31
N MET C 259 -10.83 22.97 -16.75
CA MET C 259 -10.77 23.25 -15.32
C MET C 259 -12.11 23.02 -14.67
N PHE C 260 -12.05 22.75 -13.36
CA PHE C 260 -13.25 22.79 -12.52
C PHE C 260 -13.80 24.19 -12.39
N LEU C 261 -15.07 24.27 -12.00
CA LEU C 261 -15.79 25.54 -12.06
C LEU C 261 -15.40 26.59 -11.01
N THR C 262 -15.38 26.24 -9.72
CA THR C 262 -14.94 27.20 -8.70
C THR C 262 -13.52 27.71 -8.95
N ASN C 263 -12.65 26.82 -9.41
CA ASN C 263 -11.28 27.22 -9.76
C ASN C 263 -11.20 28.21 -10.95
N ILE C 264 -12.09 28.01 -11.91
CA ILE C 264 -12.26 28.94 -13.01
C ILE C 264 -12.64 30.32 -12.49
N ALA C 265 -13.75 30.37 -11.77
CA ALA C 265 -14.27 31.61 -11.23
C ALA C 265 -13.21 32.35 -10.37
N THR C 266 -12.39 31.60 -9.62
CA THR C 266 -11.29 32.21 -8.86
C THR C 266 -10.44 33.04 -9.85
N ASP C 267 -9.80 32.39 -10.81
CA ASP C 267 -8.89 33.07 -11.77
C ASP C 267 -9.63 34.10 -12.56
N TYR C 268 -10.83 33.75 -13.01
CA TYR C 268 -11.64 34.68 -13.81
C TYR C 268 -11.86 35.98 -13.05
N THR C 269 -12.48 35.87 -11.89
CA THR C 269 -12.74 37.03 -11.06
C THR C 269 -11.45 37.85 -10.88
N LYS C 270 -10.36 37.20 -10.46
CA LYS C 270 -9.12 37.91 -10.11
C LYS C 270 -8.61 38.77 -11.28
N HIS C 271 -8.56 38.14 -12.46
CA HIS C 271 -8.05 38.81 -13.66
C HIS C 271 -8.96 39.89 -14.17
N VAL C 272 -10.24 39.83 -13.83
CA VAL C 272 -11.17 40.93 -14.09
C VAL C 272 -10.82 42.12 -13.18
N VAL C 273 -10.76 41.87 -11.88
CA VAL C 273 -10.46 42.92 -10.93
C VAL C 273 -9.13 43.58 -11.30
N LYS C 274 -8.12 42.77 -11.62
CA LYS C 274 -6.85 43.31 -12.11
C LYS C 274 -6.98 44.34 -13.20
N VAL C 275 -7.91 44.12 -14.14
CA VAL C 275 -8.15 45.09 -15.20
C VAL C 275 -8.78 46.37 -14.64
N LEU C 276 -9.75 46.22 -13.74
CA LEU C 276 -10.45 47.38 -13.15
C LEU C 276 -9.56 48.27 -12.27
N ASN C 277 -8.54 47.65 -11.67
CA ASN C 277 -7.48 48.39 -11.03
C ASN C 277 -6.46 48.87 -12.05
N GLN C 278 -6.59 48.40 -13.28
CA GLN C 278 -5.74 48.79 -14.41
C GLN C 278 -4.32 48.19 -14.31
N GLU C 279 -4.21 47.11 -13.53
CA GLU C 279 -2.99 46.33 -13.41
C GLU C 279 -2.71 45.61 -14.71
N GLU C 280 -3.76 45.38 -15.52
CA GLU C 280 -3.61 44.82 -16.88
C GLU C 280 -4.76 45.24 -17.86
N GLU C 281 -4.47 45.16 -19.16
CA GLU C 281 -5.47 45.20 -20.20
C GLU C 281 -5.69 43.77 -20.71
N GLY C 282 -6.74 43.62 -21.51
CA GLY C 282 -7.31 42.31 -21.77
C GLY C 282 -8.36 42.08 -20.69
N VAL C 283 -9.20 41.10 -20.88
CA VAL C 283 -10.20 40.71 -19.91
C VAL C 283 -10.27 39.22 -20.08
N PRO C 284 -10.56 38.48 -18.99
CA PRO C 284 -10.75 37.07 -19.21
C PRO C 284 -11.96 36.83 -20.06
N GLU C 285 -11.90 35.76 -20.82
CA GLU C 285 -13.01 35.34 -21.63
C GLU C 285 -13.46 33.96 -21.18
N PHE C 286 -14.76 33.72 -21.25
CA PHE C 286 -15.31 32.40 -21.00
C PHE C 286 -16.32 32.00 -22.10
N GLY C 287 -16.08 30.83 -22.68
CA GLY C 287 -16.80 30.35 -23.84
C GLY C 287 -17.31 28.95 -23.63
N ILE C 288 -18.61 28.77 -23.73
CA ILE C 288 -19.21 27.43 -23.60
C ILE C 288 -18.96 26.51 -24.82
N MET D 1 -38.96 48.48 10.69
CA MET D 1 -39.26 47.06 11.05
C MET D 1 -39.28 46.89 12.61
N GLY D 2 -38.31 46.15 13.14
CA GLY D 2 -38.14 45.88 14.54
C GLY D 2 -37.11 46.79 15.11
N TRP D 3 -37.05 46.84 16.45
CA TRP D 3 -36.25 47.83 17.22
C TRP D 3 -35.14 47.30 18.10
N ARG D 4 -35.18 46.00 18.39
CA ARG D 4 -34.30 45.41 19.41
C ARG D 4 -32.98 44.96 18.79
N THR D 5 -31.92 45.01 19.58
CA THR D 5 -30.61 44.49 19.16
C THR D 5 -30.26 43.41 20.16
N VAL D 6 -30.37 42.16 19.73
CA VAL D 6 -30.24 41.00 20.63
C VAL D 6 -28.86 40.40 20.61
N VAL D 7 -28.22 40.39 21.77
CA VAL D 7 -26.81 40.00 21.89
C VAL D 7 -26.64 38.76 22.77
N VAL D 8 -26.05 37.73 22.15
CA VAL D 8 -25.81 36.45 22.81
C VAL D 8 -24.32 36.19 23.05
N ASN D 9 -23.97 35.92 24.31
CA ASN D 9 -22.63 35.50 24.69
C ASN D 9 -22.61 34.47 25.84
N LYS D 10 -23.67 33.65 25.91
CA LYS D 10 -23.74 32.53 26.87
C LYS D 10 -23.94 31.22 26.09
N HIS D 11 -23.27 30.17 26.55
CA HIS D 11 -23.44 28.83 25.98
C HIS D 11 -24.93 28.55 25.95
N SER D 12 -25.47 28.34 24.75
CA SER D 12 -26.94 28.34 24.58
C SER D 12 -27.44 27.75 23.26
N LYS D 13 -28.72 27.36 23.25
CA LYS D 13 -29.41 26.94 22.02
C LYS D 13 -30.47 27.92 21.66
N LEU D 14 -30.43 28.35 20.41
CA LEU D 14 -31.45 29.20 19.86
C LEU D 14 -32.39 28.37 19.00
N SER D 15 -33.67 28.70 19.04
CA SER D 15 -34.70 27.97 18.34
C SER D 15 -35.79 28.92 17.89
N TYR D 16 -36.76 28.40 17.14
CA TYR D 16 -37.94 29.18 16.70
C TYR D 16 -39.21 28.51 17.21
N LYS D 17 -40.20 29.32 17.60
CA LYS D 17 -41.55 28.85 17.96
C LYS D 17 -42.53 30.01 17.88
N ASN D 18 -43.67 29.79 17.24
CA ASN D 18 -44.78 30.72 17.35
C ASN D 18 -44.35 32.18 17.16
N ASN D 19 -43.54 32.43 16.12
CA ASN D 19 -43.04 33.78 15.74
C ASN D 19 -42.10 34.39 16.75
N HIS D 20 -41.66 33.59 17.72
CA HIS D 20 -40.72 34.03 18.75
C HIS D 20 -39.38 33.34 18.53
N LEU D 21 -38.31 34.12 18.60
CA LEU D 21 -36.96 33.56 18.83
C LEU D 21 -36.95 32.94 20.24
N VAL D 22 -36.38 31.74 20.33
CA VAL D 22 -36.29 31.01 21.60
C VAL D 22 -34.85 30.85 22.05
N PHE D 23 -34.56 31.42 23.21
CA PHE D 23 -33.22 31.40 23.81
C PHE D 23 -33.28 30.46 25.02
N LYS D 24 -32.49 29.38 24.98
CA LYS D 24 -32.25 28.52 26.17
C LYS D 24 -30.80 28.58 26.59
N ALA D 25 -30.57 29.03 27.80
CA ALA D 25 -29.31 28.78 28.49
C ALA D 25 -29.63 27.72 29.51
N ILE D 26 -28.62 27.22 30.18
CA ILE D 26 -28.86 26.14 31.16
C ILE D 26 -29.97 26.48 32.18
N ASP D 27 -29.87 27.65 32.78
CA ASP D 27 -30.74 28.06 33.88
C ASP D 27 -31.81 28.97 33.37
N HIS D 28 -31.34 30.03 32.73
CA HIS D 28 -32.18 31.12 32.26
C HIS D 28 -32.84 30.70 30.97
N GLN D 29 -33.95 31.34 30.65
CA GLN D 29 -34.63 31.13 29.38
C GLN D 29 -35.47 32.36 28.99
N GLU D 30 -35.54 32.64 27.69
CA GLU D 30 -36.16 33.87 27.14
C GLU D 30 -36.83 33.59 25.80
N LEU D 31 -38.01 34.16 25.59
CA LEU D 31 -38.64 34.19 24.29
C LEU D 31 -38.78 35.64 23.85
N ILE D 32 -38.60 35.89 22.57
CA ILE D 32 -38.65 37.24 22.03
C ILE D 32 -39.34 37.23 20.69
N HIS D 33 -40.39 38.02 20.54
CA HIS D 33 -41.10 38.13 19.27
C HIS D 33 -40.14 38.70 18.21
N LEU D 34 -40.15 38.09 17.03
CA LEU D 34 -39.23 38.45 15.96
C LEU D 34 -39.51 39.82 15.39
N SER D 35 -40.78 40.15 15.26
CA SER D 35 -41.16 41.48 14.77
C SER D 35 -40.46 42.62 15.55
N GLU D 36 -40.18 42.39 16.83
CA GLU D 36 -39.52 43.39 17.66
C GLU D 36 -38.06 43.54 17.27
N ILE D 37 -37.46 42.45 16.83
CA ILE D 37 -36.00 42.36 16.63
C ILE D 37 -35.55 43.07 15.38
N ASP D 38 -34.46 43.84 15.52
CA ASP D 38 -33.77 44.52 14.41
C ASP D 38 -32.40 43.90 14.07
N VAL D 39 -31.67 43.43 15.08
CA VAL D 39 -30.35 42.81 14.92
C VAL D 39 -30.09 41.67 15.88
N LEU D 40 -29.43 40.64 15.36
CA LEU D 40 -28.93 39.52 16.16
C LEU D 40 -27.40 39.45 16.11
N LEU D 41 -26.75 39.77 17.21
CA LEU D 41 -25.32 39.55 17.32
C LEU D 41 -25.08 38.26 18.08
N LEU D 42 -24.33 37.35 17.44
CA LEU D 42 -23.78 36.14 18.06
C LEU D 42 -22.27 36.37 18.42
N GLU D 43 -21.98 36.68 19.68
CA GLU D 43 -20.62 37.01 20.14
C GLU D 43 -19.70 35.80 20.20
N THR D 44 -20.22 34.70 20.70
CA THR D 44 -19.38 33.60 21.11
C THR D 44 -19.48 32.46 20.14
N THR D 45 -18.58 31.52 20.39
CA THR D 45 -18.47 30.32 19.62
C THR D 45 -19.13 29.15 20.32
N ASP D 46 -19.94 29.41 21.35
CA ASP D 46 -20.65 28.36 22.10
C ASP D 46 -22.16 28.41 21.91
N ILE D 47 -22.57 28.74 20.69
CA ILE D 47 -23.97 28.92 20.42
C ILE D 47 -24.51 27.93 19.39
N SER D 48 -25.65 27.33 19.69
CA SER D 48 -26.32 26.43 18.76
C SER D 48 -27.61 27.09 18.29
N LEU D 49 -28.01 26.79 17.04
CA LEU D 49 -29.21 27.42 16.41
C LEU D 49 -29.72 26.61 15.22
N THR D 50 -31.02 26.74 14.96
CA THR D 50 -31.69 25.93 13.95
C THR D 50 -31.78 26.66 12.62
N THR D 51 -31.89 25.88 11.53
CA THR D 51 -32.09 26.45 10.17
C THR D 51 -33.49 27.06 9.99
N MET D 52 -34.49 26.57 10.75
CA MET D 52 -35.84 27.17 10.76
C MET D 52 -35.74 28.57 11.32
N LEU D 53 -35.07 28.71 12.47
CA LEU D 53 -34.83 30.04 13.02
C LEU D 53 -34.24 30.99 11.96
N LEU D 54 -33.13 30.59 11.33
CA LEU D 54 -32.47 31.37 10.26
C LEU D 54 -33.36 31.74 9.08
N LYS D 55 -34.18 30.80 8.63
CA LYS D 55 -35.20 31.09 7.63
C LYS D 55 -36.03 32.31 8.10
N ARG D 56 -36.61 32.19 9.27
CA ARG D 56 -37.55 33.16 9.82
C ARG D 56 -36.81 34.48 10.11
N LEU D 57 -35.56 34.36 10.57
CA LEU D 57 -34.68 35.51 10.75
C LEU D 57 -34.49 36.26 9.43
N ILE D 58 -34.31 35.52 8.35
CA ILE D 58 -34.18 36.14 7.00
C ILE D 58 -35.52 36.67 6.41
N ASP D 59 -36.61 35.95 6.72
CA ASP D 59 -37.95 36.39 6.34
C ASP D 59 -38.18 37.81 6.83
N GLU D 60 -37.82 38.06 8.09
CA GLU D 60 -37.95 39.40 8.67
C GLU D 60 -36.84 40.38 8.18
N LYS D 61 -35.88 39.89 7.41
CA LYS D 61 -34.66 40.66 7.03
C LYS D 61 -33.92 41.41 8.18
N ILE D 62 -34.04 40.81 9.37
CA ILE D 62 -33.19 41.01 10.55
C ILE D 62 -31.73 40.79 10.16
N LEU D 63 -30.86 41.66 10.66
CA LEU D 63 -29.41 41.55 10.45
C LEU D 63 -28.73 40.58 11.45
N VAL D 64 -28.20 39.48 10.93
CA VAL D 64 -27.49 38.50 11.74
C VAL D 64 -25.96 38.62 11.56
N LEU D 65 -25.25 38.68 12.69
CA LEU D 65 -23.78 38.82 12.70
C LEU D 65 -23.08 37.70 13.45
N PHE D 66 -21.94 37.28 12.91
CA PHE D 66 -21.21 36.13 13.41
C PHE D 66 -19.82 36.50 13.91
N CYS D 67 -19.39 35.83 14.96
CA CYS D 67 -18.13 36.22 15.60
C CYS D 67 -17.17 35.06 15.87
N ASP D 68 -15.87 35.44 15.88
CA ASP D 68 -14.76 34.49 16.05
C ASP D 68 -14.53 34.19 17.53
N ASP D 69 -13.59 33.27 17.80
CA ASP D 69 -13.24 32.83 19.17
C ASP D 69 -12.92 33.98 20.12
N LYS D 70 -12.36 35.07 19.56
CA LYS D 70 -12.04 36.34 20.27
C LYS D 70 -13.15 37.41 20.20
N ARG D 71 -14.37 37.00 19.90
CA ARG D 71 -15.51 37.90 19.85
C ARG D 71 -15.37 39.06 18.87
N LEU D 72 -14.76 38.83 17.71
CA LEU D 72 -14.73 39.83 16.63
C LEU D 72 -15.65 39.46 15.47
N PRO D 73 -16.20 40.46 14.79
CA PRO D 73 -17.06 40.11 13.69
C PRO D 73 -16.23 39.51 12.59
N ILE D 74 -16.68 38.38 12.08
CA ILE D 74 -16.00 37.72 10.95
C ILE D 74 -16.89 37.69 9.71
N GLY D 75 -18.21 37.74 9.97
CA GLY D 75 -19.18 37.72 8.90
C GLY D 75 -20.64 37.94 9.29
N LYS D 76 -21.49 38.02 8.25
CA LYS D 76 -22.95 38.18 8.38
C LYS D 76 -23.69 37.37 7.38
N ILE D 77 -24.98 37.22 7.59
CA ILE D 77 -25.86 36.56 6.62
C ILE D 77 -26.15 37.50 5.48
N LEU D 78 -26.21 37.00 4.27
CA LEU D 78 -26.58 37.82 3.11
C LEU D 78 -27.75 37.19 2.42
N PRO D 79 -28.93 37.80 2.55
CA PRO D 79 -30.10 37.19 1.86
C PRO D 79 -30.11 37.53 0.35
N PHE D 80 -30.63 36.63 -0.46
CA PHE D 80 -30.80 36.91 -1.90
C PHE D 80 -32.03 37.81 -2.20
N TYR D 81 -33.12 37.53 -1.47
CA TYR D 81 -34.36 38.29 -1.49
C TYR D 81 -34.43 39.17 -0.21
N GLY D 82 -34.01 40.43 -0.37
CA GLY D 82 -34.19 41.43 0.69
C GLY D 82 -32.92 42.01 1.24
N ARG D 83 -33.03 42.97 2.14
CA ARG D 83 -31.89 43.62 2.76
C ARG D 83 -32.27 44.06 4.14
N HIS D 84 -31.29 44.59 4.86
CA HIS D 84 -31.52 45.27 6.15
C HIS D 84 -30.90 46.67 6.05
N ASP D 85 -31.50 47.62 6.77
CA ASP D 85 -31.21 49.03 6.52
C ASP D 85 -29.71 49.38 6.54
N SER D 86 -28.99 48.68 7.41
CA SER D 86 -27.54 48.67 7.44
C SER D 86 -26.86 48.62 6.04
N SER D 87 -27.42 47.87 5.12
CA SER D 87 -26.89 47.79 3.75
C SER D 87 -26.63 49.19 3.10
N LEU D 88 -27.59 50.09 3.31
CA LEU D 88 -27.57 51.47 2.79
C LEU D 88 -26.38 52.23 3.36
N GLN D 89 -26.15 51.99 4.64
CA GLN D 89 -25.17 52.69 5.45
C GLN D 89 -23.82 52.71 4.82
N LEU D 90 -23.53 51.70 3.99
CA LEU D 90 -22.28 51.66 3.25
C LEU D 90 -22.09 52.87 2.32
N THR D 91 -23.09 53.12 1.47
CA THR D 91 -22.97 54.17 0.46
C THR D 91 -22.70 55.52 1.12
N ARG D 92 -23.28 55.72 2.32
CA ARG D 92 -23.06 56.90 3.15
C ARG D 92 -21.63 56.95 3.63
N GLN D 93 -21.13 55.81 4.08
CA GLN D 93 -19.73 55.74 4.52
C GLN D 93 -18.77 56.15 3.40
N LEU D 94 -19.12 55.82 2.18
CA LEU D 94 -18.27 56.16 1.03
C LEU D 94 -18.35 57.64 0.65
N ALA D 95 -19.54 58.21 0.90
CA ALA D 95 -19.81 59.62 0.66
C ALA D 95 -19.22 60.51 1.77
N TRP D 96 -18.50 59.91 2.72
CA TRP D 96 -17.86 60.67 3.80
C TRP D 96 -16.76 61.60 3.32
N THR D 97 -16.96 62.90 3.59
CA THR D 97 -16.04 63.95 3.11
C THR D 97 -14.71 63.85 3.85
N GLU D 98 -13.65 64.22 3.15
CA GLU D 98 -12.33 64.27 3.76
C GLU D 98 -12.32 65.21 4.94
N GLU D 99 -12.97 66.37 4.77
CA GLU D 99 -13.02 67.36 5.83
C GLU D 99 -13.71 66.80 7.09
N ARG D 100 -14.94 66.28 6.96
CA ARG D 100 -15.72 65.77 8.11
C ARG D 100 -14.91 64.75 8.87
N LYS D 101 -14.42 63.77 8.14
CA LYS D 101 -13.52 62.79 8.70
C LYS D 101 -12.51 63.44 9.65
N GLY D 102 -11.83 64.48 9.19
CA GLY D 102 -10.87 65.22 10.01
C GLY D 102 -11.45 65.73 11.34
N GLN D 103 -12.47 66.57 11.23
CA GLN D 103 -13.15 67.17 12.39
C GLN D 103 -13.43 66.13 13.48
N VAL D 104 -14.10 65.06 13.03
CA VAL D 104 -14.58 63.98 13.90
C VAL D 104 -13.41 63.17 14.52
N TRP D 105 -12.43 62.80 13.71
CA TRP D 105 -11.26 62.06 14.23
C TRP D 105 -10.51 62.89 15.26
N THR D 106 -10.33 64.16 14.94
CA THR D 106 -9.56 65.05 15.78
C THR D 106 -10.33 65.33 17.10
N ALA D 107 -11.63 65.37 17.03
CA ALA D 107 -12.44 65.48 18.25
C ALA D 107 -12.19 64.32 19.17
N ILE D 108 -12.15 63.13 18.55
CA ILE D 108 -11.92 61.88 19.26
C ILE D 108 -10.55 61.92 19.92
N ILE D 109 -9.54 62.14 19.10
CA ILE D 109 -8.19 62.16 19.63
C ILE D 109 -8.01 63.21 20.75
N ALA D 110 -8.74 64.33 20.68
CA ALA D 110 -8.80 65.30 21.78
C ALA D 110 -9.25 64.62 23.06
N GLN D 111 -10.37 63.90 22.97
CA GLN D 111 -10.86 63.10 24.13
C GLN D 111 -9.79 62.11 24.65
N LYS D 112 -9.08 61.47 23.74
CA LYS D 112 -7.98 60.55 24.10
C LYS D 112 -7.00 61.24 25.07
N ILE D 113 -6.55 62.43 24.66
CA ILE D 113 -5.54 63.15 25.41
C ILE D 113 -6.10 63.79 26.68
N THR D 114 -7.34 64.26 26.62
CA THR D 114 -7.99 64.72 27.86
C THR D 114 -7.95 63.55 28.90
N ASN D 115 -8.35 62.36 28.46
CA ASN D 115 -8.48 61.23 29.38
C ASN D 115 -7.12 60.76 29.82
N GLN D 116 -6.12 60.90 28.97
CA GLN D 116 -4.72 60.61 29.34
C GLN D 116 -4.26 61.55 30.47
N SER D 117 -4.56 62.85 30.32
CA SER D 117 -4.24 63.87 31.32
C SER D 117 -4.92 63.52 32.63
N LEU D 118 -6.23 63.38 32.56
CA LEU D 118 -7.07 63.07 33.73
C LEU D 118 -6.57 61.87 34.54
N HIS D 119 -6.00 60.90 33.81
CA HIS D 119 -5.35 59.74 34.44
C HIS D 119 -4.06 60.12 35.18
N LEU D 120 -3.21 60.92 34.53
CA LEU D 120 -1.94 61.36 35.14
C LEU D 120 -2.21 62.20 36.39
N ALA D 121 -3.18 63.11 36.30
CA ALA D 121 -3.64 63.88 37.46
C ALA D 121 -4.05 62.96 38.61
N GLN D 122 -4.79 61.91 38.25
CA GLN D 122 -5.26 60.90 39.21
C GLN D 122 -4.11 60.29 40.02
N ARG D 123 -2.95 60.09 39.37
CA ARG D 123 -1.76 59.49 40.00
C ARG D 123 -0.80 60.53 40.54
N ASP D 124 -1.29 61.74 40.83
CA ASP D 124 -0.50 62.83 41.43
C ASP D 124 0.62 63.40 40.54
N TYR D 125 0.47 63.34 39.23
CA TYR D 125 1.36 64.10 38.34
C TYR D 125 0.63 65.36 37.85
N GLY D 126 0.28 66.23 38.82
CA GLY D 126 -0.41 67.48 38.59
C GLY D 126 0.12 68.14 37.34
N GLN D 127 1.45 68.08 37.10
CA GLN D 127 2.13 68.87 36.04
C GLN D 127 2.20 68.25 34.67
N LYS D 128 2.41 66.94 34.63
CA LYS D 128 2.45 66.22 33.35
C LYS D 128 1.06 66.18 32.68
N ALA D 129 0.04 66.01 33.53
CA ALA D 129 -1.33 66.13 33.07
C ALA D 129 -1.47 67.46 32.33
N ALA D 130 -1.15 68.54 33.04
CA ALA D 130 -1.23 69.90 32.49
C ALA D 130 -0.43 70.01 31.20
N ALA D 131 0.76 69.42 31.20
CA ALA D 131 1.64 69.41 30.02
C ALA D 131 1.00 68.69 28.80
N LEU D 132 0.11 67.72 29.09
CA LEU D 132 -0.67 67.02 28.04
C LEU D 132 -1.81 67.85 27.49
N LEU D 133 -2.53 68.55 28.35
CA LEU D 133 -3.58 69.47 27.90
C LEU D 133 -3.05 70.58 26.98
N ALA D 134 -1.77 70.95 27.18
CA ALA D 134 -1.10 71.89 26.29
C ALA D 134 -0.98 71.29 24.89
N MET D 135 -0.43 70.09 24.82
CA MET D 135 -0.35 69.36 23.54
C MET D 135 -1.73 69.36 22.83
N ARG D 136 -2.78 69.13 23.61
CA ARG D 136 -4.17 69.07 23.07
C ARG D 136 -4.63 70.35 22.44
N ALA D 137 -4.50 71.42 23.21
CA ALA D 137 -4.79 72.75 22.75
C ALA D 137 -4.15 73.02 21.38
N GLU D 138 -2.95 72.48 21.11
CA GLU D 138 -2.26 72.71 19.81
C GLU D 138 -2.58 71.72 18.69
N LEU D 139 -3.81 71.22 18.66
CA LEU D 139 -4.16 70.16 17.72
C LEU D 139 -4.60 70.77 16.43
N ARG D 140 -4.02 70.37 15.30
CA ARG D 140 -4.60 70.67 14.00
C ARG D 140 -5.17 69.38 13.41
N LEU D 141 -6.15 69.52 12.50
CA LEU D 141 -6.84 68.39 11.85
C LEU D 141 -5.86 67.34 11.36
N PHE D 142 -6.14 66.07 11.70
CA PHE D 142 -5.24 64.92 11.47
C PHE D 142 -3.85 65.06 12.11
N ASP D 143 -3.84 65.78 13.23
CA ASP D 143 -2.67 65.94 14.07
C ASP D 143 -1.31 65.96 13.33
N PRO D 144 -1.15 66.84 12.31
CA PRO D 144 0.02 66.78 11.45
C PRO D 144 1.40 66.86 12.14
N ALA D 145 1.56 67.64 13.22
CA ALA D 145 2.81 67.65 14.03
C ALA D 145 2.93 66.52 15.06
N ASN D 146 2.04 65.54 14.98
CA ASN D 146 2.02 64.39 15.89
C ASN D 146 1.96 64.76 17.35
N ARG D 147 0.98 65.56 17.74
CA ARG D 147 0.72 65.78 19.17
C ARG D 147 0.34 64.46 19.89
N GLU D 148 -0.56 63.66 19.32
CA GLU D 148 -1.00 62.37 19.90
C GLU D 148 0.15 61.53 20.41
N GLY D 149 1.13 61.38 19.53
CA GLY D 149 2.30 60.56 19.77
C GLY D 149 3.18 61.10 20.87
N HIS D 150 3.34 62.40 20.89
CA HIS D 150 4.19 63.02 21.91
C HIS D 150 3.53 63.03 23.29
N ALA D 151 2.22 63.17 23.34
CA ALA D 151 1.49 63.03 24.61
C ALA D 151 1.59 61.62 25.11
N ALA D 152 1.36 60.67 24.19
CA ALA D 152 1.42 59.27 24.49
C ALA D 152 2.73 58.82 25.09
N ARG D 153 3.85 59.30 24.56
CA ARG D 153 5.12 58.87 25.11
C ARG D 153 5.36 59.35 26.55
N SER D 154 5.20 60.66 26.71
CA SER D 154 5.31 61.26 28.02
C SER D 154 4.28 60.67 29.01
N TYR D 155 3.18 60.17 28.48
CA TYR D 155 2.17 59.45 29.27
C TYR D 155 2.79 58.16 29.83
N PHE D 156 3.29 57.31 28.94
CA PHE D 156 3.85 56.03 29.33
C PHE D 156 5.14 56.17 30.15
N ASN D 157 6.02 57.08 29.71
CA ASN D 157 7.28 57.35 30.44
C ASN D 157 7.06 57.90 31.83
N THR D 158 5.97 58.59 32.04
CA THR D 158 5.70 59.17 33.34
C THR D 158 5.08 58.12 34.26
N LEU D 159 4.12 57.35 33.72
CA LEU D 159 3.45 56.26 34.45
C LEU D 159 4.39 55.15 34.85
N PHE D 160 5.10 54.62 33.86
CA PHE D 160 5.92 53.43 34.03
C PHE D 160 7.44 53.71 33.94
N GLY D 161 7.84 54.97 34.09
CA GLY D 161 9.29 55.30 34.10
C GLY D 161 9.92 55.59 32.73
N ASN D 162 10.93 56.44 32.70
CA ASN D 162 11.52 56.82 31.39
C ASN D 162 12.29 55.64 30.74
N ASP D 163 12.49 54.54 31.49
CA ASP D 163 13.04 53.28 30.97
C ASP D 163 12.14 52.54 30.04
N PHE D 164 10.85 52.70 30.25
CA PHE D 164 9.82 51.83 29.67
C PHE D 164 9.63 52.09 28.16
N THR D 165 9.40 51.01 27.42
CA THR D 165 8.90 51.10 26.03
C THR D 165 7.69 50.22 25.89
N ARG D 166 7.04 50.40 24.76
CA ARG D 166 5.79 49.69 24.45
C ARG D 166 6.05 48.40 23.70
N GLU D 167 7.25 48.28 23.15
CA GLU D 167 7.56 47.19 22.26
C GLU D 167 8.19 46.04 23.07
N GLN D 168 8.74 46.37 24.27
CA GLN D 168 9.40 45.39 25.20
C GLN D 168 8.44 44.40 25.88
N GLU D 169 8.94 43.19 26.13
CA GLU D 169 8.08 42.09 26.54
C GLU D 169 7.91 42.03 28.06
N ASN D 170 6.89 42.71 28.57
CA ASN D 170 6.64 42.76 30.00
C ASN D 170 5.34 42.19 30.30
N ASP D 171 5.10 42.00 31.59
CA ASP D 171 3.75 41.79 32.09
C ASP D 171 2.86 43.00 31.86
N ILE D 172 3.45 44.18 31.86
CA ILE D 172 2.66 45.36 31.67
C ILE D 172 2.11 45.42 30.26
N ASN D 173 3.00 45.36 29.26
CA ASN D 173 2.57 45.52 27.86
C ASN D 173 1.58 44.48 27.42
N ALA D 174 1.82 43.24 27.84
CA ALA D 174 0.83 42.17 27.74
C ALA D 174 -0.53 42.63 28.33
N GLY D 175 -0.50 43.14 29.55
CA GLY D 175 -1.69 43.64 30.19
C GLY D 175 -2.45 44.66 29.35
N LEU D 176 -1.72 45.65 28.85
CA LEU D 176 -2.36 46.69 28.03
C LEU D 176 -2.87 46.11 26.73
N ASN D 177 -2.02 45.34 26.07
CA ASN D 177 -2.34 44.70 24.79
C ASN D 177 -3.66 43.90 24.84
N TYR D 178 -3.76 43.04 25.84
CA TYR D 178 -4.95 42.27 26.11
C TYR D 178 -6.12 43.24 26.29
N GLY D 179 -5.90 44.22 27.17
CA GLY D 179 -6.88 45.29 27.44
C GLY D 179 -7.34 45.98 26.16
N TYR D 180 -6.37 46.41 25.35
CA TYR D 180 -6.63 47.13 24.10
C TYR D 180 -7.42 46.34 23.12
N THR D 181 -6.96 45.12 22.84
CA THR D 181 -7.71 44.20 22.00
C THR D 181 -9.20 44.10 22.46
N LEU D 182 -9.47 43.94 23.76
CA LEU D 182 -10.86 43.86 24.22
C LEU D 182 -11.69 45.02 23.69
N LEU D 183 -11.22 46.23 23.96
CA LEU D 183 -11.96 47.45 23.62
C LEU D 183 -12.25 47.50 22.14
N LEU D 184 -11.20 47.27 21.35
CA LEU D 184 -11.32 47.25 19.90
C LEU D 184 -12.51 46.34 19.48
N SER D 185 -12.50 45.11 19.98
CA SER D 185 -13.57 44.15 19.72
C SER D 185 -14.97 44.74 19.90
N ILE D 186 -15.17 45.47 21.01
CA ILE D 186 -16.44 46.12 21.27
C ILE D 186 -16.80 47.01 20.09
N PHE D 187 -15.89 47.89 19.70
CA PHE D 187 -16.18 48.84 18.64
C PHE D 187 -16.35 48.22 17.25
N ALA D 188 -15.51 47.24 16.94
CA ALA D 188 -15.68 46.42 15.74
C ALA D 188 -17.12 45.89 15.62
N ARG D 189 -17.59 45.25 16.70
CA ARG D 189 -18.98 44.77 16.80
C ARG D 189 -20.04 45.87 16.52
N GLU D 190 -20.05 46.90 17.37
CA GLU D 190 -21.00 48.05 17.28
C GLU D 190 -20.98 48.74 15.93
N LEU D 191 -19.79 48.84 15.29
CA LEU D 191 -19.68 49.36 13.90
C LEU D 191 -20.46 48.55 12.84
N VAL D 192 -20.12 47.29 12.70
CA VAL D 192 -20.78 46.48 11.67
C VAL D 192 -22.28 46.47 11.87
N GLN D 193 -22.74 46.53 13.12
CA GLN D 193 -24.20 46.65 13.41
C GLN D 193 -24.77 47.91 12.78
N THR D 194 -24.01 49.00 12.75
CA THR D 194 -24.49 50.22 12.09
C THR D 194 -24.46 50.07 10.61
N GLY D 195 -23.57 49.20 10.12
CA GLY D 195 -23.49 48.87 8.71
C GLY D 195 -22.26 49.46 8.08
N CYS D 196 -21.20 49.56 8.88
CA CYS D 196 -19.96 50.22 8.44
C CYS D 196 -18.88 49.17 8.22
N PHE D 197 -17.94 49.53 7.36
CA PHE D 197 -16.78 48.73 7.15
C PHE D 197 -15.57 49.23 7.90
N THR D 198 -15.11 48.35 8.80
CA THR D 198 -14.10 48.60 9.81
C THR D 198 -12.73 48.80 9.15
N GLN D 199 -12.64 48.30 7.92
CA GLN D 199 -11.44 48.34 7.10
C GLN D 199 -11.05 49.82 6.78
N LEU D 200 -12.07 50.65 6.60
CA LEU D 200 -11.92 52.08 6.18
C LEU D 200 -11.89 53.20 7.29
N GLY D 201 -10.73 53.30 7.94
CA GLY D 201 -10.49 54.26 9.03
C GLY D 201 -10.57 55.72 8.61
N LEU D 202 -10.67 56.59 9.61
CA LEU D 202 -10.69 58.03 9.38
C LEU D 202 -9.27 58.55 9.11
N LYS D 203 -8.34 58.21 10.00
CA LYS D 203 -6.91 58.45 9.77
C LYS D 203 -6.14 57.14 9.61
N HIS D 204 -6.60 56.08 10.30
CA HIS D 204 -5.80 54.82 10.43
C HIS D 204 -5.30 54.21 9.09
N ALA D 205 -6.17 53.94 8.11
CA ALA D 205 -5.68 53.54 6.77
C ALA D 205 -4.41 52.61 6.71
N ASN D 206 -4.45 51.45 7.40
CA ASN D 206 -3.39 50.40 7.34
C ASN D 206 -3.92 49.18 6.63
N GLN D 207 -3.14 48.69 5.68
CA GLN D 207 -3.56 47.58 4.81
C GLN D 207 -3.79 46.35 5.62
N PHE D 208 -2.78 46.04 6.41
CA PHE D 208 -2.87 44.83 7.21
C PHE D 208 -3.75 44.97 8.44
N ASN D 209 -4.32 46.15 8.72
CA ASN D 209 -5.26 46.28 9.84
C ASN D 209 -6.67 46.29 9.28
N ASP D 210 -7.36 45.17 9.50
CA ASP D 210 -8.75 45.02 9.12
C ASP D 210 -9.69 45.93 9.92
N PHE D 211 -9.21 46.43 11.07
CA PHE D 211 -10.07 47.24 11.97
C PHE D 211 -9.57 48.66 12.24
N ASN D 212 -9.24 49.36 11.15
CA ASN D 212 -8.79 50.74 11.26
C ASN D 212 -9.87 51.63 11.92
N LEU D 213 -11.06 51.64 11.32
CA LEU D 213 -12.13 52.50 11.78
C LEU D 213 -12.50 52.29 13.26
N ALA D 214 -12.43 51.06 13.73
CA ALA D 214 -12.67 50.75 15.14
C ALA D 214 -11.49 51.21 15.99
N SER D 215 -10.27 51.00 15.51
CA SER D 215 -9.08 51.48 16.22
C SER D 215 -9.09 53.00 16.40
N ASP D 216 -9.60 53.72 15.40
CA ASP D 216 -9.87 55.18 15.48
C ASP D 216 -10.89 55.53 16.55
N LEU D 217 -11.95 54.74 16.61
CA LEU D 217 -13.11 55.02 17.48
C LEU D 217 -12.86 54.76 18.99
N MET D 218 -12.04 53.76 19.26
CA MET D 218 -11.79 53.28 20.60
C MET D 218 -10.85 54.23 21.38
N GLU D 219 -10.12 55.07 20.64
CA GLU D 219 -8.99 55.82 21.20
C GLU D 219 -9.28 56.45 22.59
N PRO D 220 -10.47 57.04 22.79
CA PRO D 220 -10.73 57.70 24.07
C PRO D 220 -10.93 56.79 25.27
N PHE D 221 -10.94 55.49 25.04
CA PHE D 221 -11.32 54.51 26.07
C PHE D 221 -10.11 53.81 26.67
N ARG D 222 -9.04 53.82 25.92
CA ARG D 222 -7.83 53.15 26.32
C ARG D 222 -7.46 53.40 27.79
N PRO D 223 -7.48 54.67 28.22
CA PRO D 223 -7.10 54.96 29.59
C PRO D 223 -7.88 54.16 30.64
N LEU D 224 -9.09 53.74 30.33
CA LEU D 224 -9.81 52.87 31.25
C LEU D 224 -8.96 51.68 31.52
N VAL D 225 -8.49 51.07 30.44
CA VAL D 225 -7.54 49.94 30.49
C VAL D 225 -6.30 50.33 31.31
N ASP D 226 -5.71 51.48 30.97
CA ASP D 226 -4.45 51.93 31.57
C ASP D 226 -4.58 52.07 33.09
N GLN D 227 -5.77 52.46 33.56
CA GLN D 227 -6.03 52.59 35.00
C GLN D 227 -5.86 51.27 35.68
N ILE D 228 -6.67 50.28 35.24
CA ILE D 228 -6.63 48.92 35.82
C ILE D 228 -5.20 48.39 35.78
N ILE D 229 -4.61 48.42 34.60
CA ILE D 229 -3.26 47.91 34.40
C ILE D 229 -2.20 48.57 35.29
N TYR D 230 -2.30 49.88 35.46
CA TYR D 230 -1.38 50.63 36.32
C TYR D 230 -1.59 50.29 37.81
N GLU D 231 -2.84 50.28 38.23
CA GLU D 231 -3.20 49.87 39.58
C GLU D 231 -2.67 48.48 39.92
N ASN D 232 -2.58 47.62 38.90
CA ASN D 232 -1.96 46.30 39.05
C ASN D 232 -0.60 46.20 38.36
N ARG D 233 0.04 47.32 38.05
CA ARG D 233 1.29 47.29 37.30
C ARG D 233 2.28 46.25 37.87
N LYS D 234 2.33 46.17 39.21
CA LYS D 234 3.17 45.19 39.91
C LYS D 234 2.79 43.76 39.55
N GLU D 235 1.48 43.49 39.59
CA GLU D 235 0.94 42.10 39.59
C GLU D 235 1.28 41.25 38.33
N ALA D 236 1.40 39.95 38.54
CA ALA D 236 1.71 39.00 37.47
C ALA D 236 0.60 39.01 36.45
N PHE D 237 0.95 38.72 35.21
CA PHE D 237 0.01 38.95 34.11
C PHE D 237 -1.42 38.41 34.34
N PRO D 238 -1.55 37.11 34.69
CA PRO D 238 -2.91 36.52 34.95
C PRO D 238 -3.81 37.33 35.91
N ILE D 239 -3.21 37.93 36.93
CA ILE D 239 -3.93 38.81 37.84
C ILE D 239 -4.47 40.03 37.05
N MET D 240 -3.63 40.62 36.20
CA MET D 240 -4.03 41.76 35.35
C MET D 240 -5.28 41.37 34.53
N LYS D 241 -5.21 40.21 33.87
CA LYS D 241 -6.32 39.68 33.09
C LYS D 241 -7.68 39.75 33.74
N ARG D 242 -7.79 39.15 34.92
CA ARG D 242 -9.05 39.05 35.67
C ARG D 242 -9.55 40.44 36.03
N LYS D 243 -8.61 41.30 36.40
CA LYS D 243 -8.91 42.68 36.81
C LYS D 243 -9.46 43.52 35.67
N LEU D 244 -9.00 43.28 34.45
CA LEU D 244 -9.51 43.99 33.29
C LEU D 244 -11.02 43.76 33.08
N PHE D 245 -11.50 42.54 33.31
CA PHE D 245 -12.94 42.19 33.12
C PHE D 245 -13.87 43.17 33.84
N ALA D 246 -13.35 43.82 34.89
CA ALA D 246 -14.00 44.98 35.50
C ALA D 246 -14.72 45.87 34.50
N LEU D 247 -14.11 46.08 33.34
CA LEU D 247 -14.63 46.99 32.32
C LEU D 247 -16.10 46.74 32.01
N PHE D 248 -16.47 45.47 31.94
CA PHE D 248 -17.86 45.03 31.67
C PHE D 248 -18.75 45.07 32.92
N MET D 249 -18.19 44.65 34.06
CA MET D 249 -18.85 44.72 35.37
C MET D 249 -19.33 46.14 35.71
N ASN D 250 -18.48 47.13 35.43
CA ASN D 250 -18.59 48.45 36.03
C ASN D 250 -19.54 49.37 35.29
N THR D 251 -19.63 50.60 35.79
CA THR D 251 -20.34 51.69 35.12
C THR D 251 -19.50 52.95 35.07
N TYR D 252 -19.81 53.84 34.12
CA TYR D 252 -19.01 55.07 33.91
C TYR D 252 -19.90 56.22 33.53
N MET D 253 -19.48 57.42 33.95
CA MET D 253 -20.26 58.64 33.67
C MET D 253 -20.05 59.00 32.22
N TYR D 254 -21.09 58.77 31.41
CA TYR D 254 -21.01 58.99 29.95
C TYR D 254 -21.78 60.24 29.55
N LYS D 255 -23.08 60.23 29.80
CA LYS D 255 -23.92 61.36 29.40
C LYS D 255 -24.79 61.81 30.53
N LYS D 256 -24.17 62.16 31.65
CA LYS D 256 -24.87 62.47 32.88
C LYS D 256 -25.48 61.23 33.47
N LYS D 257 -25.46 60.15 32.70
CA LYS D 257 -25.96 58.85 33.10
C LYS D 257 -24.75 57.96 33.45
N GLN D 258 -24.87 57.27 34.59
CA GLN D 258 -23.97 56.19 34.97
C GLN D 258 -24.36 55.02 34.13
N MET D 259 -23.59 54.67 33.12
CA MET D 259 -23.99 53.58 32.23
C MET D 259 -22.97 52.44 32.20
N PHE D 260 -23.46 51.25 31.84
CA PHE D 260 -22.59 50.13 31.55
C PHE D 260 -21.81 50.36 30.25
N LEU D 261 -20.70 49.66 30.12
CA LEU D 261 -19.76 49.96 29.06
C LEU D 261 -20.26 49.62 27.66
N THR D 262 -20.71 48.39 27.39
CA THR D 262 -21.15 48.06 26.01
C THR D 262 -22.31 48.96 25.55
N ASN D 263 -23.19 49.32 26.48
CA ASN D 263 -24.30 50.23 26.16
C ASN D 263 -23.78 51.61 25.83
N ILE D 264 -22.70 52.03 26.49
CA ILE D 264 -22.04 53.30 26.15
C ILE D 264 -21.57 53.27 24.68
N ALA D 265 -20.75 52.27 24.37
CA ALA D 265 -20.15 52.13 23.06
C ALA D 265 -21.19 52.01 21.94
N THR D 266 -22.32 51.40 22.26
CA THR D 266 -23.43 51.35 21.34
C THR D 266 -23.82 52.76 20.94
N ASP D 267 -24.29 53.54 21.92
CA ASP D 267 -24.79 54.92 21.73
C ASP D 267 -23.65 55.74 21.18
N TYR D 268 -22.46 55.55 21.74
CA TYR D 268 -21.30 56.32 21.31
C TYR D 268 -21.05 56.13 19.82
N THR D 269 -20.85 54.91 19.42
CA THR D 269 -20.57 54.62 18.06
C THR D 269 -21.62 55.28 17.14
N LYS D 270 -22.87 54.92 17.42
CA LYS D 270 -24.01 55.31 16.55
C LYS D 270 -23.94 56.79 16.28
N HIS D 271 -23.84 57.57 17.36
CA HIS D 271 -23.92 59.04 17.27
C HIS D 271 -22.67 59.67 16.60
N VAL D 272 -21.55 58.94 16.59
CA VAL D 272 -20.35 59.29 15.79
C VAL D 272 -20.64 59.13 14.32
N VAL D 273 -21.11 57.94 13.95
CA VAL D 273 -21.43 57.68 12.57
C VAL D 273 -22.43 58.70 12.05
N LYS D 274 -23.45 58.93 12.85
CA LYS D 274 -24.50 59.84 12.45
C LYS D 274 -23.89 61.18 12.00
N VAL D 275 -22.88 61.64 12.74
CA VAL D 275 -22.22 62.91 12.43
C VAL D 275 -21.47 62.82 11.11
N LEU D 276 -20.82 61.68 10.88
CA LEU D 276 -20.06 61.47 9.67
C LEU D 276 -20.93 61.46 8.40
N ASN D 277 -22.15 60.97 8.55
CA ASN D 277 -23.15 61.04 7.48
C ASN D 277 -23.81 62.37 7.48
N GLN D 278 -23.49 63.16 8.51
CA GLN D 278 -23.94 64.55 8.66
C GLN D 278 -25.44 64.60 9.07
N GLU D 279 -25.92 63.51 9.66
CA GLU D 279 -27.29 63.42 10.12
C GLU D 279 -27.43 64.13 11.45
N GLU D 280 -26.30 64.48 12.05
CA GLU D 280 -26.30 65.44 13.16
C GLU D 280 -24.91 66.06 13.33
N GLU D 281 -24.85 67.19 14.01
CA GLU D 281 -23.61 67.54 14.71
C GLU D 281 -23.74 67.34 16.26
N GLY D 282 -22.64 67.57 16.97
CA GLY D 282 -22.54 67.20 18.36
C GLY D 282 -21.95 65.80 18.34
N VAL D 283 -20.63 65.71 18.33
CA VAL D 283 -19.96 64.43 18.49
C VAL D 283 -20.15 64.00 19.96
N PRO D 284 -20.21 62.71 20.24
CA PRO D 284 -20.27 62.29 21.63
C PRO D 284 -18.96 62.46 22.29
N GLU D 285 -19.03 62.67 23.60
CA GLU D 285 -17.84 62.86 24.43
C GLU D 285 -17.79 61.84 25.55
N PHE D 286 -16.60 61.36 25.83
CA PHE D 286 -16.46 60.41 26.90
C PHE D 286 -15.32 60.86 27.79
N GLY D 287 -15.65 61.02 29.06
CA GLY D 287 -14.70 61.49 30.04
C GLY D 287 -14.52 60.43 31.11
N ILE D 288 -13.28 60.09 31.38
CA ILE D 288 -12.98 59.22 32.50
C ILE D 288 -13.12 59.99 33.81
N ARG E 4 -7.47 11.77 -11.56
CA ARG E 4 -6.19 12.29 -10.94
C ARG E 4 -6.03 12.11 -9.45
N TYR E 5 -7.04 11.54 -8.77
CA TYR E 5 -7.03 11.48 -7.32
C TYR E 5 -6.00 10.44 -6.83
N MET E 6 -5.53 10.60 -5.60
CA MET E 6 -4.42 9.81 -5.09
C MET E 6 -4.69 9.51 -3.63
N ARG E 7 -4.05 8.49 -3.07
CA ARG E 7 -4.33 8.08 -1.69
C ARG E 7 -3.08 7.73 -0.95
N LEU E 8 -2.79 8.47 0.13
CA LEU E 8 -1.62 8.16 0.96
C LEU E 8 -2.00 7.16 2.06
N LEU E 9 -1.06 6.23 2.35
CA LEU E 9 -1.28 5.15 3.30
C LEU E 9 -0.17 5.06 4.32
N LEU E 10 -0.57 5.09 5.58
CA LEU E 10 0.38 5.21 6.61
C LEU E 10 0.17 4.09 7.58
N MET E 11 1.29 3.48 7.94
CA MET E 11 1.31 2.29 8.79
C MET E 11 2.29 2.58 9.91
N PHE E 12 1.93 2.26 11.16
CA PHE E 12 2.90 2.44 12.25
C PHE E 12 2.98 1.38 13.31
N ASP E 13 4.16 1.35 13.92
CA ASP E 13 4.54 0.43 14.99
C ASP E 13 5.44 1.21 15.92
N MET E 14 4.81 1.75 16.97
CA MET E 14 5.43 2.77 17.79
C MET E 14 5.46 2.33 19.21
N PRO E 15 6.66 2.40 19.81
CA PRO E 15 6.97 1.91 21.15
C PRO E 15 6.15 2.57 22.23
N THR E 16 5.57 1.77 23.11
CA THR E 16 4.78 2.34 24.19
C THR E 16 5.47 2.20 25.53
N ASP E 17 6.76 1.85 25.50
CA ASP E 17 7.49 1.38 26.67
C ASP E 17 7.54 2.43 27.79
N THR E 18 7.85 3.69 27.38
CA THR E 18 8.04 4.83 28.30
C THR E 18 7.02 6.00 28.16
N ALA E 19 6.91 6.76 29.24
CA ALA E 19 6.09 7.97 29.25
C ALA E 19 6.38 8.87 28.07
N SER E 20 7.68 9.16 27.91
CA SER E 20 8.17 9.91 26.78
C SER E 20 7.71 9.22 25.46
N ASP E 21 7.92 7.91 25.35
CA ASP E 21 7.46 7.13 24.17
C ASP E 21 5.97 7.31 23.78
N ARG E 22 5.11 7.29 24.80
CA ARG E 22 3.65 7.38 24.56
C ARG E 22 3.22 8.78 24.17
N LYS E 23 3.81 9.76 24.86
CA LYS E 23 3.44 11.14 24.58
C LYS E 23 3.59 11.39 23.11
N ALA E 24 4.80 11.16 22.59
CA ALA E 24 5.07 11.41 21.17
C ALA E 24 4.22 10.55 20.23
N TYR E 25 3.74 9.40 20.73
CA TYR E 25 2.64 8.66 20.06
C TYR E 25 1.33 9.51 19.97
N ARG E 26 0.73 9.80 21.11
CA ARG E 26 -0.58 10.45 21.09
C ARG E 26 -0.57 11.68 20.23
N LYS E 27 0.48 12.51 20.39
CA LYS E 27 0.70 13.68 19.53
C LYS E 27 0.55 13.25 18.08
N PHE E 28 1.30 12.23 17.70
CA PHE E 28 1.28 11.81 16.33
C PHE E 28 -0.11 11.37 15.81
N ARG E 29 -0.86 10.57 16.58
CA ARG E 29 -2.27 10.21 16.14
C ARG E 29 -3.27 11.40 15.97
N LYS E 30 -3.16 12.34 16.91
CA LYS E 30 -3.88 13.61 16.84
C LYS E 30 -3.50 14.33 15.54
N PHE E 31 -2.19 14.58 15.34
CA PHE E 31 -1.70 15.18 14.11
C PHE E 31 -2.45 14.61 12.92
N LEU E 32 -2.50 13.28 12.87
CA LEU E 32 -3.13 12.55 11.79
C LEU E 32 -4.63 12.83 11.73
N ILE E 33 -5.29 12.67 12.88
CA ILE E 33 -6.70 12.96 12.93
C ILE E 33 -6.91 14.39 12.36
N ASN E 34 -6.17 15.35 12.91
CA ASN E 34 -6.27 16.79 12.49
C ASN E 34 -5.99 17.04 11.00
N GLU E 35 -5.19 16.18 10.42
CA GLU E 35 -4.93 16.24 8.99
C GLU E 35 -5.94 15.47 8.12
N GLY E 36 -7.01 14.95 8.73
CA GLY E 36 -8.13 14.37 7.96
C GLY E 36 -7.88 12.94 7.50
N PHE E 37 -7.04 12.25 8.24
CA PHE E 37 -6.72 10.89 7.92
C PHE E 37 -7.75 9.98 8.44
N ILE E 38 -8.06 8.97 7.63
CA ILE E 38 -8.98 7.94 8.04
C ILE E 38 -8.25 6.72 8.58
N MET E 39 -8.80 6.19 9.68
CA MET E 39 -8.32 4.94 10.27
C MET E 39 -8.94 3.78 9.57
N HIS E 40 -8.12 2.93 8.99
CA HIS E 40 -8.65 1.77 8.24
C HIS E 40 -8.57 0.49 9.04
N GLN E 41 -7.43 0.32 9.70
CA GLN E 41 -7.11 -0.74 10.68
C GLN E 41 -6.27 -0.08 11.80
N PHE E 42 -6.22 -0.79 12.92
CA PHE E 42 -5.57 -0.28 14.10
C PHE E 42 -4.14 0.02 13.65
N SER E 43 -3.60 1.22 13.86
CA SER E 43 -2.18 1.47 13.54
C SER E 43 -1.88 1.56 11.97
N VAL E 44 -2.95 1.86 11.21
CA VAL E 44 -2.92 1.88 9.79
C VAL E 44 -4.00 2.83 9.18
N TYR E 45 -3.57 4.04 8.79
CA TYR E 45 -4.49 5.10 8.39
C TYR E 45 -4.30 5.55 6.92
N SER E 46 -5.42 5.89 6.28
CA SER E 46 -5.40 6.40 4.91
C SER E 46 -5.78 7.89 4.80
N LYS E 47 -4.99 8.66 4.05
CA LYS E 47 -5.35 10.04 3.67
C LYS E 47 -5.64 10.10 2.20
N ILE E 48 -6.81 10.62 1.93
CA ILE E 48 -7.21 10.89 0.57
C ILE E 48 -6.51 12.18 0.10
N LEU E 49 -6.16 12.24 -1.19
CA LEU E 49 -5.51 13.45 -1.80
C LEU E 49 -6.06 13.65 -3.16
N LEU E 50 -5.52 14.64 -3.83
CA LEU E 50 -6.13 15.14 -5.00
C LEU E 50 -5.18 15.42 -6.12
N ASN E 51 -3.89 15.55 -5.80
CA ASN E 51 -2.84 15.94 -6.72
C ASN E 51 -1.54 15.58 -6.06
N ASP E 52 -0.47 15.34 -6.82
CA ASP E 52 0.86 15.16 -6.20
C ASP E 52 1.25 16.40 -5.40
N THR E 53 0.92 17.58 -5.93
CA THR E 53 1.22 18.83 -5.24
C THR E 53 0.54 18.86 -3.85
N ALA E 54 -0.70 18.39 -3.73
CA ALA E 54 -1.32 18.15 -2.41
C ALA E 54 -0.50 17.11 -1.62
N ASN E 55 -0.18 16.00 -2.27
CA ASN E 55 0.67 14.96 -1.72
C ASN E 55 2.04 15.51 -1.24
N LYS E 56 2.81 16.04 -2.18
CA LYS E 56 4.12 16.62 -1.90
C LYS E 56 4.07 17.55 -0.68
N ALA E 57 2.98 18.30 -0.54
CA ALA E 57 2.73 19.15 0.64
C ALA E 57 2.55 18.31 1.86
N MET E 58 1.53 17.48 1.85
CA MET E 58 1.23 16.63 3.01
C MET E 58 2.48 15.87 3.50
N LEU E 59 3.37 15.48 2.55
CA LEU E 59 4.70 14.91 2.88
C LEU E 59 5.47 15.77 3.88
N ALA E 60 5.64 17.04 3.50
CA ALA E 60 6.35 18.02 4.30
C ALA E 60 5.81 18.07 5.73
N ARG E 61 4.48 18.24 5.83
CA ARG E 61 3.80 18.28 7.12
C ARG E 61 4.25 17.12 8.00
N LEU E 62 4.29 15.91 7.43
CA LEU E 62 4.75 14.71 8.17
C LEU E 62 6.21 14.75 8.63
N LYS E 63 7.09 15.16 7.72
CA LYS E 63 8.48 15.40 8.06
C LYS E 63 8.56 16.38 9.25
N GLN E 64 7.74 17.43 9.21
CA GLN E 64 7.70 18.41 10.30
C GLN E 64 7.26 17.81 11.62
N ASN E 65 6.22 16.98 11.64
CA ASN E 65 5.77 16.32 12.91
C ASN E 65 6.20 14.84 13.09
N ASN E 66 7.35 14.49 12.53
CA ASN E 66 7.94 13.17 12.69
C ASN E 66 8.11 12.88 14.18
N PRO E 67 7.49 11.84 14.72
CA PRO E 67 7.72 11.52 16.13
C PRO E 67 9.16 11.10 16.44
N GLN E 68 9.82 10.56 15.42
CA GLN E 68 11.21 10.07 15.50
C GLN E 68 11.32 8.97 16.55
N ARG E 69 10.36 8.04 16.51
CA ARG E 69 10.44 6.78 17.26
C ARG E 69 9.69 5.76 16.47
N GLY E 70 9.89 4.50 16.83
CA GLY E 70 9.21 3.40 16.18
C GLY E 70 9.54 3.19 14.70
N LEU E 71 8.63 2.42 14.07
CA LEU E 71 8.63 2.19 12.65
C LEU E 71 7.40 2.84 12.09
N ILE E 72 7.61 3.72 11.13
CA ILE E 72 6.52 4.40 10.47
C ILE E 72 6.81 4.49 8.99
N THR E 73 5.78 4.22 8.21
CA THR E 73 5.95 3.89 6.81
C THR E 73 4.80 4.47 5.92
N LEU E 74 5.19 4.96 4.75
CA LEU E 74 4.33 5.75 3.91
C LEU E 74 4.35 5.21 2.52
N LEU E 75 3.17 4.93 2.00
CA LEU E 75 3.08 4.39 0.71
C LEU E 75 2.00 5.13 -0.04
N ASN E 76 2.35 5.68 -1.21
CA ASN E 76 1.40 6.37 -2.10
C ASN E 76 0.91 5.44 -3.19
N VAL E 77 -0.39 5.43 -3.40
CA VAL E 77 -1.02 4.79 -4.56
C VAL E 77 -2.17 5.62 -5.14
N THR E 78 -2.90 5.07 -6.10
CA THR E 78 -3.95 5.85 -6.73
C THR E 78 -5.28 5.35 -6.25
N GLU E 79 -6.29 6.21 -6.40
CA GLU E 79 -7.66 5.85 -6.08
C GLU E 79 -8.07 4.64 -6.88
N LYS E 80 -7.72 4.62 -8.16
CA LYS E 80 -8.04 3.47 -9.01
C LYS E 80 -7.44 2.17 -8.40
N GLN E 81 -6.19 2.25 -7.95
CA GLN E 81 -5.53 1.11 -7.33
C GLN E 81 -6.11 0.77 -5.99
N PHE E 82 -6.16 1.76 -5.10
CA PHE E 82 -6.88 1.62 -3.82
C PHE E 82 -8.29 1.03 -3.97
N SER E 83 -9.02 1.40 -5.03
CA SER E 83 -10.36 0.86 -5.32
C SER E 83 -10.38 -0.67 -5.56
N ARG E 84 -9.27 -1.17 -6.12
CA ARG E 84 -9.11 -2.62 -6.41
C ARG E 84 -8.98 -3.47 -5.18
N MET E 85 -8.32 -2.93 -4.13
CA MET E 85 -8.18 -3.63 -2.84
C MET E 85 -9.40 -4.50 -2.45
N ILE E 86 -9.12 -5.77 -2.16
CA ILE E 86 -10.15 -6.77 -1.94
C ILE E 86 -10.31 -7.02 -0.44
N TYR E 87 -11.59 -6.99 -0.01
CA TYR E 87 -11.99 -7.36 1.34
C TYR E 87 -12.18 -8.86 1.35
N LEU E 88 -11.19 -9.55 1.93
CA LEU E 88 -11.32 -10.99 2.15
C LEU E 88 -12.34 -11.31 3.29
N HIS E 89 -12.51 -10.45 4.31
CA HIS E 89 -13.65 -10.58 5.21
C HIS E 89 -13.97 -9.28 5.94
N GLY E 90 -15.23 -9.12 6.34
CA GLY E 90 -15.71 -7.87 6.93
C GLY E 90 -16.05 -6.91 5.81
N GLU E 91 -16.67 -5.78 6.13
CA GLU E 91 -17.20 -4.86 5.10
C GLU E 91 -16.39 -3.57 4.94
N GLN E 92 -16.53 -2.92 3.78
CA GLN E 92 -15.85 -1.64 3.50
C GLN E 92 -16.51 -0.52 4.29
N ASP E 93 -15.74 0.52 4.66
CA ASP E 93 -16.31 1.69 5.38
C ASP E 93 -17.09 2.68 4.45
N ASN E 94 -18.36 2.92 4.79
CA ASN E 94 -19.23 3.78 4.01
C ASN E 94 -18.90 5.27 4.17
N ARG E 95 -18.06 5.59 5.14
CA ARG E 95 -17.83 6.96 5.50
C ARG E 95 -17.45 7.77 4.30
N VAL E 96 -18.07 8.96 4.22
CA VAL E 96 -17.93 9.86 3.09
C VAL E 96 -16.47 10.28 3.01
N ALA E 97 -15.91 10.51 4.19
CA ALA E 97 -14.47 10.72 4.33
C ALA E 97 -13.65 9.81 3.36
N ASN E 98 -14.08 8.54 3.28
CA ASN E 98 -13.43 7.49 2.50
C ASN E 98 -13.88 7.48 1.07
N SER E 99 -14.92 8.20 0.73
CA SER E 99 -15.38 8.28 -0.64
C SER E 99 -14.61 9.29 -1.47
N ASP E 100 -14.96 9.30 -2.75
CA ASP E 100 -14.42 10.25 -3.67
C ASP E 100 -15.48 11.09 -4.33
N GLU E 101 -16.70 10.89 -3.90
CA GLU E 101 -17.82 11.61 -4.49
C GLU E 101 -17.59 13.08 -4.27
N ARG E 102 -17.67 13.84 -5.35
CA ARG E 102 -17.58 15.31 -5.26
C ARG E 102 -18.85 15.91 -4.68
N ILE E 103 -19.98 15.31 -5.00
CA ILE E 103 -21.25 15.58 -4.35
C ILE E 103 -21.34 14.67 -3.15
N VAL E 104 -22.09 15.11 -2.15
CA VAL E 104 -22.42 14.30 -1.01
C VAL E 104 -23.81 14.64 -0.59
N PHE E 105 -24.47 13.68 0.06
CA PHE E 105 -25.78 13.84 0.64
C PHE E 105 -25.75 13.25 2.00
N LEU E 106 -25.83 14.10 3.01
CA LEU E 106 -26.31 13.61 4.30
C LEU E 106 -27.84 13.28 4.15
N GLY E 107 -28.14 12.12 3.50
CA GLY E 107 -29.51 11.69 3.17
C GLY E 107 -30.09 12.38 1.94
N ARG F 4 10.90 -6.23 -12.04
CA ARG F 4 9.63 -6.52 -12.80
C ARG F 4 8.63 -7.50 -12.13
N TYR F 5 8.39 -7.28 -10.84
CA TYR F 5 7.61 -8.15 -9.96
C TYR F 5 6.29 -7.52 -9.56
N MET F 6 5.47 -8.28 -8.84
CA MET F 6 4.43 -7.73 -7.94
C MET F 6 4.69 -7.93 -6.42
N ARG F 7 3.92 -7.22 -5.60
CA ARG F 7 3.97 -7.35 -4.12
C ARG F 7 2.61 -7.28 -3.54
N LEU F 8 2.17 -8.36 -2.92
CA LEU F 8 0.87 -8.34 -2.22
C LEU F 8 1.02 -7.96 -0.78
N LEU F 9 0.00 -7.27 -0.30
CA LEU F 9 0.06 -6.65 0.98
C LEU F 9 -1.21 -6.88 1.78
N LEU F 10 -1.02 -7.46 2.95
CA LEU F 10 -2.15 -7.96 3.71
C LEU F 10 -2.17 -7.36 5.09
N MET F 11 -3.34 -6.83 5.43
CA MET F 11 -3.57 -6.09 6.65
C MET F 11 -4.65 -6.84 7.38
N PHE F 12 -4.53 -7.01 8.68
CA PHE F 12 -5.67 -7.61 9.38
C PHE F 12 -5.94 -7.16 10.79
N ASP F 13 -7.22 -7.31 11.09
CA ASP F 13 -7.83 -6.86 12.31
C ASP F 13 -8.78 -7.97 12.68
N MET F 14 -8.26 -8.86 13.53
CA MET F 14 -8.98 -10.09 13.88
C MET F 14 -9.37 -10.25 15.36
N PRO F 15 -10.66 -10.55 15.59
CA PRO F 15 -11.27 -10.60 16.92
C PRO F 15 -10.64 -11.58 17.85
N THR F 16 -10.28 -11.14 19.04
CA THR F 16 -9.54 -11.99 19.96
C THR F 16 -10.38 -12.58 21.10
N ASP F 17 -11.68 -12.33 21.13
CA ASP F 17 -12.44 -12.49 22.36
C ASP F 17 -12.51 -13.93 22.84
N THR F 18 -12.85 -14.84 21.93
CA THR F 18 -13.07 -16.27 22.27
C THR F 18 -11.97 -17.23 21.87
N ALA F 19 -11.89 -18.32 22.62
CA ALA F 19 -11.13 -19.49 22.23
C ALA F 19 -11.23 -19.82 20.70
N SER F 20 -12.47 -19.92 20.26
CA SER F 20 -12.74 -20.18 18.88
C SER F 20 -12.10 -19.06 17.96
N ASP F 21 -12.25 -17.80 18.38
CA ASP F 21 -11.78 -16.59 17.67
C ASP F 21 -10.27 -16.63 17.49
N ARG F 22 -9.56 -17.05 18.53
CA ARG F 22 -8.09 -17.09 18.50
C ARG F 22 -7.57 -18.27 17.70
N LYS F 23 -8.24 -19.39 17.80
CA LYS F 23 -7.82 -20.56 17.04
C LYS F 23 -7.72 -20.24 15.58
N ALA F 24 -8.79 -19.67 15.04
CA ALA F 24 -8.84 -19.40 13.62
C ALA F 24 -7.83 -18.36 13.25
N TYR F 25 -7.47 -17.51 14.22
CA TYR F 25 -6.37 -16.57 14.06
C TYR F 25 -5.09 -17.33 13.80
N ARG F 26 -4.66 -18.09 14.78
CA ARG F 26 -3.35 -18.68 14.62
C ARG F 26 -3.23 -19.43 13.33
N LYS F 27 -4.26 -20.23 13.07
CA LYS F 27 -4.33 -20.94 11.83
C LYS F 27 -3.87 -20.00 10.71
N PHE F 28 -4.54 -18.86 10.66
CA PHE F 28 -4.32 -17.93 9.59
C PHE F 28 -2.86 -17.43 9.53
N ARG F 29 -2.31 -17.02 10.64
CA ARG F 29 -0.97 -16.50 10.63
C ARG F 29 -0.02 -17.58 10.13
N LYS F 30 -0.25 -18.80 10.59
CA LYS F 30 0.58 -19.93 10.19
C LYS F 30 0.49 -20.09 8.72
N PHE F 31 -0.72 -20.17 8.23
CA PHE F 31 -0.94 -20.20 6.81
C PHE F 31 -0.04 -19.19 6.10
N LEU F 32 -0.06 -17.95 6.58
CA LEU F 32 0.74 -16.87 6.01
C LEU F 32 2.23 -17.13 6.11
N ILE F 33 2.71 -17.44 7.30
CA ILE F 33 4.14 -17.75 7.45
C ILE F 33 4.50 -18.86 6.48
N ASN F 34 3.72 -19.93 6.47
CA ASN F 34 3.99 -21.09 5.60
C ASN F 34 4.00 -20.72 4.13
N GLU F 35 3.20 -19.72 3.76
CA GLU F 35 3.19 -19.22 2.39
C GLU F 35 4.29 -18.16 2.09
N GLY F 36 5.21 -17.96 3.03
CA GLY F 36 6.39 -17.15 2.78
C GLY F 36 6.15 -15.67 2.84
N PHE F 37 5.26 -15.30 3.73
CA PHE F 37 4.93 -13.90 3.88
C PHE F 37 5.83 -13.29 4.90
N ILE F 38 6.22 -12.05 4.62
CA ILE F 38 6.98 -11.26 5.55
C ILE F 38 6.05 -10.43 6.37
N MET F 39 6.26 -10.45 7.67
CA MET F 39 5.57 -9.54 8.59
C MET F 39 6.32 -8.22 8.56
N HIS F 40 5.59 -7.18 8.14
CA HIS F 40 6.18 -5.88 7.93
C HIS F 40 5.79 -4.86 8.98
N GLN F 41 4.60 -5.02 9.52
CA GLN F 41 4.24 -4.53 10.84
C GLN F 41 3.29 -5.51 11.54
N PHE F 42 3.10 -5.26 12.82
CA PHE F 42 2.24 -6.12 13.62
C PHE F 42 0.92 -6.11 12.85
N SER F 43 0.39 -7.29 12.49
CA SER F 43 -0.92 -7.37 11.87
C SER F 43 -0.95 -6.88 10.42
N VAL F 44 0.22 -6.87 9.78
CA VAL F 44 0.41 -6.29 8.41
C VAL F 44 1.57 -6.90 7.64
N TYR F 45 1.25 -7.84 6.75
CA TYR F 45 2.28 -8.71 6.18
C TYR F 45 2.42 -8.55 4.62
N SER F 46 3.66 -8.63 4.11
CA SER F 46 3.96 -8.54 2.64
C SER F 46 4.43 -9.89 2.02
N LYS F 47 3.75 -10.27 0.92
CA LYS F 47 4.20 -11.37 0.07
C LYS F 47 4.78 -10.86 -1.27
N ILE F 48 6.01 -11.29 -1.54
CA ILE F 48 6.61 -11.06 -2.80
C ILE F 48 6.01 -11.97 -3.85
N LEU F 49 5.87 -11.50 -5.08
CA LEU F 49 5.44 -12.35 -6.20
C LEU F 49 6.23 -11.94 -7.48
N LEU F 50 6.10 -12.72 -8.55
CA LEU F 50 6.79 -12.45 -9.83
C LEU F 50 5.85 -12.32 -11.01
N ASN F 51 4.58 -12.70 -10.83
CA ASN F 51 3.66 -12.95 -11.91
C ASN F 51 2.25 -12.69 -11.46
N ASP F 52 1.39 -12.05 -12.26
CA ASP F 52 -0.02 -12.01 -11.88
C ASP F 52 -0.43 -13.47 -11.75
N THR F 53 0.05 -14.32 -12.65
CA THR F 53 -0.23 -15.72 -12.55
C THR F 53 0.14 -16.28 -11.16
N ALA F 54 1.27 -15.88 -10.62
CA ALA F 54 1.63 -16.22 -9.24
C ALA F 54 0.61 -15.62 -8.26
N ASN F 55 0.36 -14.32 -8.47
CA ASN F 55 -0.63 -13.56 -7.70
C ASN F 55 -1.96 -14.29 -7.78
N LYS F 56 -2.53 -14.35 -8.99
CA LYS F 56 -3.85 -14.94 -9.22
C LYS F 56 -4.01 -16.25 -8.41
N ALA F 57 -2.94 -17.05 -8.39
CA ALA F 57 -2.92 -18.28 -7.63
C ALA F 57 -3.00 -18.03 -6.13
N MET F 58 -2.05 -17.27 -5.61
CA MET F 58 -1.99 -16.93 -4.17
C MET F 58 -3.33 -16.39 -3.68
N LEU F 59 -4.01 -15.61 -4.50
CA LEU F 59 -5.36 -15.16 -4.13
C LEU F 59 -6.26 -16.36 -3.77
N ALA F 60 -6.32 -17.30 -4.69
CA ALA F 60 -7.11 -18.48 -4.47
C ALA F 60 -6.78 -19.09 -3.12
N ARG F 61 -5.51 -19.36 -2.89
CA ARG F 61 -5.09 -19.97 -1.64
C ARG F 61 -5.70 -19.27 -0.43
N LEU F 62 -5.71 -17.94 -0.49
CA LEU F 62 -6.29 -17.11 0.58
C LEU F 62 -7.82 -17.28 0.69
N LYS F 63 -8.49 -17.19 -0.45
CA LYS F 63 -9.90 -17.51 -0.49
C LYS F 63 -10.08 -18.88 0.21
N GLN F 64 -9.19 -19.83 -0.10
CA GLN F 64 -9.22 -21.21 0.45
C GLN F 64 -9.09 -21.29 1.98
N ASN F 65 -8.10 -20.63 2.57
CA ASN F 65 -7.98 -20.60 4.03
C ASN F 65 -8.57 -19.31 4.68
N ASN F 66 -9.65 -18.76 4.12
CA ASN F 66 -10.38 -17.58 4.72
C ASN F 66 -10.79 -17.90 6.20
N PRO F 67 -10.32 -17.13 7.17
CA PRO F 67 -10.75 -17.42 8.54
C PRO F 67 -12.21 -17.14 8.74
N GLN F 68 -12.77 -16.26 7.89
CA GLN F 68 -14.14 -15.83 7.95
C GLN F 68 -14.43 -15.17 9.32
N ARG F 69 -13.47 -14.39 9.77
CA ARG F 69 -13.58 -13.58 10.95
C ARG F 69 -12.82 -12.28 10.70
N GLY F 70 -13.16 -11.25 11.44
CA GLY F 70 -12.38 -10.03 11.42
C GLY F 70 -12.45 -9.20 10.14
N LEU F 71 -11.53 -8.26 10.06
CA LEU F 71 -11.39 -7.43 8.89
C LEU F 71 -10.06 -7.78 8.31
N ILE F 72 -10.11 -8.20 7.06
CA ILE F 72 -8.87 -8.61 6.40
C ILE F 72 -8.87 -8.10 4.97
N THR F 73 -7.74 -7.53 4.61
CA THR F 73 -7.66 -6.67 3.49
C THR F 73 -6.43 -6.96 2.61
N LEU F 74 -6.68 -6.92 1.30
CA LEU F 74 -5.64 -7.27 0.35
C LEU F 74 -5.41 -6.16 -0.64
N LEU F 75 -4.16 -5.78 -0.79
CA LEU F 75 -3.86 -4.74 -1.72
C LEU F 75 -2.66 -5.12 -2.48
N ASN F 76 -2.79 -5.12 -3.81
CA ASN F 76 -1.68 -5.38 -4.70
C ASN F 76 -1.07 -4.11 -5.20
N VAL F 77 0.24 -4.10 -5.18
CA VAL F 77 0.99 -3.05 -5.80
C VAL F 77 2.08 -3.66 -6.65
N THR F 78 2.97 -2.84 -7.20
CA THR F 78 4.14 -3.34 -7.95
C THR F 78 5.43 -3.19 -7.11
N GLU F 79 6.44 -3.96 -7.47
CA GLU F 79 7.75 -3.79 -6.87
C GLU F 79 8.23 -2.35 -7.04
N LYS F 80 8.04 -1.79 -8.23
CA LYS F 80 8.51 -0.44 -8.51
C LYS F 80 7.86 0.56 -7.51
N GLN F 81 6.58 0.34 -7.26
CA GLN F 81 5.81 1.18 -6.33
C GLN F 81 6.26 0.90 -4.89
N PHE F 82 6.19 -0.35 -4.51
CA PHE F 82 6.73 -0.74 -3.22
C PHE F 82 8.13 -0.19 -2.91
N SER F 83 9.00 -0.17 -3.91
CA SER F 83 10.36 0.35 -3.73
C SER F 83 10.36 1.82 -3.26
N ARG F 84 9.42 2.60 -3.80
CA ARG F 84 9.37 4.05 -3.54
C ARG F 84 8.76 4.40 -2.18
N MET F 85 8.00 3.48 -1.59
CA MET F 85 7.53 3.64 -0.22
C MET F 85 8.61 4.26 0.61
N ILE F 86 8.24 5.30 1.34
CA ILE F 86 9.16 6.04 2.17
C ILE F 86 9.03 5.63 3.64
N TYR F 87 10.18 5.35 4.27
CA TYR F 87 10.24 5.08 5.70
C TYR F 87 10.35 6.40 6.49
N LEU F 88 9.27 6.78 7.12
CA LEU F 88 9.32 8.01 7.85
C LEU F 88 10.36 7.86 8.90
N HIS F 89 10.35 6.74 9.63
CA HIS F 89 11.38 6.46 10.65
C HIS F 89 11.62 4.96 10.85
N GLY F 90 12.79 4.61 11.39
CA GLY F 90 13.20 3.22 11.52
C GLY F 90 13.83 2.72 10.23
N GLU F 91 14.69 1.71 10.36
CA GLU F 91 15.56 1.26 9.25
C GLU F 91 14.86 0.31 8.32
N GLN F 92 15.39 0.18 7.10
CA GLN F 92 14.74 -0.63 6.07
C GLN F 92 14.74 -2.09 6.46
N ASP F 93 13.79 -2.80 5.86
CA ASP F 93 13.64 -4.22 6.09
C ASP F 93 14.63 -4.99 5.21
N ASN F 94 15.87 -5.09 5.70
CA ASN F 94 17.01 -5.55 4.89
C ASN F 94 17.17 -7.04 4.73
N ARG F 95 16.36 -7.80 5.46
CA ARG F 95 16.27 -9.24 5.26
C ARG F 95 16.15 -9.56 3.78
N VAL F 96 16.87 -10.60 3.37
CA VAL F 96 16.90 -11.01 1.95
C VAL F 96 15.51 -11.46 1.47
N ALA F 97 14.82 -12.10 2.41
CA ALA F 97 13.43 -12.44 2.31
C ALA F 97 12.62 -11.27 1.72
N ASN F 98 12.89 -10.02 2.18
CA ASN F 98 12.18 -8.78 1.71
C ASN F 98 12.74 -8.10 0.45
N SER F 99 13.94 -8.54 0.01
CA SER F 99 14.64 -8.06 -1.24
C SER F 99 14.10 -8.69 -2.50
N ASP F 100 14.52 -8.19 -3.65
CA ASP F 100 14.23 -8.82 -4.95
C ASP F 100 15.51 -9.21 -5.68
N GLU F 101 16.65 -9.09 -5.00
CA GLU F 101 17.93 -9.45 -5.59
C GLU F 101 17.79 -10.92 -5.87
N ARG F 102 18.18 -11.32 -7.07
CA ARG F 102 18.16 -12.73 -7.43
C ARG F 102 19.45 -13.49 -7.10
N ILE F 103 20.50 -12.74 -6.76
CA ILE F 103 21.73 -13.26 -6.08
C ILE F 103 21.70 -12.86 -4.62
N VAL F 104 22.24 -13.70 -3.74
CA VAL F 104 22.13 -13.51 -2.28
C VAL F 104 23.39 -13.97 -1.57
N PHE F 105 23.65 -13.45 -0.37
CA PHE F 105 24.80 -13.87 0.42
C PHE F 105 24.30 -14.25 1.80
#